data_3TDB
# 
_entry.id   3TDB 
# 
_audit_conform.dict_name       mmcif_pdbx.dic 
_audit_conform.dict_version    5.387 
_audit_conform.dict_location   http://mmcif.pdb.org/dictionaries/ascii/mmcif_pdbx.dic 
# 
loop_
_database_2.database_id 
_database_2.database_code 
_database_2.pdbx_database_accession 
_database_2.pdbx_DOI 
PDB   3TDB         pdb_00003tdb 10.2210/pdb3tdb/pdb 
RCSB  RCSB067341   ?            ?                   
WWPDB D_1000067341 ?            ?                   
# 
loop_
_pdbx_audit_revision_history.ordinal 
_pdbx_audit_revision_history.data_content_type 
_pdbx_audit_revision_history.major_revision 
_pdbx_audit_revision_history.minor_revision 
_pdbx_audit_revision_history.revision_date 
1 'Structure model' 1 0 2012-06-27 
2 'Structure model' 1 1 2012-09-05 
3 'Structure model' 1 2 2018-04-04 
4 'Structure model' 1 3 2024-02-28 
# 
_pdbx_audit_revision_details.ordinal             1 
_pdbx_audit_revision_details.revision_ordinal    1 
_pdbx_audit_revision_details.data_content_type   'Structure model' 
_pdbx_audit_revision_details.provider            repository 
_pdbx_audit_revision_details.type                'Initial release' 
_pdbx_audit_revision_details.description         ? 
_pdbx_audit_revision_details.details             ? 
# 
loop_
_pdbx_audit_revision_group.ordinal 
_pdbx_audit_revision_group.revision_ordinal 
_pdbx_audit_revision_group.data_content_type 
_pdbx_audit_revision_group.group 
1 2 'Structure model' 'Database references'  
2 3 'Structure model' 'Data collection'      
3 4 'Structure model' 'Data collection'      
4 4 'Structure model' 'Database references'  
5 4 'Structure model' 'Derived calculations' 
# 
loop_
_pdbx_audit_revision_category.ordinal 
_pdbx_audit_revision_category.revision_ordinal 
_pdbx_audit_revision_category.data_content_type 
_pdbx_audit_revision_category.category 
1 3 'Structure model' diffrn_source      
2 4 'Structure model' chem_comp_atom     
3 4 'Structure model' chem_comp_bond     
4 4 'Structure model' database_2         
5 4 'Structure model' struct_ref_seq_dif 
6 4 'Structure model' struct_site        
# 
loop_
_pdbx_audit_revision_item.ordinal 
_pdbx_audit_revision_item.revision_ordinal 
_pdbx_audit_revision_item.data_content_type 
_pdbx_audit_revision_item.item 
1 3 'Structure model' '_diffrn_source.source'               
2 4 'Structure model' '_database_2.pdbx_DOI'                
3 4 'Structure model' '_database_2.pdbx_database_accession' 
4 4 'Structure model' '_struct_ref_seq_dif.details'         
5 4 'Structure model' '_struct_site.pdbx_auth_asym_id'      
6 4 'Structure model' '_struct_site.pdbx_auth_comp_id'      
7 4 'Structure model' '_struct_site.pdbx_auth_seq_id'       
# 
_pdbx_database_status.entry_id                        3TDB 
_pdbx_database_status.deposit_site                    RCSB 
_pdbx_database_status.process_site                    RCSB 
_pdbx_database_status.recvd_initial_deposition_date   2011-08-10 
_pdbx_database_status.status_code                     REL 
_pdbx_database_status.status_code_sf                  REL 
_pdbx_database_status.status_code_mr                  ? 
_pdbx_database_status.SG_entry                        ? 
_pdbx_database_status.status_code_cs                  ? 
_pdbx_database_status.methods_development_category    ? 
_pdbx_database_status.pdb_format_compatible           Y 
_pdbx_database_status.status_code_nmr_data            ? 
# 
loop_
_pdbx_database_related.db_name 
_pdbx_database_related.db_id 
_pdbx_database_related.details 
_pdbx_database_related.content_type 
PDB 1F8A 'Structural basis for the phosphoserine-proline recognition by group IV WW domains' unspecified 
PDB 1PIN 'Pin1 peptidyl-prolyl cis-trans isomerase from Homo sapiens'                        unspecified 
PDB 2Q5A 'Human Pin1 bound to L-PEPTIDE'                                                     unspecified 
PDB 2ITK 'Human Pin1 bound to D-PEPTIDE'                                                     unspecified 
PDB 3TCZ 'Human Pin1 bound to cis peptidomimetic inhibitor'                                  unspecified 
# 
loop_
_audit_author.name 
_audit_author.pdbx_ordinal 
'Zhang, M.' 1 
'Zhang, Y.' 2 
# 
_citation.id                        primary 
_citation.title                     
'Structural and Kinetic Analysis of Prolyl-isomerization/Phosphorylation Cross-Talk in the CTD Code.' 
_citation.journal_abbrev            'Acs Chem.Biol.' 
_citation.journal_volume            7 
_citation.page_first                1462 
_citation.page_last                 1470 
_citation.year                      2012 
_citation.journal_id_ASTM           ? 
_citation.country                   US 
_citation.journal_id_ISSN           1554-8929 
_citation.journal_id_CSD            ? 
_citation.book_publisher            ? 
_citation.pdbx_database_id_PubMed   22670809 
_citation.pdbx_database_id_DOI      10.1021/cb3000887 
# 
loop_
_citation_author.citation_id 
_citation_author.name 
_citation_author.ordinal 
_citation_author.identifier_ORCID 
primary 'Zhang, M.'       1 ? 
primary 'Wang, X.J.'      2 ? 
primary 'Chen, X.'        3 ? 
primary 'Bowman, M.E.'    4 ? 
primary 'Luo, Y.'         5 ? 
primary 'Noel, J.P.'      6 ? 
primary 'Ellington, A.D.' 7 ? 
primary 'Etzkorn, F.A.'   8 ? 
primary 'Zhang, Y.'       9 ? 
# 
loop_
_entity.id 
_entity.type 
_entity.src_method 
_entity.pdbx_description 
_entity.formula_weight 
_entity.pdbx_number_of_molecules 
_entity.pdbx_ec 
_entity.pdbx_mutation 
_entity.pdbx_fragment 
_entity.details 
1 polymer     man 'Peptidyl-prolyl cis-trans isomerase NIMA-interacting 1' 17609.605 1  5.2.1.8 R14A 'UNP residues 6-163' ? 
2 non-polymer syn 
;N-[(1E,2R)-1-[(2R)-2-{[(2S)-1-amino-5-carbamimidamido-1-oxopentan-2-yl]carbamoyl}cyclopentylidene]-3-(phosphonooxy)propan-2-yl]-L-phenylalaninamide
;
567.575   1  ?       ?    ?                    ? 
3 non-polymer syn '2-{2-[2-(2-{2-[2-(2-ETHOXY-ETHOXY)-ETHOXY]-ETHOXY}-ETHOXY)-ETHOXY]-ETHOXY}-ETHANOL' 354.436   1  ?       ?    ? 
? 
4 water       nat water 18.015    64 ?       ?    ?                    ? 
# 
_entity_name_com.entity_id   1 
_entity_name_com.name        'Peptidyl-prolyl cis-trans isomerase Pin1, PPIase Pin1, Rotamase Pin1' 
# 
_entity_poly.entity_id                      1 
_entity_poly.type                           'polypeptide(L)' 
_entity_poly.nstd_linkage                   no 
_entity_poly.nstd_monomer                   no 
_entity_poly.pdbx_seq_one_letter_code       
;KLPPGWEKAMSRSSGRVYYFNHITNASQWERPSGNSSSGGKNGQGEPARVRCSHLLVKHSQSRRPSSWRQEKITRTKEEA
LELINGYIQKIKSGEEDFESLASQFSDCSSAKARGDLGAFSRGQMQKPFEDASFALRTGEMSGPVFTDSGIHIILRTE
;
_entity_poly.pdbx_seq_one_letter_code_can   
;KLPPGWEKAMSRSSGRVYYFNHITNASQWERPSGNSSSGGKNGQGEPARVRCSHLLVKHSQSRRPSSWRQEKITRTKEEA
LELINGYIQKIKSGEEDFESLASQFSDCSSAKARGDLGAFSRGQMQKPFEDASFALRTGEMSGPVFTDSGIHIILRTE
;
_entity_poly.pdbx_strand_id                 A 
_entity_poly.pdbx_target_identifier         ? 
# 
loop_
_pdbx_entity_nonpoly.entity_id 
_pdbx_entity_nonpoly.name 
_pdbx_entity_nonpoly.comp_id 
2 
;N-[(1E,2R)-1-[(2R)-2-{[(2S)-1-amino-5-carbamimidamido-1-oxopentan-2-yl]carbamoyl}cyclopentylidene]-3-(phosphonooxy)propan-2-yl]-L-phenylalaninamide
;
3TB 
3 '2-{2-[2-(2-{2-[2-(2-ETHOXY-ETHOXY)-ETHOXY]-ETHOXY}-ETHOXY)-ETHOXY]-ETHOXY}-ETHANOL' PE4 
4 water HOH 
# 
loop_
_entity_poly_seq.entity_id 
_entity_poly_seq.num 
_entity_poly_seq.mon_id 
_entity_poly_seq.hetero 
1 1   LYS n 
1 2   LEU n 
1 3   PRO n 
1 4   PRO n 
1 5   GLY n 
1 6   TRP n 
1 7   GLU n 
1 8   LYS n 
1 9   ALA n 
1 10  MET n 
1 11  SER n 
1 12  ARG n 
1 13  SER n 
1 14  SER n 
1 15  GLY n 
1 16  ARG n 
1 17  VAL n 
1 18  TYR n 
1 19  TYR n 
1 20  PHE n 
1 21  ASN n 
1 22  HIS n 
1 23  ILE n 
1 24  THR n 
1 25  ASN n 
1 26  ALA n 
1 27  SER n 
1 28  GLN n 
1 29  TRP n 
1 30  GLU n 
1 31  ARG n 
1 32  PRO n 
1 33  SER n 
1 34  GLY n 
1 35  ASN n 
1 36  SER n 
1 37  SER n 
1 38  SER n 
1 39  GLY n 
1 40  GLY n 
1 41  LYS n 
1 42  ASN n 
1 43  GLY n 
1 44  GLN n 
1 45  GLY n 
1 46  GLU n 
1 47  PRO n 
1 48  ALA n 
1 49  ARG n 
1 50  VAL n 
1 51  ARG n 
1 52  CYS n 
1 53  SER n 
1 54  HIS n 
1 55  LEU n 
1 56  LEU n 
1 57  VAL n 
1 58  LYS n 
1 59  HIS n 
1 60  SER n 
1 61  GLN n 
1 62  SER n 
1 63  ARG n 
1 64  ARG n 
1 65  PRO n 
1 66  SER n 
1 67  SER n 
1 68  TRP n 
1 69  ARG n 
1 70  GLN n 
1 71  GLU n 
1 72  LYS n 
1 73  ILE n 
1 74  THR n 
1 75  ARG n 
1 76  THR n 
1 77  LYS n 
1 78  GLU n 
1 79  GLU n 
1 80  ALA n 
1 81  LEU n 
1 82  GLU n 
1 83  LEU n 
1 84  ILE n 
1 85  ASN n 
1 86  GLY n 
1 87  TYR n 
1 88  ILE n 
1 89  GLN n 
1 90  LYS n 
1 91  ILE n 
1 92  LYS n 
1 93  SER n 
1 94  GLY n 
1 95  GLU n 
1 96  GLU n 
1 97  ASP n 
1 98  PHE n 
1 99  GLU n 
1 100 SER n 
1 101 LEU n 
1 102 ALA n 
1 103 SER n 
1 104 GLN n 
1 105 PHE n 
1 106 SER n 
1 107 ASP n 
1 108 CYS n 
1 109 SER n 
1 110 SER n 
1 111 ALA n 
1 112 LYS n 
1 113 ALA n 
1 114 ARG n 
1 115 GLY n 
1 116 ASP n 
1 117 LEU n 
1 118 GLY n 
1 119 ALA n 
1 120 PHE n 
1 121 SER n 
1 122 ARG n 
1 123 GLY n 
1 124 GLN n 
1 125 MET n 
1 126 GLN n 
1 127 LYS n 
1 128 PRO n 
1 129 PHE n 
1 130 GLU n 
1 131 ASP n 
1 132 ALA n 
1 133 SER n 
1 134 PHE n 
1 135 ALA n 
1 136 LEU n 
1 137 ARG n 
1 138 THR n 
1 139 GLY n 
1 140 GLU n 
1 141 MET n 
1 142 SER n 
1 143 GLY n 
1 144 PRO n 
1 145 VAL n 
1 146 PHE n 
1 147 THR n 
1 148 ASP n 
1 149 SER n 
1 150 GLY n 
1 151 ILE n 
1 152 HIS n 
1 153 ILE n 
1 154 ILE n 
1 155 LEU n 
1 156 ARG n 
1 157 THR n 
1 158 GLU n 
# 
_entity_src_gen.entity_id                          1 
_entity_src_gen.pdbx_src_id                        1 
_entity_src_gen.pdbx_alt_source_flag               sample 
_entity_src_gen.pdbx_seq_type                      ? 
_entity_src_gen.pdbx_beg_seq_num                   ? 
_entity_src_gen.pdbx_end_seq_num                   ? 
_entity_src_gen.gene_src_common_name               human 
_entity_src_gen.gene_src_genus                     ? 
_entity_src_gen.pdbx_gene_src_gene                 PIN1 
_entity_src_gen.gene_src_species                   ? 
_entity_src_gen.gene_src_strain                    ? 
_entity_src_gen.gene_src_tissue                    ? 
_entity_src_gen.gene_src_tissue_fraction           ? 
_entity_src_gen.gene_src_details                   ? 
_entity_src_gen.pdbx_gene_src_fragment             ? 
_entity_src_gen.pdbx_gene_src_scientific_name      'Homo sapiens' 
_entity_src_gen.pdbx_gene_src_ncbi_taxonomy_id     9606 
_entity_src_gen.pdbx_gene_src_variant              ? 
_entity_src_gen.pdbx_gene_src_cell_line            ? 
_entity_src_gen.pdbx_gene_src_atcc                 ? 
_entity_src_gen.pdbx_gene_src_organ                ? 
_entity_src_gen.pdbx_gene_src_organelle            ? 
_entity_src_gen.pdbx_gene_src_cell                 ? 
_entity_src_gen.pdbx_gene_src_cellular_location    ? 
_entity_src_gen.host_org_common_name               ? 
_entity_src_gen.pdbx_host_org_scientific_name      'Escherichia coli' 
_entity_src_gen.pdbx_host_org_ncbi_taxonomy_id     562 
_entity_src_gen.host_org_genus                     ? 
_entity_src_gen.pdbx_host_org_gene                 ? 
_entity_src_gen.pdbx_host_org_organ                ? 
_entity_src_gen.host_org_species                   ? 
_entity_src_gen.pdbx_host_org_tissue               ? 
_entity_src_gen.pdbx_host_org_tissue_fraction      ? 
_entity_src_gen.pdbx_host_org_strain               ? 
_entity_src_gen.pdbx_host_org_variant              ? 
_entity_src_gen.pdbx_host_org_cell_line            ? 
_entity_src_gen.pdbx_host_org_atcc                 ? 
_entity_src_gen.pdbx_host_org_culture_collection   ? 
_entity_src_gen.pdbx_host_org_cell                 ? 
_entity_src_gen.pdbx_host_org_organelle            ? 
_entity_src_gen.pdbx_host_org_cellular_location    ? 
_entity_src_gen.pdbx_host_org_vector_type          ? 
_entity_src_gen.pdbx_host_org_vector               ? 
_entity_src_gen.host_org_details                   ? 
_entity_src_gen.expression_system_id               ? 
_entity_src_gen.plasmid_name                       ? 
_entity_src_gen.plasmid_details                    ? 
_entity_src_gen.pdbx_description                   ? 
# 
loop_
_chem_comp.id 
_chem_comp.type 
_chem_comp.mon_nstd_flag 
_chem_comp.name 
_chem_comp.pdbx_synonyms 
_chem_comp.formula 
_chem_comp.formula_weight 
3TB non-polymer         . 
;N-[(1E,2R)-1-[(2R)-2-{[(2S)-1-amino-5-carbamimidamido-1-oxopentan-2-yl]carbamoyl}cyclopentylidene]-3-(phosphonooxy)propan-2-yl]-L-phenylalaninamide
;
?                             'C24 H38 N7 O7 P' 567.575 
ALA 'L-peptide linking' y ALANINE ?                             'C3 H7 N O2'      89.093  
ARG 'L-peptide linking' y ARGININE ?                             'C6 H15 N4 O2 1'  175.209 
ASN 'L-peptide linking' y ASPARAGINE ?                             'C4 H8 N2 O3'     132.118 
ASP 'L-peptide linking' y 'ASPARTIC ACID' ?                             'C4 H7 N O4'      133.103 
CYS 'L-peptide linking' y CYSTEINE ?                             'C3 H7 N O2 S'    121.158 
GLN 'L-peptide linking' y GLUTAMINE ?                             'C5 H10 N2 O3'    146.144 
GLU 'L-peptide linking' y 'GLUTAMIC ACID' ?                             'C5 H9 N O4'      147.129 
GLY 'peptide linking'   y GLYCINE ?                             'C2 H5 N O2'      75.067  
HIS 'L-peptide linking' y HISTIDINE ?                             'C6 H10 N3 O2 1'  156.162 
HOH non-polymer         . WATER ?                             'H2 O'            18.015  
ILE 'L-peptide linking' y ISOLEUCINE ?                             'C6 H13 N O2'     131.173 
LEU 'L-peptide linking' y LEUCINE ?                             'C6 H13 N O2'     131.173 
LYS 'L-peptide linking' y LYSINE ?                             'C6 H15 N2 O2 1'  147.195 
MET 'L-peptide linking' y METHIONINE ?                             'C5 H11 N O2 S'   149.211 
PE4 non-polymer         . '2-{2-[2-(2-{2-[2-(2-ETHOXY-ETHOXY)-ETHOXY]-ETHOXY}-ETHOXY)-ETHOXY]-ETHOXY}-ETHANOL' 
'POLYETHYLENE GLYCOL PEG4000' 'C16 H34 O8'      354.436 
PHE 'L-peptide linking' y PHENYLALANINE ?                             'C9 H11 N O2'     165.189 
PRO 'L-peptide linking' y PROLINE ?                             'C5 H9 N O2'      115.130 
SER 'L-peptide linking' y SERINE ?                             'C3 H7 N O3'      105.093 
THR 'L-peptide linking' y THREONINE ?                             'C4 H9 N O3'      119.119 
TRP 'L-peptide linking' y TRYPTOPHAN ?                             'C11 H12 N2 O2'   204.225 
TYR 'L-peptide linking' y TYROSINE ?                             'C9 H11 N O3'     181.189 
VAL 'L-peptide linking' y VALINE ?                             'C5 H11 N O2'     117.146 
# 
loop_
_pdbx_poly_seq_scheme.asym_id 
_pdbx_poly_seq_scheme.entity_id 
_pdbx_poly_seq_scheme.seq_id 
_pdbx_poly_seq_scheme.mon_id 
_pdbx_poly_seq_scheme.ndb_seq_num 
_pdbx_poly_seq_scheme.pdb_seq_num 
_pdbx_poly_seq_scheme.auth_seq_num 
_pdbx_poly_seq_scheme.pdb_mon_id 
_pdbx_poly_seq_scheme.auth_mon_id 
_pdbx_poly_seq_scheme.pdb_strand_id 
_pdbx_poly_seq_scheme.pdb_ins_code 
_pdbx_poly_seq_scheme.hetero 
A 1 1   LYS 1   6   6   LYS LYS A . n 
A 1 2   LEU 2   7   7   LEU LEU A . n 
A 1 3   PRO 3   8   8   PRO PRO A . n 
A 1 4   PRO 4   9   9   PRO PRO A . n 
A 1 5   GLY 5   10  10  GLY GLY A . n 
A 1 6   TRP 6   11  11  TRP TRP A . n 
A 1 7   GLU 7   12  12  GLU GLU A . n 
A 1 8   LYS 8   13  13  LYS LYS A . n 
A 1 9   ALA 9   14  14  ALA ALA A . n 
A 1 10  MET 10  15  15  MET MET A . n 
A 1 11  SER 11  16  16  SER SER A . n 
A 1 12  ARG 12  17  17  ARG ARG A . n 
A 1 13  SER 13  18  18  SER SER A . n 
A 1 14  SER 14  19  19  SER SER A . n 
A 1 15  GLY 15  20  20  GLY GLY A . n 
A 1 16  ARG 16  21  21  ARG ARG A . n 
A 1 17  VAL 17  22  22  VAL VAL A . n 
A 1 18  TYR 18  23  23  TYR TYR A . n 
A 1 19  TYR 19  24  24  TYR TYR A . n 
A 1 20  PHE 20  25  25  PHE PHE A . n 
A 1 21  ASN 21  26  26  ASN ASN A . n 
A 1 22  HIS 22  27  27  HIS HIS A . n 
A 1 23  ILE 23  28  28  ILE ILE A . n 
A 1 24  THR 24  29  29  THR THR A . n 
A 1 25  ASN 25  30  30  ASN ASN A . n 
A 1 26  ALA 26  31  31  ALA ALA A . n 
A 1 27  SER 27  32  32  SER SER A . n 
A 1 28  GLN 28  33  33  GLN GLN A . n 
A 1 29  TRP 29  34  34  TRP TRP A . n 
A 1 30  GLU 30  35  35  GLU GLU A . n 
A 1 31  ARG 31  36  36  ARG ARG A . n 
A 1 32  PRO 32  37  37  PRO PRO A . n 
A 1 33  SER 33  38  38  SER SER A . n 
A 1 34  GLY 34  39  ?   ?   ?   A . n 
A 1 35  ASN 35  40  ?   ?   ?   A . n 
A 1 36  SER 36  41  ?   ?   ?   A . n 
A 1 37  SER 37  42  ?   ?   ?   A . n 
A 1 38  SER 38  43  ?   ?   ?   A . n 
A 1 39  GLY 39  44  ?   ?   ?   A . n 
A 1 40  GLY 40  45  ?   ?   ?   A . n 
A 1 41  LYS 41  46  ?   ?   ?   A . n 
A 1 42  ASN 42  47  ?   ?   ?   A . n 
A 1 43  GLY 43  48  ?   ?   ?   A . n 
A 1 44  GLN 44  49  ?   ?   ?   A . n 
A 1 45  GLY 45  50  ?   ?   ?   A . n 
A 1 46  GLU 46  51  51  GLU GLU A . n 
A 1 47  PRO 47  52  52  PRO PRO A . n 
A 1 48  ALA 48  53  53  ALA ALA A . n 
A 1 49  ARG 49  54  54  ARG ARG A . n 
A 1 50  VAL 50  55  55  VAL VAL A . n 
A 1 51  ARG 51  56  56  ARG ARG A . n 
A 1 52  CYS 52  57  57  CYS CYS A . n 
A 1 53  SER 53  58  58  SER SER A . n 
A 1 54  HIS 54  59  59  HIS HIS A . n 
A 1 55  LEU 55  60  60  LEU LEU A . n 
A 1 56  LEU 56  61  61  LEU LEU A . n 
A 1 57  VAL 57  62  62  VAL VAL A . n 
A 1 58  LYS 58  63  63  LYS LYS A . n 
A 1 59  HIS 59  64  64  HIS HIS A . n 
A 1 60  SER 60  65  65  SER SER A . n 
A 1 61  GLN 61  66  66  GLN GLN A . n 
A 1 62  SER 62  67  67  SER SER A . n 
A 1 63  ARG 63  68  68  ARG ARG A . n 
A 1 64  ARG 64  69  69  ARG ARG A . n 
A 1 65  PRO 65  70  70  PRO PRO A . n 
A 1 66  SER 66  71  71  SER SER A . n 
A 1 67  SER 67  72  72  SER SER A . n 
A 1 68  TRP 68  73  73  TRP TRP A . n 
A 1 69  ARG 69  74  74  ARG ARG A . n 
A 1 70  GLN 70  75  75  GLN GLN A . n 
A 1 71  GLU 71  76  76  GLU GLU A . n 
A 1 72  LYS 72  77  77  LYS LYS A . n 
A 1 73  ILE 73  78  78  ILE ILE A . n 
A 1 74  THR 74  79  79  THR THR A . n 
A 1 75  ARG 75  80  80  ARG ARG A . n 
A 1 76  THR 76  81  81  THR THR A . n 
A 1 77  LYS 77  82  82  LYS LYS A . n 
A 1 78  GLU 78  83  83  GLU GLU A . n 
A 1 79  GLU 79  84  84  GLU GLU A . n 
A 1 80  ALA 80  85  85  ALA ALA A . n 
A 1 81  LEU 81  86  86  LEU LEU A . n 
A 1 82  GLU 82  87  87  GLU GLU A . n 
A 1 83  LEU 83  88  88  LEU LEU A . n 
A 1 84  ILE 84  89  89  ILE ILE A . n 
A 1 85  ASN 85  90  90  ASN ASN A . n 
A 1 86  GLY 86  91  91  GLY GLY A . n 
A 1 87  TYR 87  92  92  TYR TYR A . n 
A 1 88  ILE 88  93  93  ILE ILE A . n 
A 1 89  GLN 89  94  94  GLN GLN A . n 
A 1 90  LYS 90  95  95  LYS LYS A . n 
A 1 91  ILE 91  96  96  ILE ILE A . n 
A 1 92  LYS 92  97  97  LYS LYS A . n 
A 1 93  SER 93  98  98  SER SER A . n 
A 1 94  GLY 94  99  99  GLY GLY A . n 
A 1 95  GLU 95  100 100 GLU GLU A . n 
A 1 96  GLU 96  101 101 GLU GLU A . n 
A 1 97  ASP 97  102 102 ASP ASP A . n 
A 1 98  PHE 98  103 103 PHE PHE A . n 
A 1 99  GLU 99  104 104 GLU GLU A . n 
A 1 100 SER 100 105 105 SER SER A . n 
A 1 101 LEU 101 106 106 LEU LEU A . n 
A 1 102 ALA 102 107 107 ALA ALA A . n 
A 1 103 SER 103 108 108 SER SER A . n 
A 1 104 GLN 104 109 109 GLN GLN A . n 
A 1 105 PHE 105 110 110 PHE PHE A . n 
A 1 106 SER 106 111 111 SER SER A . n 
A 1 107 ASP 107 112 112 ASP ASP A . n 
A 1 108 CYS 108 113 113 CYS CYS A . n 
A 1 109 SER 109 114 114 SER SER A . n 
A 1 110 SER 110 115 115 SER SER A . n 
A 1 111 ALA 111 116 116 ALA ALA A . n 
A 1 112 LYS 112 117 117 LYS LYS A . n 
A 1 113 ALA 113 118 118 ALA ALA A . n 
A 1 114 ARG 114 119 119 ARG ARG A . n 
A 1 115 GLY 115 120 120 GLY GLY A . n 
A 1 116 ASP 116 121 121 ASP ASP A . n 
A 1 117 LEU 117 122 122 LEU LEU A . n 
A 1 118 GLY 118 123 123 GLY GLY A . n 
A 1 119 ALA 119 124 124 ALA ALA A . n 
A 1 120 PHE 120 125 125 PHE PHE A . n 
A 1 121 SER 121 126 126 SER SER A . n 
A 1 122 ARG 122 127 127 ARG ARG A . n 
A 1 123 GLY 123 128 128 GLY GLY A . n 
A 1 124 GLN 124 129 129 GLN GLN A . n 
A 1 125 MET 125 130 130 MET MET A . n 
A 1 126 GLN 126 131 131 GLN GLN A . n 
A 1 127 LYS 127 132 132 LYS LYS A . n 
A 1 128 PRO 128 133 133 PRO PRO A . n 
A 1 129 PHE 129 134 134 PHE PHE A . n 
A 1 130 GLU 130 135 135 GLU GLU A . n 
A 1 131 ASP 131 136 136 ASP ASP A . n 
A 1 132 ALA 132 137 137 ALA ALA A . n 
A 1 133 SER 133 138 138 SER SER A . n 
A 1 134 PHE 134 139 139 PHE PHE A . n 
A 1 135 ALA 135 140 140 ALA ALA A . n 
A 1 136 LEU 136 141 141 LEU LEU A . n 
A 1 137 ARG 137 142 142 ARG ARG A . n 
A 1 138 THR 138 143 143 THR THR A . n 
A 1 139 GLY 139 144 144 GLY GLY A . n 
A 1 140 GLU 140 145 145 GLU GLU A . n 
A 1 141 MET 141 146 146 MET MET A . n 
A 1 142 SER 142 147 147 SER SER A . n 
A 1 143 GLY 143 148 148 GLY GLY A . n 
A 1 144 PRO 144 149 149 PRO PRO A . n 
A 1 145 VAL 145 150 150 VAL VAL A . n 
A 1 146 PHE 146 151 151 PHE PHE A . n 
A 1 147 THR 147 152 152 THR THR A . n 
A 1 148 ASP 148 153 153 ASP ASP A . n 
A 1 149 SER 149 154 154 SER SER A . n 
A 1 150 GLY 150 155 155 GLY GLY A . n 
A 1 151 ILE 151 156 156 ILE ILE A . n 
A 1 152 HIS 152 157 157 HIS HIS A . n 
A 1 153 ILE 153 158 158 ILE ILE A . n 
A 1 154 ILE 154 159 159 ILE ILE A . n 
A 1 155 LEU 155 160 160 LEU LEU A . n 
A 1 156 ARG 156 161 161 ARG ARG A . n 
A 1 157 THR 157 162 162 THR THR A . n 
A 1 158 GLU 158 163 163 GLU GLU A . n 
# 
loop_
_pdbx_nonpoly_scheme.asym_id 
_pdbx_nonpoly_scheme.entity_id 
_pdbx_nonpoly_scheme.mon_id 
_pdbx_nonpoly_scheme.ndb_seq_num 
_pdbx_nonpoly_scheme.pdb_seq_num 
_pdbx_nonpoly_scheme.auth_seq_num 
_pdbx_nonpoly_scheme.pdb_mon_id 
_pdbx_nonpoly_scheme.auth_mon_id 
_pdbx_nonpoly_scheme.pdb_strand_id 
_pdbx_nonpoly_scheme.pdb_ins_code 
B 2 3TB 1  1   1   3TB 3TB A . 
C 3 PE4 1  300 300 PE4 PE4 A . 
D 4 HOH 1  2   2   HOH HOH A . 
D 4 HOH 2  3   3   HOH HOH A . 
D 4 HOH 3  4   4   HOH HOH A . 
D 4 HOH 4  5   5   HOH HOH A . 
D 4 HOH 5  164 1   HOH HOH A . 
D 4 HOH 6  165 6   HOH HOH A . 
D 4 HOH 7  166 7   HOH HOH A . 
D 4 HOH 8  167 8   HOH HOH A . 
D 4 HOH 9  168 9   HOH HOH A . 
D 4 HOH 10 169 10  HOH HOH A . 
D 4 HOH 11 170 11  HOH HOH A . 
D 4 HOH 12 171 12  HOH HOH A . 
D 4 HOH 13 172 13  HOH HOH A . 
D 4 HOH 14 173 14  HOH HOH A . 
D 4 HOH 15 174 15  HOH HOH A . 
D 4 HOH 16 175 16  HOH HOH A . 
D 4 HOH 17 176 17  HOH HOH A . 
D 4 HOH 18 177 18  HOH HOH A . 
D 4 HOH 19 178 19  HOH HOH A . 
D 4 HOH 20 179 20  HOH HOH A . 
D 4 HOH 21 180 21  HOH HOH A . 
D 4 HOH 22 181 22  HOH HOH A . 
D 4 HOH 23 182 23  HOH HOH A . 
D 4 HOH 24 183 24  HOH HOH A . 
D 4 HOH 25 184 25  HOH HOH A . 
D 4 HOH 26 185 26  HOH HOH A . 
D 4 HOH 27 186 27  HOH HOH A . 
D 4 HOH 28 187 28  HOH HOH A . 
D 4 HOH 29 188 29  HOH HOH A . 
D 4 HOH 30 189 30  HOH HOH A . 
D 4 HOH 31 190 31  HOH HOH A . 
D 4 HOH 32 191 32  HOH HOH A . 
D 4 HOH 33 192 33  HOH HOH A . 
D 4 HOH 34 193 34  HOH HOH A . 
D 4 HOH 35 194 35  HOH HOH A . 
D 4 HOH 36 195 36  HOH HOH A . 
D 4 HOH 37 196 37  HOH HOH A . 
D 4 HOH 38 197 38  HOH HOH A . 
D 4 HOH 39 198 39  HOH HOH A . 
D 4 HOH 40 199 40  HOH HOH A . 
D 4 HOH 41 200 41  HOH HOH A . 
D 4 HOH 42 201 42  HOH HOH A . 
D 4 HOH 43 202 43  HOH HOH A . 
D 4 HOH 44 203 44  HOH HOH A . 
D 4 HOH 45 204 45  HOH HOH A . 
D 4 HOH 46 205 46  HOH HOH A . 
D 4 HOH 47 206 47  HOH HOH A . 
D 4 HOH 48 207 48  HOH HOH A . 
D 4 HOH 49 208 49  HOH HOH A . 
D 4 HOH 50 209 50  HOH HOH A . 
D 4 HOH 51 210 51  HOH HOH A . 
D 4 HOH 52 211 52  HOH HOH A . 
D 4 HOH 53 212 53  HOH HOH A . 
D 4 HOH 54 213 54  HOH HOH A . 
D 4 HOH 55 214 55  HOH HOH A . 
D 4 HOH 56 215 56  HOH HOH A . 
D 4 HOH 57 216 58  HOH HOH A . 
D 4 HOH 58 217 59  HOH HOH A . 
D 4 HOH 59 218 60  HOH HOH A . 
D 4 HOH 60 219 61  HOH HOH A . 
D 4 HOH 61 220 62  HOH HOH A . 
D 4 HOH 62 221 63  HOH HOH A . 
D 4 HOH 63 222 65  HOH HOH A . 
D 4 HOH 64 223 66  HOH HOH A . 
# 
loop_
_software.pdbx_ordinal 
_software.name 
_software.version 
_software.date 
_software.type 
_software.contact_author 
_software.contact_author_email 
_software.classification 
_software.location 
_software.language 
_software.citation_id 
1 DENZO       .        ?               program 'Zbyszek Otwinowski' hkl@hkl-xray.com            'data reduction'  
http://www.hkl-xray.com/                     ?          ? 
2 SCALA       .        ?               other   'Phil R. Evans'      pre@mrc-lmb.cam.ac.uk       'data scaling'    
http://www.ccp4.ac.uk/dist/html/scala.html   Fortran_77 ? 
3 PHASER      .        ?               program 'Randy J. Read'      cimr-phaser@lists.cam.ac.uk phasing           
http://www-structmed.cimr.cam.ac.uk/phaser/  ?          ? 
4 REFMAC      5.2.0019 ?               program 'Garib N. Murshudov' garib@ysbl.york.ac.uk       refinement        
http://www.ccp4.ac.uk/dist/html/refmac5.html Fortran_77 ? 
5 PDB_EXTRACT 3.10     'June 10, 2010' package PDB                  deposit@deposit.rcsb.org    'data extraction' 
http://sw-tools.pdb.org/apps/PDB_EXTRACT/    C++        ? 
# 
_cell.length_a           69.273 
_cell.length_b           69.273 
_cell.length_c           79.657 
_cell.angle_alpha        90.000 
_cell.angle_beta         90.000 
_cell.angle_gamma        120.000 
_cell.entry_id           3TDB 
_cell.pdbx_unique_axis   ? 
_cell.Z_PDB              6 
_cell.length_a_esd       ? 
_cell.length_b_esd       ? 
_cell.length_c_esd       ? 
_cell.angle_alpha_esd    ? 
_cell.angle_beta_esd     ? 
_cell.angle_gamma_esd    ? 
# 
_symmetry.space_group_name_H-M             'P 31 2 1' 
_symmetry.entry_id                         3TDB 
_symmetry.pdbx_full_space_group_name_H-M   ? 
_symmetry.Int_Tables_number                152 
_symmetry.cell_setting                     ? 
_symmetry.space_group_name_Hall            ? 
# 
_exptl.crystals_number   1 
_exptl.entry_id          3TDB 
_exptl.method            'X-RAY DIFFRACTION' 
# 
_exptl_crystal.id                    1 
_exptl_crystal.density_Matthews      3.13 
_exptl_crystal.density_meas          ? 
_exptl_crystal.density_percent_sol   60.74 
_exptl_crystal.description           ? 
_exptl_crystal.F_000                 ? 
_exptl_crystal.preparation           ? 
# 
_exptl_crystal_grow.crystal_id      1 
_exptl_crystal_grow.method          'VAPOR DIFFUSION, HANGING DROP' 
_exptl_crystal_grow.pH              7.5 
_exptl_crystal_grow.temp            277 
_exptl_crystal_grow.temp_details    ? 
_exptl_crystal_grow.pdbx_details    
'1.9-2.2 M ammonium sulfate, 1% PEG400 at pH 7.5 in 50 mM HEPES buffer, VAPOR DIFFUSION, HANGING DROP, temperature 277K' 
_exptl_crystal_grow.pdbx_pH_range   ? 
# 
_diffrn.id                     1 
_diffrn.ambient_temp           100 
_diffrn.ambient_temp_details   ? 
_diffrn.crystal_id             1 
# 
_diffrn_detector.diffrn_id              1 
_diffrn_detector.detector               'IMAGE PLATE' 
_diffrn_detector.type                   'MACSCIENCE DIP100' 
_diffrn_detector.pdbx_collection_date   2004-04-21 
_diffrn_detector.details                ? 
# 
_diffrn_radiation.diffrn_id                        1 
_diffrn_radiation.wavelength_id                    1 
_diffrn_radiation.pdbx_diffrn_protocol             'SINGLE WAVELENGTH' 
_diffrn_radiation.monochromator                    GRAPHITE 
_diffrn_radiation.pdbx_monochromatic_or_laue_m_l   M 
_diffrn_radiation.pdbx_scattering_type             x-ray 
# 
_diffrn_radiation_wavelength.id           1 
_diffrn_radiation_wavelength.wavelength   1.5418 
_diffrn_radiation_wavelength.wt           1.0 
# 
_diffrn_source.diffrn_id                   1 
_diffrn_source.source                      'ROTATING ANODE' 
_diffrn_source.type                        MACSCIENCE 
_diffrn_source.pdbx_wavelength             ? 
_diffrn_source.pdbx_wavelength_list        1.5418 
_diffrn_source.pdbx_synchrotron_site       ? 
_diffrn_source.pdbx_synchrotron_beamline   ? 
# 
_reflns.entry_id                     3TDB 
_reflns.observed_criterion_sigma_F   -3 
_reflns.observed_criterion_sigma_I   -3 
_reflns.d_resolution_high            2.26 
_reflns.d_resolution_low             50 
_reflns.number_all                   10488 
_reflns.number_obs                   10226 
_reflns.percent_possible_obs         97.5 
_reflns.pdbx_netI_over_sigmaI        ? 
_reflns.B_iso_Wilson_estimate        ? 
_reflns.pdbx_redundancy              ? 
_reflns.R_free_details               ? 
_reflns.limit_h_max                  ? 
_reflns.limit_h_min                  ? 
_reflns.limit_k_max                  ? 
_reflns.limit_k_min                  ? 
_reflns.limit_l_max                  ? 
_reflns.limit_l_min                  ? 
_reflns.observed_criterion_F_max     ? 
_reflns.observed_criterion_F_min     ? 
_reflns.pdbx_chi_squared             ? 
_reflns.pdbx_scaling_rejects         ? 
_reflns.pdbx_Rmerge_I_obs            ? 
_reflns.pdbx_Rsym_value              ? 
_reflns.pdbx_ordinal                 1 
_reflns.pdbx_diffrn_id               1 
# 
_reflns_shell.d_res_high             2.26 
_reflns_shell.d_res_low              2.34 
_reflns_shell.percent_possible_obs   ? 
_reflns_shell.percent_possible_all   85.9 
_reflns_shell.Rmerge_I_obs           ? 
_reflns_shell.meanI_over_sigI_obs    5.4 
_reflns_shell.pdbx_Rsym_value        0.301 
_reflns_shell.pdbx_redundancy        ? 
_reflns_shell.number_unique_all      ? 
_reflns_shell.number_measured_all    ? 
_reflns_shell.number_measured_obs    ? 
_reflns_shell.number_unique_obs      ? 
_reflns_shell.pdbx_chi_squared       ? 
_reflns_shell.pdbx_ordinal           1 
_reflns_shell.pdbx_diffrn_id         1 
# 
_refine.entry_id                                 3TDB 
_refine.ls_d_res_high                            2.26700 
_refine.ls_d_res_low                             47.9500 
_refine.pdbx_ls_sigma_F                          0.000 
_refine.pdbx_data_cutoff_high_absF               ? 
_refine.pdbx_data_cutoff_low_absF                ? 
_refine.ls_percent_reflns_obs                    97.4500 
_refine.ls_number_reflns_obs                     10205 
_refine.ls_number_reflns_all                     10472 
_refine.pdbx_ls_cross_valid_method               THROUGHOUT 
_refine.pdbx_R_Free_selection_details            RANDOM 
_refine.details                                  'HYDROGENS HAVE BEEN ADDED IN THE RIDING POSITIONS' 
_refine.ls_R_factor_obs                          0.2212 
_refine.ls_R_factor_R_work                       0.2168 
_refine.ls_wR_factor_R_work                      ? 
_refine.ls_R_factor_R_free                       0.2561 
_refine.ls_wR_factor_R_free                      ? 
_refine.ls_percent_reflns_R_free                 10.2000 
_refine.ls_number_reflns_R_free                  1037 
_refine.ls_R_factor_R_free_error                 ? 
_refine.B_iso_mean                               29.9775 
_refine.solvent_model_param_bsol                 ? 
_refine.solvent_model_param_ksol                 ? 
_refine.pdbx_isotropic_thermal_model             ? 
_refine.aniso_B[1][1]                            0.8000 
_refine.aniso_B[2][2]                            0.8000 
_refine.aniso_B[3][3]                            -1.2000 
_refine.aniso_B[1][2]                            0.4000 
_refine.aniso_B[1][3]                            0.0000 
_refine.aniso_B[2][3]                            0.0000 
_refine.correlation_coeff_Fo_to_Fc               0.9280 
_refine.correlation_coeff_Fo_to_Fc_free          0.9050 
_refine.overall_SU_R_Cruickshank_DPI             ? 
_refine.overall_SU_R_free                        ? 
_refine.pdbx_overall_ESU_R_Free                  0.2280 
_refine.overall_SU_ML                            0.1500 
_refine.overall_SU_B                             5.9220 
_refine.solvent_model_details                    MASK 
_refine.pdbx_solvent_vdw_probe_radii             1.4000 
_refine.pdbx_solvent_ion_probe_radii             0.8000 
_refine.pdbx_solvent_shrinkage_radii             0.8000 
_refine.ls_number_parameters                     ? 
_refine.ls_number_restraints                     ? 
_refine.pdbx_starting_model                      ? 
_refine.pdbx_method_to_determine_struct          'MOLECULAR REPLACEMENT' 
_refine.pdbx_stereochemistry_target_values       'MAXIMUM LIKELIHOOD' 
_refine.pdbx_stereochem_target_val_spec_case     ? 
_refine.overall_FOM_work_R_set                   ? 
_refine.B_iso_max                                83.230 
_refine.B_iso_min                                15.690 
_refine.pdbx_overall_phase_error                 ? 
_refine.occupancy_max                            1.000 
_refine.occupancy_min                            1.000 
_refine.pdbx_ls_sigma_I                          ? 
_refine.ls_redundancy_reflns_obs                 ? 
_refine.ls_R_factor_R_free_error_details         ? 
_refine.pdbx_data_cutoff_high_rms_absF           ? 
_refine.overall_FOM_free_R_set                   ? 
_refine.ls_R_factor_all                          ? 
_refine.pdbx_diffrn_id                           1 
_refine.pdbx_refine_id                           'X-RAY DIFFRACTION' 
_refine.pdbx_overall_ESU_R                       ? 
_refine.pdbx_TLS_residual_ADP_flag               ? 
_refine.pdbx_overall_SU_R_free_Cruickshank_DPI   ? 
_refine.pdbx_overall_SU_R_Blow_DPI               ? 
_refine.pdbx_overall_SU_R_free_Blow_DPI          ? 
# 
_refine_hist.pdbx_refine_id                   'X-RAY DIFFRACTION' 
_refine_hist.cycle_id                         LAST 
_refine_hist.pdbx_number_atoms_protein        1164 
_refine_hist.pdbx_number_atoms_nucleic_acid   0 
_refine_hist.pdbx_number_atoms_ligand         63 
_refine_hist.number_atoms_solvent             64 
_refine_hist.number_atoms_total               1291 
_refine_hist.d_res_high                       2.26700 
_refine_hist.d_res_low                        47.9500 
# 
loop_
_refine_ls_restr.type 
_refine_ls_restr.number 
_refine_ls_restr.dev_ideal 
_refine_ls_restr.dev_ideal_target 
_refine_ls_restr.weight 
_refine_ls_restr.pdbx_restraint_function 
_refine_ls_restr.pdbx_refine_id 
r_bond_refined_d         1252 0.011  0.021  ? ? 'X-RAY DIFFRACTION' 
r_angle_refined_deg      1671 1.516  1.993  ? ? 'X-RAY DIFFRACTION' 
r_dihedral_angle_1_deg   144  6.274  5.000  ? ? 'X-RAY DIFFRACTION' 
r_dihedral_angle_2_deg   58   31.540 22.586 ? ? 'X-RAY DIFFRACTION' 
r_dihedral_angle_3_deg   215  15.647 15.000 ? ? 'X-RAY DIFFRACTION' 
r_dihedral_angle_4_deg   13   17.339 15.000 ? ? 'X-RAY DIFFRACTION' 
r_chiral_restr           167  0.097  0.200  ? ? 'X-RAY DIFFRACTION' 
r_gen_planes_refined     939  0.004  0.020  ? ? 'X-RAY DIFFRACTION' 
r_nbd_refined            539  0.203  0.200  ? ? 'X-RAY DIFFRACTION' 
r_nbtor_refined          824  0.293  0.200  ? ? 'X-RAY DIFFRACTION' 
r_xyhbond_nbd_refined    87   0.162  0.200  ? ? 'X-RAY DIFFRACTION' 
r_symmetry_vdw_refined   29   0.139  0.200  ? ? 'X-RAY DIFFRACTION' 
r_symmetry_hbond_refined 11   0.205  0.200  ? ? 'X-RAY DIFFRACTION' 
r_mcbond_it              755  0.777  1.500  ? ? 'X-RAY DIFFRACTION' 
r_mcangle_it             1163 1.296  2.000  ? ? 'X-RAY DIFFRACTION' 
r_scbond_it              568  1.859  3.000  ? ? 'X-RAY DIFFRACTION' 
r_scangle_it             508  2.865  4.500  ? ? 'X-RAY DIFFRACTION' 
# 
_refine_ls_shell.d_res_high                       2.2670 
_refine_ls_shell.d_res_low                        2.3250 
_refine_ls_shell.pdbx_total_number_of_bins_used   20 
_refine_ls_shell.percent_reflns_obs               93.1700 
_refine_ls_shell.number_reflns_R_work             618 
_refine_ls_shell.R_factor_all                     ? 
_refine_ls_shell.R_factor_R_work                  0.2630 
_refine_ls_shell.R_factor_R_free                  0.4050 
_refine_ls_shell.percent_reflns_R_free            ? 
_refine_ls_shell.number_reflns_R_free             50 
_refine_ls_shell.R_factor_R_free_error            ? 
_refine_ls_shell.number_reflns_all                668 
_refine_ls_shell.number_reflns_obs                ? 
_refine_ls_shell.redundancy_reflns_obs            ? 
_refine_ls_shell.pdbx_refine_id                   'X-RAY DIFFRACTION' 
# 
_struct.entry_id                  3TDB 
_struct.title                     'Human Pin1 bound to trans peptidomimetic inhibitor' 
_struct.pdbx_model_details        ? 
_struct.pdbx_CASP_flag            ? 
_struct.pdbx_model_type_details   ? 
# 
_struct_keywords.entry_id        3TDB 
_struct_keywords.pdbx_keywords   ISOMERASE/Inhibitor 
_struct_keywords.text            'PPIase domain, WW domain, Peptidyl-prolyl isomerase, ISOMERASE-Inhibitor complex' 
# 
loop_
_struct_asym.id 
_struct_asym.pdbx_blank_PDB_chainid_flag 
_struct_asym.pdbx_modified 
_struct_asym.entity_id 
_struct_asym.details 
A N N 1 ? 
B N N 2 ? 
C N N 3 ? 
D N N 4 ? 
# 
_struct_ref.id                         1 
_struct_ref.db_name                    UNP 
_struct_ref.db_code                    PIN1_HUMAN 
_struct_ref.pdbx_db_accession          Q13526 
_struct_ref.entity_id                  1 
_struct_ref.pdbx_seq_one_letter_code   
;KLPPGWEKRMSRSSGRVYYFNHITNASQWERPSGNSSSGGKNGQGEPARVRCSHLLVKHSQSRRPSSWRQEKITRTKEEA
LELINGYIQKIKSGEEDFESLASQFSDCSSAKARGDLGAFSRGQMQKPFEDASFALRTGEMSGPVFTDSGIHIILRTE
;
_struct_ref.pdbx_align_begin           6 
_struct_ref.pdbx_db_isoform            ? 
# 
_struct_ref_seq.align_id                      1 
_struct_ref_seq.ref_id                        1 
_struct_ref_seq.pdbx_PDB_id_code              3TDB 
_struct_ref_seq.pdbx_strand_id                A 
_struct_ref_seq.seq_align_beg                 1 
_struct_ref_seq.pdbx_seq_align_beg_ins_code   ? 
_struct_ref_seq.seq_align_end                 158 
_struct_ref_seq.pdbx_seq_align_end_ins_code   ? 
_struct_ref_seq.pdbx_db_accession             Q13526 
_struct_ref_seq.db_align_beg                  6 
_struct_ref_seq.pdbx_db_align_beg_ins_code    ? 
_struct_ref_seq.db_align_end                  163 
_struct_ref_seq.pdbx_db_align_end_ins_code    ? 
_struct_ref_seq.pdbx_auth_seq_align_beg       6 
_struct_ref_seq.pdbx_auth_seq_align_end       163 
# 
_struct_ref_seq_dif.align_id                     1 
_struct_ref_seq_dif.pdbx_pdb_id_code             3TDB 
_struct_ref_seq_dif.mon_id                       ALA 
_struct_ref_seq_dif.pdbx_pdb_strand_id           A 
_struct_ref_seq_dif.seq_num                      9 
_struct_ref_seq_dif.pdbx_pdb_ins_code            ? 
_struct_ref_seq_dif.pdbx_seq_db_name             UNP 
_struct_ref_seq_dif.pdbx_seq_db_accession_code   Q13526 
_struct_ref_seq_dif.db_mon_id                    ARG 
_struct_ref_seq_dif.pdbx_seq_db_seq_num          14 
_struct_ref_seq_dif.details                      'engineered mutation' 
_struct_ref_seq_dif.pdbx_auth_seq_num            14 
_struct_ref_seq_dif.pdbx_ordinal                 1 
# 
_pdbx_struct_assembly.id                   1 
_pdbx_struct_assembly.details              author_and_software_defined_assembly 
_pdbx_struct_assembly.method_details       PISA 
_pdbx_struct_assembly.oligomeric_details   monomeric 
_pdbx_struct_assembly.oligomeric_count     1 
# 
_pdbx_struct_assembly_gen.assembly_id       1 
_pdbx_struct_assembly_gen.oper_expression   1 
_pdbx_struct_assembly_gen.asym_id_list      A,B,C,D 
# 
_pdbx_struct_oper_list.id                   1 
_pdbx_struct_oper_list.type                 'identity operation' 
_pdbx_struct_oper_list.name                 1_555 
_pdbx_struct_oper_list.symmetry_operation   x,y,z 
_pdbx_struct_oper_list.matrix[1][1]         1.0000000000 
_pdbx_struct_oper_list.matrix[1][2]         0.0000000000 
_pdbx_struct_oper_list.matrix[1][3]         0.0000000000 
_pdbx_struct_oper_list.vector[1]            0.0000000000 
_pdbx_struct_oper_list.matrix[2][1]         0.0000000000 
_pdbx_struct_oper_list.matrix[2][2]         1.0000000000 
_pdbx_struct_oper_list.matrix[2][3]         0.0000000000 
_pdbx_struct_oper_list.vector[2]            0.0000000000 
_pdbx_struct_oper_list.matrix[3][1]         0.0000000000 
_pdbx_struct_oper_list.matrix[3][2]         0.0000000000 
_pdbx_struct_oper_list.matrix[3][3]         1.0000000000 
_pdbx_struct_oper_list.vector[3]            0.0000000000 
# 
loop_
_struct_conf.conf_type_id 
_struct_conf.id 
_struct_conf.pdbx_PDB_helix_id 
_struct_conf.beg_label_comp_id 
_struct_conf.beg_label_asym_id 
_struct_conf.beg_label_seq_id 
_struct_conf.pdbx_beg_PDB_ins_code 
_struct_conf.end_label_comp_id 
_struct_conf.end_label_asym_id 
_struct_conf.end_label_seq_id 
_struct_conf.pdbx_end_PDB_ins_code 
_struct_conf.beg_auth_comp_id 
_struct_conf.beg_auth_asym_id 
_struct_conf.beg_auth_seq_id 
_struct_conf.end_auth_comp_id 
_struct_conf.end_auth_asym_id 
_struct_conf.end_auth_seq_id 
_struct_conf.pdbx_PDB_helix_class 
_struct_conf.details 
_struct_conf.pdbx_PDB_helix_length 
HELX_P HELX_P1 1 THR A 76  ? SER A 93  ? THR A 81  SER A 98  1 ? 18 
HELX_P HELX_P2 2 ASP A 97  ? SER A 106 ? ASP A 102 SER A 111 1 ? 10 
HELX_P HELX_P3 3 CYS A 108 ? ARG A 114 ? CYS A 113 ARG A 119 5 ? 7  
HELX_P HELX_P4 4 GLN A 126 ? LEU A 136 ? GLN A 131 LEU A 141 1 ? 11 
# 
_struct_conf_type.id          HELX_P 
_struct_conf_type.criteria    ? 
_struct_conf_type.reference   ? 
# 
loop_
_struct_sheet.id 
_struct_sheet.type 
_struct_sheet.number_strands 
_struct_sheet.details 
A ? 3 ? 
B ? 4 ? 
# 
loop_
_struct_sheet_order.sheet_id 
_struct_sheet_order.range_id_1 
_struct_sheet_order.range_id_2 
_struct_sheet_order.offset 
_struct_sheet_order.sense 
A 1 2 ? anti-parallel 
A 2 3 ? anti-parallel 
B 1 2 ? anti-parallel 
B 2 3 ? anti-parallel 
B 3 4 ? anti-parallel 
# 
loop_
_struct_sheet_range.sheet_id 
_struct_sheet_range.id 
_struct_sheet_range.beg_label_comp_id 
_struct_sheet_range.beg_label_asym_id 
_struct_sheet_range.beg_label_seq_id 
_struct_sheet_range.pdbx_beg_PDB_ins_code 
_struct_sheet_range.end_label_comp_id 
_struct_sheet_range.end_label_asym_id 
_struct_sheet_range.end_label_seq_id 
_struct_sheet_range.pdbx_end_PDB_ins_code 
_struct_sheet_range.beg_auth_comp_id 
_struct_sheet_range.beg_auth_asym_id 
_struct_sheet_range.beg_auth_seq_id 
_struct_sheet_range.end_auth_comp_id 
_struct_sheet_range.end_auth_asym_id 
_struct_sheet_range.end_auth_seq_id 
A 1 TRP A 6   ? MET A 10  ? TRP A 11  MET A 15  
A 2 VAL A 17  ? ASN A 21  ? VAL A 22  ASN A 26  
A 3 SER A 27  ? GLN A 28  ? SER A 32  GLN A 33  
B 1 ASP A 116 ? PHE A 120 ? ASP A 121 PHE A 125 
B 2 VAL A 50  ? VAL A 57  ? VAL A 55  VAL A 62  
B 3 ILE A 151 ? ARG A 156 ? ILE A 156 ARG A 161 
B 4 VAL A 145 ? PHE A 146 ? VAL A 150 PHE A 151 
# 
loop_
_pdbx_struct_sheet_hbond.sheet_id 
_pdbx_struct_sheet_hbond.range_id_1 
_pdbx_struct_sheet_hbond.range_id_2 
_pdbx_struct_sheet_hbond.range_1_label_atom_id 
_pdbx_struct_sheet_hbond.range_1_label_comp_id 
_pdbx_struct_sheet_hbond.range_1_label_asym_id 
_pdbx_struct_sheet_hbond.range_1_label_seq_id 
_pdbx_struct_sheet_hbond.range_1_PDB_ins_code 
_pdbx_struct_sheet_hbond.range_1_auth_atom_id 
_pdbx_struct_sheet_hbond.range_1_auth_comp_id 
_pdbx_struct_sheet_hbond.range_1_auth_asym_id 
_pdbx_struct_sheet_hbond.range_1_auth_seq_id 
_pdbx_struct_sheet_hbond.range_2_label_atom_id 
_pdbx_struct_sheet_hbond.range_2_label_comp_id 
_pdbx_struct_sheet_hbond.range_2_label_asym_id 
_pdbx_struct_sheet_hbond.range_2_label_seq_id 
_pdbx_struct_sheet_hbond.range_2_PDB_ins_code 
_pdbx_struct_sheet_hbond.range_2_auth_atom_id 
_pdbx_struct_sheet_hbond.range_2_auth_comp_id 
_pdbx_struct_sheet_hbond.range_2_auth_asym_id 
_pdbx_struct_sheet_hbond.range_2_auth_seq_id 
A 1 2 N ALA A 9   ? N ALA A 14  O TYR A 18  ? O TYR A 23  
A 2 3 N TYR A 19  ? N TYR A 24  O GLN A 28  ? O GLN A 33  
B 1 2 O LEU A 117 ? O LEU A 122 N CYS A 52  ? N CYS A 57  
B 2 3 N SER A 53  ? N SER A 58  O LEU A 155 ? O LEU A 160 
B 3 4 O HIS A 152 ? O HIS A 157 N VAL A 145 ? N VAL A 150 
# 
loop_
_struct_site.id 
_struct_site.pdbx_evidence_code 
_struct_site.pdbx_auth_asym_id 
_struct_site.pdbx_auth_comp_id 
_struct_site.pdbx_auth_seq_id 
_struct_site.pdbx_auth_ins_code 
_struct_site.pdbx_num_residues 
_struct_site.details 
AC1 Software A 3TB 1   ? 11 'BINDING SITE FOR RESIDUE 3TB A 1'   
AC2 Software A PE4 300 ? 13 'BINDING SITE FOR RESIDUE PE4 A 300' 
# 
loop_
_struct_site_gen.id 
_struct_site_gen.site_id 
_struct_site_gen.pdbx_num_res 
_struct_site_gen.label_comp_id 
_struct_site_gen.label_asym_id 
_struct_site_gen.label_seq_id 
_struct_site_gen.pdbx_auth_ins_code 
_struct_site_gen.auth_comp_id 
_struct_site_gen.auth_asym_id 
_struct_site_gen.auth_seq_id 
_struct_site_gen.label_atom_id 
_struct_site_gen.label_alt_id 
_struct_site_gen.symmetry 
_struct_site_gen.details 
1  AC1 11 LYS A 58  ? LYS A 63  . ? 1_555 ? 
2  AC1 11 ARG A 63  ? ARG A 68  . ? 1_555 ? 
3  AC1 11 ARG A 64  ? ARG A 69  . ? 1_555 ? 
4  AC1 11 CYS A 108 ? CYS A 113 . ? 1_555 ? 
5  AC1 11 GLN A 124 ? GLN A 129 . ? 1_555 ? 
6  AC1 11 MET A 125 ? MET A 130 . ? 1_555 ? 
7  AC1 11 GLN A 126 ? GLN A 131 . ? 1_555 ? 
8  AC1 11 PHE A 129 ? PHE A 134 . ? 1_555 ? 
9  AC1 11 SER A 149 ? SER A 154 . ? 1_555 ? 
10 AC1 11 HIS A 152 ? HIS A 157 . ? 1_555 ? 
11 AC1 11 HOH D .   ? HOH A 173 . ? 1_555 ? 
12 AC2 13 HOH D .   ? HOH A 4   . ? 1_555 ? 
13 AC2 13 TYR A 18  ? TYR A 23  . ? 1_555 ? 
14 AC2 13 ALA A 26  ? ALA A 31  . ? 1_555 ? 
15 AC2 13 SER A 27  ? SER A 32  . ? 1_555 ? 
16 AC2 13 TRP A 29  ? TRP A 34  . ? 1_555 ? 
17 AC2 13 ILE A 88  ? ILE A 93  . ? 1_555 ? 
18 AC2 13 LYS A 92  ? LYS A 97  . ? 1_555 ? 
19 AC2 13 LYS A 92  ? LYS A 97  . ? 6_555 ? 
20 AC2 13 SER A 93  ? SER A 98  . ? 6_555 ? 
21 AC2 13 GLY A 94  ? GLY A 99  . ? 6_555 ? 
22 AC2 13 MET A 141 ? MET A 146 . ? 1_555 ? 
23 AC2 13 SER A 142 ? SER A 147 . ? 1_555 ? 
24 AC2 13 GLY A 143 ? GLY A 148 . ? 1_555 ? 
# 
_pdbx_validate_close_contact.id               1 
_pdbx_validate_close_contact.PDB_model_num    1 
_pdbx_validate_close_contact.auth_atom_id_1   NE 
_pdbx_validate_close_contact.auth_asym_id_1   A 
_pdbx_validate_close_contact.auth_comp_id_1   ARG 
_pdbx_validate_close_contact.auth_seq_id_1    80 
_pdbx_validate_close_contact.PDB_ins_code_1   ? 
_pdbx_validate_close_contact.label_alt_id_1   ? 
_pdbx_validate_close_contact.auth_atom_id_2   O 
_pdbx_validate_close_contact.auth_asym_id_2   A 
_pdbx_validate_close_contact.auth_comp_id_2   HOH 
_pdbx_validate_close_contact.auth_seq_id_2    218 
_pdbx_validate_close_contact.PDB_ins_code_2   ? 
_pdbx_validate_close_contact.label_alt_id_2   ? 
_pdbx_validate_close_contact.dist             2.15 
# 
loop_
_pdbx_validate_torsion.id 
_pdbx_validate_torsion.PDB_model_num 
_pdbx_validate_torsion.auth_comp_id 
_pdbx_validate_torsion.auth_asym_id 
_pdbx_validate_torsion.auth_seq_id 
_pdbx_validate_torsion.PDB_ins_code 
_pdbx_validate_torsion.label_alt_id 
_pdbx_validate_torsion.phi 
_pdbx_validate_torsion.psi 
1 1 LEU A 7  ? ? 74.31  122.79 
2 1 PRO A 8  ? ? -49.26 162.04 
3 1 PRO A 70 ? ? -68.08 55.63  
# 
_phasing.method   MR 
# 
loop_
_pdbx_unobs_or_zero_occ_residues.id 
_pdbx_unobs_or_zero_occ_residues.PDB_model_num 
_pdbx_unobs_or_zero_occ_residues.polymer_flag 
_pdbx_unobs_or_zero_occ_residues.occupancy_flag 
_pdbx_unobs_or_zero_occ_residues.auth_asym_id 
_pdbx_unobs_or_zero_occ_residues.auth_comp_id 
_pdbx_unobs_or_zero_occ_residues.auth_seq_id 
_pdbx_unobs_or_zero_occ_residues.PDB_ins_code 
_pdbx_unobs_or_zero_occ_residues.label_asym_id 
_pdbx_unobs_or_zero_occ_residues.label_comp_id 
_pdbx_unobs_or_zero_occ_residues.label_seq_id 
1  1 Y 1 A GLY 39 ? A GLY 34 
2  1 Y 1 A ASN 40 ? A ASN 35 
3  1 Y 1 A SER 41 ? A SER 36 
4  1 Y 1 A SER 42 ? A SER 37 
5  1 Y 1 A SER 43 ? A SER 38 
6  1 Y 1 A GLY 44 ? A GLY 39 
7  1 Y 1 A GLY 45 ? A GLY 40 
8  1 Y 1 A LYS 46 ? A LYS 41 
9  1 Y 1 A ASN 47 ? A ASN 42 
10 1 Y 1 A GLY 48 ? A GLY 43 
11 1 Y 1 A GLN 49 ? A GLN 44 
12 1 Y 1 A GLY 50 ? A GLY 45 
# 
loop_
_chem_comp_atom.comp_id 
_chem_comp_atom.atom_id 
_chem_comp_atom.type_symbol 
_chem_comp_atom.pdbx_aromatic_flag 
_chem_comp_atom.pdbx_stereo_config 
_chem_comp_atom.pdbx_ordinal 
3TB N    N N N 1   
3TB P    P N N 2   
3TB N0   N N N 3   
3TB O0   O N N 4   
3TB C1   C N N 5   
3TB N1   N N N 6   
3TB C2   C N N 7   
3TB N2   N N N 8   
3TB O2   O N N 9   
3TB C3   C N R 10  
3TB N3   N N N 11  
3TB O3   O N N 12  
3TB C4   C N N 13  
3TB N4   N N N 14  
3TB C5   C N N 15  
3TB N5   N N N 16  
3TB C6   C N N 17  
3TB C7   C N N 18  
3TB C9   C N S 19  
3TB C10  C N N 20  
3TB C11  C N N 21  
3TB C12  C N N 22  
3TB C13  C N N 23  
3TB C14  C N N 24  
3TB O1P  O N N 25  
3TB C20  C N R 26  
3TB C21  C N N 27  
3TB C22  C N N 28  
3TB C23  C N S 29  
3TB O2P  O N N 30  
3TB C31  C N N 31  
3TB C32  C Y N 32  
3TB C33  C Y N 33  
3TB C34  C Y N 34  
3TB C35  C Y N 35  
3TB C36  C Y N 36  
3TB C37  C Y N 37  
3TB O3P  O N N 38  
3TB O4P  O N N 39  
3TB HN   H N N 40  
3TB HNA  H N N 41  
3TB HN0  H N N 42  
3TB H1   H N N 43  
3TB HN1  H N N 44  
3TB HN2  H N N 45  
3TB HN2A H N N 46  
3TB H3   H N N 47  
3TB HN3  H N N 48  
3TB H4   H N N 49  
3TB H4A  H N N 50  
3TB HN4  H N N 51  
3TB H5   H N N 52  
3TB H5A  H N N 53  
3TB HN5  H N N 54  
3TB HN5A H N N 55  
3TB H6   H N N 56  
3TB H6A  H N N 57  
3TB H9   H N N 58  
3TB H11  H N N 59  
3TB H11A H N N 60  
3TB H12  H N N 61  
3TB H12A H N N 62  
3TB H13  H N N 63  
3TB H13A H N N 64  
3TB HO1P H N N 65  
3TB H20  H N N 66  
3TB H21  H N N 67  
3TB H21A H N N 68  
3TB H23  H N N 69  
3TB H31  H N N 70  
3TB H31A H N N 71  
3TB H33  H N N 72  
3TB H34  H N N 73  
3TB H35  H N N 74  
3TB H36  H N N 75  
3TB H37  H N N 76  
3TB HO3P H N N 77  
ALA N    N N N 78  
ALA CA   C N S 79  
ALA C    C N N 80  
ALA O    O N N 81  
ALA CB   C N N 82  
ALA OXT  O N N 83  
ALA H    H N N 84  
ALA H2   H N N 85  
ALA HA   H N N 86  
ALA HB1  H N N 87  
ALA HB2  H N N 88  
ALA HB3  H N N 89  
ALA HXT  H N N 90  
ARG N    N N N 91  
ARG CA   C N S 92  
ARG C    C N N 93  
ARG O    O N N 94  
ARG CB   C N N 95  
ARG CG   C N N 96  
ARG CD   C N N 97  
ARG NE   N N N 98  
ARG CZ   C N N 99  
ARG NH1  N N N 100 
ARG NH2  N N N 101 
ARG OXT  O N N 102 
ARG H    H N N 103 
ARG H2   H N N 104 
ARG HA   H N N 105 
ARG HB2  H N N 106 
ARG HB3  H N N 107 
ARG HG2  H N N 108 
ARG HG3  H N N 109 
ARG HD2  H N N 110 
ARG HD3  H N N 111 
ARG HE   H N N 112 
ARG HH11 H N N 113 
ARG HH12 H N N 114 
ARG HH21 H N N 115 
ARG HH22 H N N 116 
ARG HXT  H N N 117 
ASN N    N N N 118 
ASN CA   C N S 119 
ASN C    C N N 120 
ASN O    O N N 121 
ASN CB   C N N 122 
ASN CG   C N N 123 
ASN OD1  O N N 124 
ASN ND2  N N N 125 
ASN OXT  O N N 126 
ASN H    H N N 127 
ASN H2   H N N 128 
ASN HA   H N N 129 
ASN HB2  H N N 130 
ASN HB3  H N N 131 
ASN HD21 H N N 132 
ASN HD22 H N N 133 
ASN HXT  H N N 134 
ASP N    N N N 135 
ASP CA   C N S 136 
ASP C    C N N 137 
ASP O    O N N 138 
ASP CB   C N N 139 
ASP CG   C N N 140 
ASP OD1  O N N 141 
ASP OD2  O N N 142 
ASP OXT  O N N 143 
ASP H    H N N 144 
ASP H2   H N N 145 
ASP HA   H N N 146 
ASP HB2  H N N 147 
ASP HB3  H N N 148 
ASP HD2  H N N 149 
ASP HXT  H N N 150 
CYS N    N N N 151 
CYS CA   C N R 152 
CYS C    C N N 153 
CYS O    O N N 154 
CYS CB   C N N 155 
CYS SG   S N N 156 
CYS OXT  O N N 157 
CYS H    H N N 158 
CYS H2   H N N 159 
CYS HA   H N N 160 
CYS HB2  H N N 161 
CYS HB3  H N N 162 
CYS HG   H N N 163 
CYS HXT  H N N 164 
GLN N    N N N 165 
GLN CA   C N S 166 
GLN C    C N N 167 
GLN O    O N N 168 
GLN CB   C N N 169 
GLN CG   C N N 170 
GLN CD   C N N 171 
GLN OE1  O N N 172 
GLN NE2  N N N 173 
GLN OXT  O N N 174 
GLN H    H N N 175 
GLN H2   H N N 176 
GLN HA   H N N 177 
GLN HB2  H N N 178 
GLN HB3  H N N 179 
GLN HG2  H N N 180 
GLN HG3  H N N 181 
GLN HE21 H N N 182 
GLN HE22 H N N 183 
GLN HXT  H N N 184 
GLU N    N N N 185 
GLU CA   C N S 186 
GLU C    C N N 187 
GLU O    O N N 188 
GLU CB   C N N 189 
GLU CG   C N N 190 
GLU CD   C N N 191 
GLU OE1  O N N 192 
GLU OE2  O N N 193 
GLU OXT  O N N 194 
GLU H    H N N 195 
GLU H2   H N N 196 
GLU HA   H N N 197 
GLU HB2  H N N 198 
GLU HB3  H N N 199 
GLU HG2  H N N 200 
GLU HG3  H N N 201 
GLU HE2  H N N 202 
GLU HXT  H N N 203 
GLY N    N N N 204 
GLY CA   C N N 205 
GLY C    C N N 206 
GLY O    O N N 207 
GLY OXT  O N N 208 
GLY H    H N N 209 
GLY H2   H N N 210 
GLY HA2  H N N 211 
GLY HA3  H N N 212 
GLY HXT  H N N 213 
HIS N    N N N 214 
HIS CA   C N S 215 
HIS C    C N N 216 
HIS O    O N N 217 
HIS CB   C N N 218 
HIS CG   C Y N 219 
HIS ND1  N Y N 220 
HIS CD2  C Y N 221 
HIS CE1  C Y N 222 
HIS NE2  N Y N 223 
HIS OXT  O N N 224 
HIS H    H N N 225 
HIS H2   H N N 226 
HIS HA   H N N 227 
HIS HB2  H N N 228 
HIS HB3  H N N 229 
HIS HD1  H N N 230 
HIS HD2  H N N 231 
HIS HE1  H N N 232 
HIS HE2  H N N 233 
HIS HXT  H N N 234 
HOH O    O N N 235 
HOH H1   H N N 236 
HOH H2   H N N 237 
ILE N    N N N 238 
ILE CA   C N S 239 
ILE C    C N N 240 
ILE O    O N N 241 
ILE CB   C N S 242 
ILE CG1  C N N 243 
ILE CG2  C N N 244 
ILE CD1  C N N 245 
ILE OXT  O N N 246 
ILE H    H N N 247 
ILE H2   H N N 248 
ILE HA   H N N 249 
ILE HB   H N N 250 
ILE HG12 H N N 251 
ILE HG13 H N N 252 
ILE HG21 H N N 253 
ILE HG22 H N N 254 
ILE HG23 H N N 255 
ILE HD11 H N N 256 
ILE HD12 H N N 257 
ILE HD13 H N N 258 
ILE HXT  H N N 259 
LEU N    N N N 260 
LEU CA   C N S 261 
LEU C    C N N 262 
LEU O    O N N 263 
LEU CB   C N N 264 
LEU CG   C N N 265 
LEU CD1  C N N 266 
LEU CD2  C N N 267 
LEU OXT  O N N 268 
LEU H    H N N 269 
LEU H2   H N N 270 
LEU HA   H N N 271 
LEU HB2  H N N 272 
LEU HB3  H N N 273 
LEU HG   H N N 274 
LEU HD11 H N N 275 
LEU HD12 H N N 276 
LEU HD13 H N N 277 
LEU HD21 H N N 278 
LEU HD22 H N N 279 
LEU HD23 H N N 280 
LEU HXT  H N N 281 
LYS N    N N N 282 
LYS CA   C N S 283 
LYS C    C N N 284 
LYS O    O N N 285 
LYS CB   C N N 286 
LYS CG   C N N 287 
LYS CD   C N N 288 
LYS CE   C N N 289 
LYS NZ   N N N 290 
LYS OXT  O N N 291 
LYS H    H N N 292 
LYS H2   H N N 293 
LYS HA   H N N 294 
LYS HB2  H N N 295 
LYS HB3  H N N 296 
LYS HG2  H N N 297 
LYS HG3  H N N 298 
LYS HD2  H N N 299 
LYS HD3  H N N 300 
LYS HE2  H N N 301 
LYS HE3  H N N 302 
LYS HZ1  H N N 303 
LYS HZ2  H N N 304 
LYS HZ3  H N N 305 
LYS HXT  H N N 306 
MET N    N N N 307 
MET CA   C N S 308 
MET C    C N N 309 
MET O    O N N 310 
MET CB   C N N 311 
MET CG   C N N 312 
MET SD   S N N 313 
MET CE   C N N 314 
MET OXT  O N N 315 
MET H    H N N 316 
MET H2   H N N 317 
MET HA   H N N 318 
MET HB2  H N N 319 
MET HB3  H N N 320 
MET HG2  H N N 321 
MET HG3  H N N 322 
MET HE1  H N N 323 
MET HE2  H N N 324 
MET HE3  H N N 325 
MET HXT  H N N 326 
PE4 O1   O N N 327 
PE4 C1   C N N 328 
PE4 C2   C N N 329 
PE4 O2   O N N 330 
PE4 C3   C N N 331 
PE4 C4   C N N 332 
PE4 O3   O N N 333 
PE4 C5   C N N 334 
PE4 C6   C N N 335 
PE4 O4   O N N 336 
PE4 C7   C N N 337 
PE4 C8   C N N 338 
PE4 O5   O N N 339 
PE4 C9   C N N 340 
PE4 C10  C N N 341 
PE4 O6   O N N 342 
PE4 C11  C N N 343 
PE4 C12  C N N 344 
PE4 O7   O N N 345 
PE4 C13  C N N 346 
PE4 C14  C N N 347 
PE4 O8   O N N 348 
PE4 C15  C N N 349 
PE4 C16  C N N 350 
PE4 HO1  H N N 351 
PE4 H11  H N N 352 
PE4 H12  H N N 353 
PE4 H21  H N N 354 
PE4 H22  H N N 355 
PE4 H31  H N N 356 
PE4 H32  H N N 357 
PE4 H41  H N N 358 
PE4 H42  H N N 359 
PE4 H51  H N N 360 
PE4 H52  H N N 361 
PE4 H61  H N N 362 
PE4 H62  H N N 363 
PE4 H71  H N N 364 
PE4 H72  H N N 365 
PE4 H81  H N N 366 
PE4 H82  H N N 367 
PE4 H91  H N N 368 
PE4 H92  H N N 369 
PE4 H101 H N N 370 
PE4 H102 H N N 371 
PE4 H111 H N N 372 
PE4 H112 H N N 373 
PE4 H121 H N N 374 
PE4 H122 H N N 375 
PE4 H131 H N N 376 
PE4 H132 H N N 377 
PE4 H141 H N N 378 
PE4 H142 H N N 379 
PE4 H151 H N N 380 
PE4 H152 H N N 381 
PE4 H161 H N N 382 
PE4 H162 H N N 383 
PE4 H163 H N N 384 
PHE N    N N N 385 
PHE CA   C N S 386 
PHE C    C N N 387 
PHE O    O N N 388 
PHE CB   C N N 389 
PHE CG   C Y N 390 
PHE CD1  C Y N 391 
PHE CD2  C Y N 392 
PHE CE1  C Y N 393 
PHE CE2  C Y N 394 
PHE CZ   C Y N 395 
PHE OXT  O N N 396 
PHE H    H N N 397 
PHE H2   H N N 398 
PHE HA   H N N 399 
PHE HB2  H N N 400 
PHE HB3  H N N 401 
PHE HD1  H N N 402 
PHE HD2  H N N 403 
PHE HE1  H N N 404 
PHE HE2  H N N 405 
PHE HZ   H N N 406 
PHE HXT  H N N 407 
PRO N    N N N 408 
PRO CA   C N S 409 
PRO C    C N N 410 
PRO O    O N N 411 
PRO CB   C N N 412 
PRO CG   C N N 413 
PRO CD   C N N 414 
PRO OXT  O N N 415 
PRO H    H N N 416 
PRO HA   H N N 417 
PRO HB2  H N N 418 
PRO HB3  H N N 419 
PRO HG2  H N N 420 
PRO HG3  H N N 421 
PRO HD2  H N N 422 
PRO HD3  H N N 423 
PRO HXT  H N N 424 
SER N    N N N 425 
SER CA   C N S 426 
SER C    C N N 427 
SER O    O N N 428 
SER CB   C N N 429 
SER OG   O N N 430 
SER OXT  O N N 431 
SER H    H N N 432 
SER H2   H N N 433 
SER HA   H N N 434 
SER HB2  H N N 435 
SER HB3  H N N 436 
SER HG   H N N 437 
SER HXT  H N N 438 
THR N    N N N 439 
THR CA   C N S 440 
THR C    C N N 441 
THR O    O N N 442 
THR CB   C N R 443 
THR OG1  O N N 444 
THR CG2  C N N 445 
THR OXT  O N N 446 
THR H    H N N 447 
THR H2   H N N 448 
THR HA   H N N 449 
THR HB   H N N 450 
THR HG1  H N N 451 
THR HG21 H N N 452 
THR HG22 H N N 453 
THR HG23 H N N 454 
THR HXT  H N N 455 
TRP N    N N N 456 
TRP CA   C N S 457 
TRP C    C N N 458 
TRP O    O N N 459 
TRP CB   C N N 460 
TRP CG   C Y N 461 
TRP CD1  C Y N 462 
TRP CD2  C Y N 463 
TRP NE1  N Y N 464 
TRP CE2  C Y N 465 
TRP CE3  C Y N 466 
TRP CZ2  C Y N 467 
TRP CZ3  C Y N 468 
TRP CH2  C Y N 469 
TRP OXT  O N N 470 
TRP H    H N N 471 
TRP H2   H N N 472 
TRP HA   H N N 473 
TRP HB2  H N N 474 
TRP HB3  H N N 475 
TRP HD1  H N N 476 
TRP HE1  H N N 477 
TRP HE3  H N N 478 
TRP HZ2  H N N 479 
TRP HZ3  H N N 480 
TRP HH2  H N N 481 
TRP HXT  H N N 482 
TYR N    N N N 483 
TYR CA   C N S 484 
TYR C    C N N 485 
TYR O    O N N 486 
TYR CB   C N N 487 
TYR CG   C Y N 488 
TYR CD1  C Y N 489 
TYR CD2  C Y N 490 
TYR CE1  C Y N 491 
TYR CE2  C Y N 492 
TYR CZ   C Y N 493 
TYR OH   O N N 494 
TYR OXT  O N N 495 
TYR H    H N N 496 
TYR H2   H N N 497 
TYR HA   H N N 498 
TYR HB2  H N N 499 
TYR HB3  H N N 500 
TYR HD1  H N N 501 
TYR HD2  H N N 502 
TYR HE1  H N N 503 
TYR HE2  H N N 504 
TYR HH   H N N 505 
TYR HXT  H N N 506 
VAL N    N N N 507 
VAL CA   C N S 508 
VAL C    C N N 509 
VAL O    O N N 510 
VAL CB   C N N 511 
VAL CG1  C N N 512 
VAL CG2  C N N 513 
VAL OXT  O N N 514 
VAL H    H N N 515 
VAL H2   H N N 516 
VAL HA   H N N 517 
VAL HB   H N N 518 
VAL HG11 H N N 519 
VAL HG12 H N N 520 
VAL HG13 H N N 521 
VAL HG21 H N N 522 
VAL HG22 H N N 523 
VAL HG23 H N N 524 
VAL HXT  H N N 525 
# 
loop_
_chem_comp_bond.comp_id 
_chem_comp_bond.atom_id_1 
_chem_comp_bond.atom_id_2 
_chem_comp_bond.value_order 
_chem_comp_bond.pdbx_aromatic_flag 
_chem_comp_bond.pdbx_stereo_config 
_chem_comp_bond.pdbx_ordinal 
3TB N   C23  sing N N 1   
3TB N   HN   sing N N 2   
3TB N   HNA  sing N N 3   
3TB O2P P    doub N N 4   
3TB O4P P    sing N N 5   
3TB O1P P    sing N N 6   
3TB P   O3P  sing N N 7   
3TB C22 N0   sing N N 8   
3TB N0  C20  sing N N 9   
3TB N0  HN0  sing N N 10  
3TB O0  C22  doub N N 11  
3TB C20 C1   sing N N 12  
3TB C1  C2   doub N E 13  
3TB C1  H1   sing N N 14  
3TB C9  N1   sing N N 15  
3TB N1  C7   sing N N 16  
3TB N1  HN1  sing N N 17  
3TB C6  C2   sing N N 18  
3TB C2  C3   sing N N 19  
3TB N2  C10  sing N N 20  
3TB N2  HN2  sing N N 21  
3TB N2  HN2A sing N N 22  
3TB C7  O2   doub N N 23  
3TB C4  C3   sing N N 24  
3TB C3  C7   sing N N 25  
3TB C3  H3   sing N N 26  
3TB N3  C13  sing N N 27  
3TB N3  C14  sing N N 28  
3TB N3  HN3  sing N N 29  
3TB O3  C10  doub N N 30  
3TB C5  C4   sing N N 31  
3TB C4  H4   sing N N 32  
3TB C4  H4A  sing N N 33  
3TB N4  C14  doub N N 34  
3TB N4  HN4  sing N N 35  
3TB C6  C5   sing N N 36  
3TB C5  H5   sing N N 37  
3TB C5  H5A  sing N N 38  
3TB C14 N5   sing N N 39  
3TB N5  HN5  sing N N 40  
3TB N5  HN5A sing N N 41  
3TB C6  H6   sing N N 42  
3TB C6  H6A  sing N N 43  
3TB C10 C9   sing N N 44  
3TB C9  C11  sing N N 45  
3TB C9  H9   sing N N 46  
3TB C11 C12  sing N N 47  
3TB C11 H11  sing N N 48  
3TB C11 H11A sing N N 49  
3TB C12 C13  sing N N 50  
3TB C12 H12  sing N N 51  
3TB C12 H12A sing N N 52  
3TB C13 H13  sing N N 53  
3TB C13 H13A sing N N 54  
3TB O1P HO1P sing N N 55  
3TB C20 C21  sing N N 56  
3TB C20 H20  sing N N 57  
3TB C21 O4P  sing N N 58  
3TB C21 H21  sing N N 59  
3TB C21 H21A sing N N 60  
3TB C23 C22  sing N N 61  
3TB C23 C31  sing N N 62  
3TB C23 H23  sing N N 63  
3TB C31 C32  sing N N 64  
3TB C31 H31  sing N N 65  
3TB C31 H31A sing N N 66  
3TB C33 C32  doub Y N 67  
3TB C32 C37  sing Y N 68  
3TB C33 C34  sing Y N 69  
3TB C33 H33  sing N N 70  
3TB C34 C35  doub Y N 71  
3TB C34 H34  sing N N 72  
3TB C35 C36  sing Y N 73  
3TB C35 H35  sing N N 74  
3TB C37 C36  doub Y N 75  
3TB C36 H36  sing N N 76  
3TB C37 H37  sing N N 77  
3TB O3P HO3P sing N N 78  
ALA N   CA   sing N N 79  
ALA N   H    sing N N 80  
ALA N   H2   sing N N 81  
ALA CA  C    sing N N 82  
ALA CA  CB   sing N N 83  
ALA CA  HA   sing N N 84  
ALA C   O    doub N N 85  
ALA C   OXT  sing N N 86  
ALA CB  HB1  sing N N 87  
ALA CB  HB2  sing N N 88  
ALA CB  HB3  sing N N 89  
ALA OXT HXT  sing N N 90  
ARG N   CA   sing N N 91  
ARG N   H    sing N N 92  
ARG N   H2   sing N N 93  
ARG CA  C    sing N N 94  
ARG CA  CB   sing N N 95  
ARG CA  HA   sing N N 96  
ARG C   O    doub N N 97  
ARG C   OXT  sing N N 98  
ARG CB  CG   sing N N 99  
ARG CB  HB2  sing N N 100 
ARG CB  HB3  sing N N 101 
ARG CG  CD   sing N N 102 
ARG CG  HG2  sing N N 103 
ARG CG  HG3  sing N N 104 
ARG CD  NE   sing N N 105 
ARG CD  HD2  sing N N 106 
ARG CD  HD3  sing N N 107 
ARG NE  CZ   sing N N 108 
ARG NE  HE   sing N N 109 
ARG CZ  NH1  sing N N 110 
ARG CZ  NH2  doub N N 111 
ARG NH1 HH11 sing N N 112 
ARG NH1 HH12 sing N N 113 
ARG NH2 HH21 sing N N 114 
ARG NH2 HH22 sing N N 115 
ARG OXT HXT  sing N N 116 
ASN N   CA   sing N N 117 
ASN N   H    sing N N 118 
ASN N   H2   sing N N 119 
ASN CA  C    sing N N 120 
ASN CA  CB   sing N N 121 
ASN CA  HA   sing N N 122 
ASN C   O    doub N N 123 
ASN C   OXT  sing N N 124 
ASN CB  CG   sing N N 125 
ASN CB  HB2  sing N N 126 
ASN CB  HB3  sing N N 127 
ASN CG  OD1  doub N N 128 
ASN CG  ND2  sing N N 129 
ASN ND2 HD21 sing N N 130 
ASN ND2 HD22 sing N N 131 
ASN OXT HXT  sing N N 132 
ASP N   CA   sing N N 133 
ASP N   H    sing N N 134 
ASP N   H2   sing N N 135 
ASP CA  C    sing N N 136 
ASP CA  CB   sing N N 137 
ASP CA  HA   sing N N 138 
ASP C   O    doub N N 139 
ASP C   OXT  sing N N 140 
ASP CB  CG   sing N N 141 
ASP CB  HB2  sing N N 142 
ASP CB  HB3  sing N N 143 
ASP CG  OD1  doub N N 144 
ASP CG  OD2  sing N N 145 
ASP OD2 HD2  sing N N 146 
ASP OXT HXT  sing N N 147 
CYS N   CA   sing N N 148 
CYS N   H    sing N N 149 
CYS N   H2   sing N N 150 
CYS CA  C    sing N N 151 
CYS CA  CB   sing N N 152 
CYS CA  HA   sing N N 153 
CYS C   O    doub N N 154 
CYS C   OXT  sing N N 155 
CYS CB  SG   sing N N 156 
CYS CB  HB2  sing N N 157 
CYS CB  HB3  sing N N 158 
CYS SG  HG   sing N N 159 
CYS OXT HXT  sing N N 160 
GLN N   CA   sing N N 161 
GLN N   H    sing N N 162 
GLN N   H2   sing N N 163 
GLN CA  C    sing N N 164 
GLN CA  CB   sing N N 165 
GLN CA  HA   sing N N 166 
GLN C   O    doub N N 167 
GLN C   OXT  sing N N 168 
GLN CB  CG   sing N N 169 
GLN CB  HB2  sing N N 170 
GLN CB  HB3  sing N N 171 
GLN CG  CD   sing N N 172 
GLN CG  HG2  sing N N 173 
GLN CG  HG3  sing N N 174 
GLN CD  OE1  doub N N 175 
GLN CD  NE2  sing N N 176 
GLN NE2 HE21 sing N N 177 
GLN NE2 HE22 sing N N 178 
GLN OXT HXT  sing N N 179 
GLU N   CA   sing N N 180 
GLU N   H    sing N N 181 
GLU N   H2   sing N N 182 
GLU CA  C    sing N N 183 
GLU CA  CB   sing N N 184 
GLU CA  HA   sing N N 185 
GLU C   O    doub N N 186 
GLU C   OXT  sing N N 187 
GLU CB  CG   sing N N 188 
GLU CB  HB2  sing N N 189 
GLU CB  HB3  sing N N 190 
GLU CG  CD   sing N N 191 
GLU CG  HG2  sing N N 192 
GLU CG  HG3  sing N N 193 
GLU CD  OE1  doub N N 194 
GLU CD  OE2  sing N N 195 
GLU OE2 HE2  sing N N 196 
GLU OXT HXT  sing N N 197 
GLY N   CA   sing N N 198 
GLY N   H    sing N N 199 
GLY N   H2   sing N N 200 
GLY CA  C    sing N N 201 
GLY CA  HA2  sing N N 202 
GLY CA  HA3  sing N N 203 
GLY C   O    doub N N 204 
GLY C   OXT  sing N N 205 
GLY OXT HXT  sing N N 206 
HIS N   CA   sing N N 207 
HIS N   H    sing N N 208 
HIS N   H2   sing N N 209 
HIS CA  C    sing N N 210 
HIS CA  CB   sing N N 211 
HIS CA  HA   sing N N 212 
HIS C   O    doub N N 213 
HIS C   OXT  sing N N 214 
HIS CB  CG   sing N N 215 
HIS CB  HB2  sing N N 216 
HIS CB  HB3  sing N N 217 
HIS CG  ND1  sing Y N 218 
HIS CG  CD2  doub Y N 219 
HIS ND1 CE1  doub Y N 220 
HIS ND1 HD1  sing N N 221 
HIS CD2 NE2  sing Y N 222 
HIS CD2 HD2  sing N N 223 
HIS CE1 NE2  sing Y N 224 
HIS CE1 HE1  sing N N 225 
HIS NE2 HE2  sing N N 226 
HIS OXT HXT  sing N N 227 
HOH O   H1   sing N N 228 
HOH O   H2   sing N N 229 
ILE N   CA   sing N N 230 
ILE N   H    sing N N 231 
ILE N   H2   sing N N 232 
ILE CA  C    sing N N 233 
ILE CA  CB   sing N N 234 
ILE CA  HA   sing N N 235 
ILE C   O    doub N N 236 
ILE C   OXT  sing N N 237 
ILE CB  CG1  sing N N 238 
ILE CB  CG2  sing N N 239 
ILE CB  HB   sing N N 240 
ILE CG1 CD1  sing N N 241 
ILE CG1 HG12 sing N N 242 
ILE CG1 HG13 sing N N 243 
ILE CG2 HG21 sing N N 244 
ILE CG2 HG22 sing N N 245 
ILE CG2 HG23 sing N N 246 
ILE CD1 HD11 sing N N 247 
ILE CD1 HD12 sing N N 248 
ILE CD1 HD13 sing N N 249 
ILE OXT HXT  sing N N 250 
LEU N   CA   sing N N 251 
LEU N   H    sing N N 252 
LEU N   H2   sing N N 253 
LEU CA  C    sing N N 254 
LEU CA  CB   sing N N 255 
LEU CA  HA   sing N N 256 
LEU C   O    doub N N 257 
LEU C   OXT  sing N N 258 
LEU CB  CG   sing N N 259 
LEU CB  HB2  sing N N 260 
LEU CB  HB3  sing N N 261 
LEU CG  CD1  sing N N 262 
LEU CG  CD2  sing N N 263 
LEU CG  HG   sing N N 264 
LEU CD1 HD11 sing N N 265 
LEU CD1 HD12 sing N N 266 
LEU CD1 HD13 sing N N 267 
LEU CD2 HD21 sing N N 268 
LEU CD2 HD22 sing N N 269 
LEU CD2 HD23 sing N N 270 
LEU OXT HXT  sing N N 271 
LYS N   CA   sing N N 272 
LYS N   H    sing N N 273 
LYS N   H2   sing N N 274 
LYS CA  C    sing N N 275 
LYS CA  CB   sing N N 276 
LYS CA  HA   sing N N 277 
LYS C   O    doub N N 278 
LYS C   OXT  sing N N 279 
LYS CB  CG   sing N N 280 
LYS CB  HB2  sing N N 281 
LYS CB  HB3  sing N N 282 
LYS CG  CD   sing N N 283 
LYS CG  HG2  sing N N 284 
LYS CG  HG3  sing N N 285 
LYS CD  CE   sing N N 286 
LYS CD  HD2  sing N N 287 
LYS CD  HD3  sing N N 288 
LYS CE  NZ   sing N N 289 
LYS CE  HE2  sing N N 290 
LYS CE  HE3  sing N N 291 
LYS NZ  HZ1  sing N N 292 
LYS NZ  HZ2  sing N N 293 
LYS NZ  HZ3  sing N N 294 
LYS OXT HXT  sing N N 295 
MET N   CA   sing N N 296 
MET N   H    sing N N 297 
MET N   H2   sing N N 298 
MET CA  C    sing N N 299 
MET CA  CB   sing N N 300 
MET CA  HA   sing N N 301 
MET C   O    doub N N 302 
MET C   OXT  sing N N 303 
MET CB  CG   sing N N 304 
MET CB  HB2  sing N N 305 
MET CB  HB3  sing N N 306 
MET CG  SD   sing N N 307 
MET CG  HG2  sing N N 308 
MET CG  HG3  sing N N 309 
MET SD  CE   sing N N 310 
MET CE  HE1  sing N N 311 
MET CE  HE2  sing N N 312 
MET CE  HE3  sing N N 313 
MET OXT HXT  sing N N 314 
PE4 O1  C1   sing N N 315 
PE4 O1  HO1  sing N N 316 
PE4 C1  C2   sing N N 317 
PE4 C1  H11  sing N N 318 
PE4 C1  H12  sing N N 319 
PE4 C2  O2   sing N N 320 
PE4 C2  H21  sing N N 321 
PE4 C2  H22  sing N N 322 
PE4 O2  C3   sing N N 323 
PE4 C3  C4   sing N N 324 
PE4 C3  H31  sing N N 325 
PE4 C3  H32  sing N N 326 
PE4 C4  O3   sing N N 327 
PE4 C4  H41  sing N N 328 
PE4 C4  H42  sing N N 329 
PE4 O3  C5   sing N N 330 
PE4 C5  C6   sing N N 331 
PE4 C5  H51  sing N N 332 
PE4 C5  H52  sing N N 333 
PE4 C6  O4   sing N N 334 
PE4 C6  H61  sing N N 335 
PE4 C6  H62  sing N N 336 
PE4 O4  C7   sing N N 337 
PE4 C7  C8   sing N N 338 
PE4 C7  H71  sing N N 339 
PE4 C7  H72  sing N N 340 
PE4 C8  O5   sing N N 341 
PE4 C8  H81  sing N N 342 
PE4 C8  H82  sing N N 343 
PE4 O5  C9   sing N N 344 
PE4 C9  C10  sing N N 345 
PE4 C9  H91  sing N N 346 
PE4 C9  H92  sing N N 347 
PE4 C10 O6   sing N N 348 
PE4 C10 H101 sing N N 349 
PE4 C10 H102 sing N N 350 
PE4 O6  C11  sing N N 351 
PE4 C11 C12  sing N N 352 
PE4 C11 H111 sing N N 353 
PE4 C11 H112 sing N N 354 
PE4 C12 O7   sing N N 355 
PE4 C12 H121 sing N N 356 
PE4 C12 H122 sing N N 357 
PE4 O7  C13  sing N N 358 
PE4 C13 C14  sing N N 359 
PE4 C13 H131 sing N N 360 
PE4 C13 H132 sing N N 361 
PE4 C14 O8   sing N N 362 
PE4 C14 H141 sing N N 363 
PE4 C14 H142 sing N N 364 
PE4 O8  C15  sing N N 365 
PE4 C15 C16  sing N N 366 
PE4 C15 H151 sing N N 367 
PE4 C15 H152 sing N N 368 
PE4 C16 H161 sing N N 369 
PE4 C16 H162 sing N N 370 
PE4 C16 H163 sing N N 371 
PHE N   CA   sing N N 372 
PHE N   H    sing N N 373 
PHE N   H2   sing N N 374 
PHE CA  C    sing N N 375 
PHE CA  CB   sing N N 376 
PHE CA  HA   sing N N 377 
PHE C   O    doub N N 378 
PHE C   OXT  sing N N 379 
PHE CB  CG   sing N N 380 
PHE CB  HB2  sing N N 381 
PHE CB  HB3  sing N N 382 
PHE CG  CD1  doub Y N 383 
PHE CG  CD2  sing Y N 384 
PHE CD1 CE1  sing Y N 385 
PHE CD1 HD1  sing N N 386 
PHE CD2 CE2  doub Y N 387 
PHE CD2 HD2  sing N N 388 
PHE CE1 CZ   doub Y N 389 
PHE CE1 HE1  sing N N 390 
PHE CE2 CZ   sing Y N 391 
PHE CE2 HE2  sing N N 392 
PHE CZ  HZ   sing N N 393 
PHE OXT HXT  sing N N 394 
PRO N   CA   sing N N 395 
PRO N   CD   sing N N 396 
PRO N   H    sing N N 397 
PRO CA  C    sing N N 398 
PRO CA  CB   sing N N 399 
PRO CA  HA   sing N N 400 
PRO C   O    doub N N 401 
PRO C   OXT  sing N N 402 
PRO CB  CG   sing N N 403 
PRO CB  HB2  sing N N 404 
PRO CB  HB3  sing N N 405 
PRO CG  CD   sing N N 406 
PRO CG  HG2  sing N N 407 
PRO CG  HG3  sing N N 408 
PRO CD  HD2  sing N N 409 
PRO CD  HD3  sing N N 410 
PRO OXT HXT  sing N N 411 
SER N   CA   sing N N 412 
SER N   H    sing N N 413 
SER N   H2   sing N N 414 
SER CA  C    sing N N 415 
SER CA  CB   sing N N 416 
SER CA  HA   sing N N 417 
SER C   O    doub N N 418 
SER C   OXT  sing N N 419 
SER CB  OG   sing N N 420 
SER CB  HB2  sing N N 421 
SER CB  HB3  sing N N 422 
SER OG  HG   sing N N 423 
SER OXT HXT  sing N N 424 
THR N   CA   sing N N 425 
THR N   H    sing N N 426 
THR N   H2   sing N N 427 
THR CA  C    sing N N 428 
THR CA  CB   sing N N 429 
THR CA  HA   sing N N 430 
THR C   O    doub N N 431 
THR C   OXT  sing N N 432 
THR CB  OG1  sing N N 433 
THR CB  CG2  sing N N 434 
THR CB  HB   sing N N 435 
THR OG1 HG1  sing N N 436 
THR CG2 HG21 sing N N 437 
THR CG2 HG22 sing N N 438 
THR CG2 HG23 sing N N 439 
THR OXT HXT  sing N N 440 
TRP N   CA   sing N N 441 
TRP N   H    sing N N 442 
TRP N   H2   sing N N 443 
TRP CA  C    sing N N 444 
TRP CA  CB   sing N N 445 
TRP CA  HA   sing N N 446 
TRP C   O    doub N N 447 
TRP C   OXT  sing N N 448 
TRP CB  CG   sing N N 449 
TRP CB  HB2  sing N N 450 
TRP CB  HB3  sing N N 451 
TRP CG  CD1  doub Y N 452 
TRP CG  CD2  sing Y N 453 
TRP CD1 NE1  sing Y N 454 
TRP CD1 HD1  sing N N 455 
TRP CD2 CE2  doub Y N 456 
TRP CD2 CE3  sing Y N 457 
TRP NE1 CE2  sing Y N 458 
TRP NE1 HE1  sing N N 459 
TRP CE2 CZ2  sing Y N 460 
TRP CE3 CZ3  doub Y N 461 
TRP CE3 HE3  sing N N 462 
TRP CZ2 CH2  doub Y N 463 
TRP CZ2 HZ2  sing N N 464 
TRP CZ3 CH2  sing Y N 465 
TRP CZ3 HZ3  sing N N 466 
TRP CH2 HH2  sing N N 467 
TRP OXT HXT  sing N N 468 
TYR N   CA   sing N N 469 
TYR N   H    sing N N 470 
TYR N   H2   sing N N 471 
TYR CA  C    sing N N 472 
TYR CA  CB   sing N N 473 
TYR CA  HA   sing N N 474 
TYR C   O    doub N N 475 
TYR C   OXT  sing N N 476 
TYR CB  CG   sing N N 477 
TYR CB  HB2  sing N N 478 
TYR CB  HB3  sing N N 479 
TYR CG  CD1  doub Y N 480 
TYR CG  CD2  sing Y N 481 
TYR CD1 CE1  sing Y N 482 
TYR CD1 HD1  sing N N 483 
TYR CD2 CE2  doub Y N 484 
TYR CD2 HD2  sing N N 485 
TYR CE1 CZ   doub Y N 486 
TYR CE1 HE1  sing N N 487 
TYR CE2 CZ   sing Y N 488 
TYR CE2 HE2  sing N N 489 
TYR CZ  OH   sing N N 490 
TYR OH  HH   sing N N 491 
TYR OXT HXT  sing N N 492 
VAL N   CA   sing N N 493 
VAL N   H    sing N N 494 
VAL N   H2   sing N N 495 
VAL CA  C    sing N N 496 
VAL CA  CB   sing N N 497 
VAL CA  HA   sing N N 498 
VAL C   O    doub N N 499 
VAL C   OXT  sing N N 500 
VAL CB  CG1  sing N N 501 
VAL CB  CG2  sing N N 502 
VAL CB  HB   sing N N 503 
VAL CG1 HG11 sing N N 504 
VAL CG1 HG12 sing N N 505 
VAL CG1 HG13 sing N N 506 
VAL CG2 HG21 sing N N 507 
VAL CG2 HG22 sing N N 508 
VAL CG2 HG23 sing N N 509 
VAL OXT HXT  sing N N 510 
# 
_atom_sites.entry_id                    3TDB 
_atom_sites.fract_transf_matrix[1][1]   0.00153331 
_atom_sites.fract_transf_matrix[1][2]   -0.01194979 
_atom_sites.fract_transf_matrix[1][3]   0.01151977 
_atom_sites.fract_transf_matrix[2][1]   -0.00265351 
_atom_sites.fract_transf_matrix[2][2]   -0.01593344 
_atom_sites.fract_transf_matrix[2][3]   -0.00411581 
_atom_sites.fract_transf_matrix[3][1]   0.01214180 
_atom_sites.fract_transf_matrix[3][2]   -0.00126550 
_atom_sites.fract_transf_matrix[3][3]   -0.00292884 
_atom_sites.fract_transf_vector[1]      0.238805 
_atom_sites.fract_transf_vector[2]      0.607066 
_atom_sites.fract_transf_vector[3]      0.185994 
# 
loop_
_atom_type.symbol 
C 
N 
O 
P 
S 
# 
loop_
_atom_site.group_PDB 
_atom_site.id 
_atom_site.type_symbol 
_atom_site.label_atom_id 
_atom_site.label_alt_id 
_atom_site.label_comp_id 
_atom_site.label_asym_id 
_atom_site.label_entity_id 
_atom_site.label_seq_id 
_atom_site.pdbx_PDB_ins_code 
_atom_site.Cartn_x 
_atom_site.Cartn_y 
_atom_site.Cartn_z 
_atom_site.occupancy 
_atom_site.B_iso_or_equiv 
_atom_site.pdbx_formal_charge 
_atom_site.auth_seq_id 
_atom_site.auth_comp_id 
_atom_site.auth_asym_id 
_atom_site.auth_atom_id 
_atom_site.pdbx_PDB_model_num 
ATOM   1    N N   . LYS A 1 1   ? 10.430  21.631  3.542   1.00 50.70 ? 6   LYS A N   1 
ATOM   2    C CA  . LYS A 1 1   ? 11.659  20.796  3.358   1.00 50.88 ? 6   LYS A CA  1 
ATOM   3    C C   . LYS A 1 1   ? 11.288  19.352  2.969   1.00 49.75 ? 6   LYS A C   1 
ATOM   4    O O   . LYS A 1 1   ? 12.128  18.438  3.001   1.00 49.96 ? 6   LYS A O   1 
ATOM   5    C CB  . LYS A 1 1   ? 12.547  20.845  4.618   1.00 51.22 ? 6   LYS A CB  1 
ATOM   6    C CG  . LYS A 1 1   ? 14.045  20.600  4.345   1.00 52.04 ? 6   LYS A CG  1 
ATOM   7    C CD  . LYS A 1 1   ? 14.910  20.863  5.581   1.00 52.11 ? 6   LYS A CD  1 
ATOM   8    C CE  . LYS A 1 1   ? 16.418  20.727  5.280   1.00 53.71 ? 6   LYS A CE  1 
ATOM   9    N NZ  . LYS A 1 1   ? 16.897  19.307  5.062   1.00 54.49 ? 6   LYS A NZ  1 
ATOM   10   N N   . LEU A 1 2   ? 10.027  19.170  2.574   1.00 48.27 ? 7   LEU A N   1 
ATOM   11   C CA  . LEU A 1 2   ? 9.462   17.856  2.227   1.00 46.18 ? 7   LEU A CA  1 
ATOM   12   C C   . LEU A 1 2   ? 9.217   17.039  3.485   1.00 44.91 ? 7   LEU A C   1 
ATOM   13   O O   . LEU A 1 2   ? 10.142  16.808  4.266   1.00 44.72 ? 7   LEU A O   1 
ATOM   14   C CB  . LEU A 1 2   ? 10.339  17.065  1.229   1.00 46.10 ? 7   LEU A CB  1 
ATOM   15   C CG  . LEU A 1 2   ? 10.726  17.625  -0.150  1.00 45.17 ? 7   LEU A CG  1 
ATOM   16   C CD1 . LEU A 1 2   ? 11.636  16.657  -0.879  1.00 43.80 ? 7   LEU A CD1 1 
ATOM   17   C CD2 . LEU A 1 2   ? 9.516   17.970  -1.009  1.00 45.32 ? 7   LEU A CD2 1 
ATOM   18   N N   . PRO A 1 3   ? 7.960   16.608  3.689   1.00 43.77 ? 8   PRO A N   1 
ATOM   19   C CA  . PRO A 1 3   ? 7.566   15.717  4.786   1.00 42.71 ? 8   PRO A CA  1 
ATOM   20   C C   . PRO A 1 3   ? 8.462   14.469  4.927   1.00 41.69 ? 8   PRO A C   1 
ATOM   21   O O   . PRO A 1 3   ? 9.213   14.128  3.996   1.00 41.68 ? 8   PRO A O   1 
ATOM   22   C CB  . PRO A 1 3   ? 6.114   15.329  4.429   1.00 43.07 ? 8   PRO A CB  1 
ATOM   23   C CG  . PRO A 1 3   ? 5.870   15.845  3.044   1.00 42.85 ? 8   PRO A CG  1 
ATOM   24   C CD  . PRO A 1 3   ? 6.800   16.997  2.867   1.00 43.69 ? 8   PRO A CD  1 
ATOM   25   N N   . PRO A 1 4   ? 8.416   13.805  6.099   1.00 40.55 ? 9   PRO A N   1 
ATOM   26   C CA  . PRO A 1 4   ? 9.257   12.617  6.311   1.00 39.52 ? 9   PRO A CA  1 
ATOM   27   C C   . PRO A 1 4   ? 9.187   11.557  5.202   1.00 38.57 ? 9   PRO A C   1 
ATOM   28   O O   . PRO A 1 4   ? 8.096   11.104  4.824   1.00 38.09 ? 9   PRO A O   1 
ATOM   29   C CB  . PRO A 1 4   ? 8.740   12.055  7.648   1.00 39.68 ? 9   PRO A CB  1 
ATOM   30   C CG  . PRO A 1 4   ? 8.213   13.252  8.367   1.00 40.02 ? 9   PRO A CG  1 
ATOM   31   C CD  . PRO A 1 4   ? 7.626   14.142  7.302   1.00 40.08 ? 9   PRO A CD  1 
ATOM   32   N N   . GLY A 1 5   ? 10.361  11.163  4.708   1.00 37.64 ? 10  GLY A N   1 
ATOM   33   C CA  . GLY A 1 5   ? 10.482  10.109  3.695   1.00 36.12 ? 10  GLY A CA  1 
ATOM   34   C C   . GLY A 1 5   ? 10.609  10.586  2.255   1.00 34.88 ? 10  GLY A C   1 
ATOM   35   O O   . GLY A 1 5   ? 11.042  9.838   1.401   1.00 34.32 ? 10  GLY A O   1 
ATOM   36   N N   . TRP A 1 6   ? 10.232  11.834  1.989   1.00 34.37 ? 11  TRP A N   1 
ATOM   37   C CA  . TRP A 1 6   ? 10.194  12.351  0.620   1.00 33.96 ? 11  TRP A CA  1 
ATOM   38   C C   . TRP A 1 6   ? 11.566  12.787  0.096   1.00 34.91 ? 11  TRP A C   1 
ATOM   39   O O   . TRP A 1 6   ? 12.353  13.392  0.820   1.00 34.81 ? 11  TRP A O   1 
ATOM   40   C CB  . TRP A 1 6   ? 9.178   13.489  0.494   1.00 32.21 ? 11  TRP A CB  1 
ATOM   41   C CG  . TRP A 1 6   ? 7.749   13.054  0.611   1.00 30.52 ? 11  TRP A CG  1 
ATOM   42   C CD1 . TRP A 1 6   ? 6.962   13.141  1.716   1.00 28.58 ? 11  TRP A CD1 1 
ATOM   43   C CD2 . TRP A 1 6   ? 6.932   12.467  -0.415  1.00 29.87 ? 11  TRP A CD2 1 
ATOM   44   N NE1 . TRP A 1 6   ? 5.708   12.652  1.451   1.00 28.31 ? 11  TRP A NE1 1 
ATOM   45   C CE2 . TRP A 1 6   ? 5.656   12.236  0.149   1.00 28.04 ? 11  TRP A CE2 1 
ATOM   46   C CE3 . TRP A 1 6   ? 7.152   12.110  -1.758  1.00 28.56 ? 11  TRP A CE3 1 
ATOM   47   C CZ2 . TRP A 1 6   ? 4.609   11.665  -0.576  1.00 28.82 ? 11  TRP A CZ2 1 
ATOM   48   C CZ3 . TRP A 1 6   ? 6.113   11.547  -2.477  1.00 27.80 ? 11  TRP A CZ3 1 
ATOM   49   C CH2 . TRP A 1 6   ? 4.856   11.328  -1.888  1.00 29.20 ? 11  TRP A CH2 1 
ATOM   50   N N   . GLU A 1 7   ? 11.837  12.453  -1.165  1.00 36.28 ? 12  GLU A N   1 
ATOM   51   C CA  . GLU A 1 7   ? 13.072  12.834  -1.862  1.00 37.56 ? 12  GLU A CA  1 
ATOM   52   C C   . GLU A 1 7   ? 12.725  13.284  -3.290  1.00 37.49 ? 12  GLU A C   1 
ATOM   53   O O   . GLU A 1 7   ? 11.666  12.933  -3.812  1.00 37.51 ? 12  GLU A O   1 
ATOM   54   C CB  . GLU A 1 7   ? 14.065  11.657  -1.867  1.00 37.49 ? 12  GLU A CB  1 
ATOM   55   C CG  . GLU A 1 7   ? 13.886  10.669  -3.019  1.00 39.37 ? 12  GLU A CG  1 
ATOM   56   C CD  . GLU A 1 7   ? 14.353  9.241   -2.719  1.00 39.91 ? 12  GLU A CD  1 
ATOM   57   O OE1 . GLU A 1 7   ? 14.230  8.388   -3.628  1.00 42.45 ? 12  GLU A OE1 1 
ATOM   58   O OE2 . GLU A 1 7   ? 14.824  8.956   -1.590  1.00 44.31 ? 12  GLU A OE2 1 
ATOM   59   N N   . LYS A 1 8   ? 13.599  14.076  -3.910  1.00 37.99 ? 13  LYS A N   1 
ATOM   60   C CA  . LYS A 1 8   ? 13.434  14.460  -5.308  1.00 38.25 ? 13  LYS A CA  1 
ATOM   61   C C   . LYS A 1 8   ? 14.015  13.401  -6.212  1.00 37.99 ? 13  LYS A C   1 
ATOM   62   O O   . LYS A 1 8   ? 15.079  12.836  -5.929  1.00 38.06 ? 13  LYS A O   1 
ATOM   63   C CB  . LYS A 1 8   ? 14.098  15.803  -5.623  1.00 38.97 ? 13  LYS A CB  1 
ATOM   64   C CG  . LYS A 1 8   ? 13.165  16.992  -5.547  1.00 40.75 ? 13  LYS A CG  1 
ATOM   65   C CD  . LYS A 1 8   ? 13.827  18.252  -6.087  1.00 44.49 ? 13  LYS A CD  1 
ATOM   66   C CE  . LYS A 1 8   ? 12.818  19.399  -6.166  1.00 47.33 ? 13  LYS A CE  1 
ATOM   67   N NZ  . LYS A 1 8   ? 13.454  20.745  -6.346  1.00 48.95 ? 13  LYS A NZ  1 
ATOM   68   N N   . ALA A 1 9   ? 13.300  13.122  -7.291  1.00 37.28 ? 14  ALA A N   1 
ATOM   69   C CA  . ALA A 1 9   ? 13.807  12.236  -8.320  1.00 37.32 ? 14  ALA A CA  1 
ATOM   70   C C   . ALA A 1 9   ? 13.602  12.841  -9.704  1.00 37.27 ? 14  ALA A C   1 
ATOM   71   O O   . ALA A 1 9   ? 12.914  13.846  -9.871  1.00 36.68 ? 14  ALA A O   1 
ATOM   72   C CB  . ALA A 1 9   ? 13.155  10.871  -8.222  1.00 37.20 ? 14  ALA A CB  1 
ATOM   73   N N   . MET A 1 10  ? 14.199  12.190  -10.688 1.00 37.79 ? 15  MET A N   1 
ATOM   74   C CA  . MET A 1 10  ? 14.163  12.630  -12.068 1.00 37.84 ? 15  MET A CA  1 
ATOM   75   C C   . MET A 1 10  ? 13.515  11.548  -12.904 1.00 36.94 ? 15  MET A C   1 
ATOM   76   O O   . MET A 1 10  ? 13.993  10.416  -12.918 1.00 36.70 ? 15  MET A O   1 
ATOM   77   C CB  . MET A 1 10  ? 15.603  12.857  -12.535 1.00 38.73 ? 15  MET A CB  1 
ATOM   78   C CG  . MET A 1 10  ? 15.749  13.159  -14.017 1.00 41.42 ? 15  MET A CG  1 
ATOM   79   S SD  . MET A 1 10  ? 14.905  14.688  -14.378 1.00 47.01 ? 15  MET A SD  1 
ATOM   80   C CE  . MET A 1 10  ? 15.925  15.863  -13.481 1.00 45.34 ? 15  MET A CE  1 
ATOM   81   N N   . SER A 1 11  ? 12.435  11.886  -13.607 1.00 36.39 ? 16  SER A N   1 
ATOM   82   C CA  . SER A 1 11  ? 11.777  10.906  -14.482 1.00 35.95 ? 16  SER A CA  1 
ATOM   83   C C   . SER A 1 11  ? 12.688  10.467  -15.624 1.00 35.64 ? 16  SER A C   1 
ATOM   84   O O   . SER A 1 11  ? 13.275  11.307  -16.296 1.00 35.66 ? 16  SER A O   1 
ATOM   85   C CB  . SER A 1 11  ? 10.474  11.448  -15.057 1.00 35.72 ? 16  SER A CB  1 
ATOM   86   O OG  . SER A 1 11  ? 10.060  10.647  -16.155 1.00 36.44 ? 16  SER A OG  1 
ATOM   87   N N   . ARG A 1 12  ? 12.799  9.155   -15.831 1.00 35.57 ? 17  ARG A N   1 
ATOM   88   C CA  . ARG A 1 12  ? 13.624  8.595   -16.908 1.00 35.77 ? 17  ARG A CA  1 
ATOM   89   C C   . ARG A 1 12  ? 13.032  8.846   -18.297 1.00 35.36 ? 17  ARG A C   1 
ATOM   90   O O   . ARG A 1 12  ? 13.766  9.017   -19.262 1.00 34.47 ? 17  ARG A O   1 
ATOM   91   C CB  . ARG A 1 12  ? 13.825  7.088   -16.732 1.00 35.87 ? 17  ARG A CB  1 
ATOM   92   C CG  . ARG A 1 12  ? 15.152  6.643   -16.105 1.00 38.44 ? 17  ARG A CG  1 
ATOM   93   C CD  . ARG A 1 12  ? 15.526  5.301   -16.766 1.00 42.78 ? 17  ARG A CD  1 
ATOM   94   N NE  . ARG A 1 12  ? 16.464  4.386   -16.091 1.00 44.91 ? 17  ARG A NE  1 
ATOM   95   C CZ  . ARG A 1 12  ? 17.028  4.520   -14.887 1.00 46.87 ? 17  ARG A CZ  1 
ATOM   96   N NH1 . ARG A 1 12  ? 16.810  5.581   -14.103 1.00 45.87 ? 17  ARG A NH1 1 
ATOM   97   N NH2 . ARG A 1 12  ? 17.841  3.550   -14.469 1.00 47.58 ? 17  ARG A NH2 1 
ATOM   98   N N   . SER A 1 13  ? 11.706  8.839   -18.406 1.00 35.31 ? 18  SER A N   1 
ATOM   99   C CA  . SER A 1 13  ? 11.086  8.991   -19.723 1.00 34.98 ? 18  SER A CA  1 
ATOM   100  C C   . SER A 1 13  ? 10.835  10.445  -20.144 1.00 34.67 ? 18  SER A C   1 
ATOM   101  O O   . SER A 1 13  ? 10.839  10.749  -21.341 1.00 35.22 ? 18  SER A O   1 
ATOM   102  C CB  . SER A 1 13  ? 9.826   8.123   -19.864 1.00 35.16 ? 18  SER A CB  1 
ATOM   103  O OG  . SER A 1 13  ? 8.888   8.370   -18.841 1.00 35.02 ? 18  SER A OG  1 
ATOM   104  N N   . SER A 1 14  ? 10.652  11.339  -19.172 1.00 33.93 ? 19  SER A N   1 
ATOM   105  C CA  . SER A 1 14  ? 10.245  12.714  -19.470 1.00 32.68 ? 19  SER A CA  1 
ATOM   106  C C   . SER A 1 14  ? 11.234  13.792  -19.053 1.00 32.07 ? 19  SER A C   1 
ATOM   107  O O   . SER A 1 14  ? 11.158  14.914  -19.555 1.00 30.98 ? 19  SER A O   1 
ATOM   108  C CB  . SER A 1 14  ? 8.859   13.010  -18.874 1.00 32.95 ? 19  SER A CB  1 
ATOM   109  O OG  . SER A 1 14  ? 8.920   13.251  -17.486 1.00 32.78 ? 19  SER A OG  1 
ATOM   110  N N   . GLY A 1 15  ? 12.148  13.460  -18.131 1.00 31.72 ? 20  GLY A N   1 
ATOM   111  C CA  . GLY A 1 15  ? 13.113  14.429  -17.599 1.00 30.91 ? 20  GLY A CA  1 
ATOM   112  C C   . GLY A 1 15  ? 12.505  15.410  -16.598 1.00 31.15 ? 20  GLY A C   1 
ATOM   113  O O   . GLY A 1 15  ? 13.188  16.298  -16.072 1.00 31.31 ? 20  GLY A O   1 
ATOM   114  N N   . ARG A 1 16  ? 11.216  15.262  -16.326 1.00 30.86 ? 21  ARG A N   1 
ATOM   115  C CA  . ARG A 1 16  ? 10.556  16.085  -15.331 1.00 30.75 ? 21  ARG A CA  1 
ATOM   116  C C   . ARG A 1 16  ? 10.893  15.581  -13.927 1.00 30.55 ? 21  ARG A C   1 
ATOM   117  O O   . ARG A 1 16  ? 10.967  14.369  -13.690 1.00 30.74 ? 21  ARG A O   1 
ATOM   118  C CB  . ARG A 1 16  ? 9.054   16.030  -15.568 1.00 30.95 ? 21  ARG A CB  1 
ATOM   119  C CG  . ARG A 1 16  ? 8.268   17.185  -14.975 1.00 31.58 ? 21  ARG A CG  1 
ATOM   120  C CD  . ARG A 1 16  ? 7.131   17.625  -15.890 1.00 31.94 ? 21  ARG A CD  1 
ATOM   121  N NE  . ARG A 1 16  ? 6.494   16.518  -16.603 1.00 33.12 ? 21  ARG A NE  1 
ATOM   122  C CZ  . ARG A 1 16  ? 5.459   15.811  -16.157 1.00 34.52 ? 21  ARG A CZ  1 
ATOM   123  N NH1 . ARG A 1 16  ? 4.902   16.066  -14.974 1.00 34.44 ? 21  ARG A NH1 1 
ATOM   124  N NH2 . ARG A 1 16  ? 4.972   14.838  -16.907 1.00 36.27 ? 21  ARG A NH2 1 
ATOM   125  N N   . VAL A 1 17  ? 11.100  16.507  -12.995 1.00 30.21 ? 22  VAL A N   1 
ATOM   126  C CA  . VAL A 1 17  ? 11.270  16.134  -11.593 1.00 29.62 ? 22  VAL A CA  1 
ATOM   127  C C   . VAL A 1 17  ? 9.969   15.529  -11.013 1.00 28.91 ? 22  VAL A C   1 
ATOM   128  O O   . VAL A 1 17  ? 8.854   15.911  -11.386 1.00 28.65 ? 22  VAL A O   1 
ATOM   129  C CB  . VAL A 1 17  ? 11.817  17.322  -10.692 1.00 30.01 ? 22  VAL A CB  1 
ATOM   130  C CG1 . VAL A 1 17  ? 13.036  17.995  -11.333 1.00 31.02 ? 22  VAL A CG1 1 
ATOM   131  C CG2 . VAL A 1 17  ? 10.754  18.364  -10.408 1.00 29.18 ? 22  VAL A CG2 1 
ATOM   132  N N   . TYR A 1 18  ? 10.124  14.570  -10.113 1.00 28.17 ? 23  TYR A N   1 
ATOM   133  C CA  . TYR A 1 18  ? 9.001   14.081  -9.318  1.00 27.26 ? 23  TYR A CA  1 
ATOM   134  C C   . TYR A 1 18  ? 9.458   13.788  -7.898  1.00 27.11 ? 23  TYR A C   1 
ATOM   135  O O   . TYR A 1 18  ? 10.631  13.966  -7.573  1.00 26.68 ? 23  TYR A O   1 
ATOM   136  C CB  . TYR A 1 18  ? 8.355   12.861  -9.957  1.00 26.29 ? 23  TYR A CB  1 
ATOM   137  C CG  . TYR A 1 18  ? 9.212   11.626  -9.973  1.00 26.43 ? 23  TYR A CG  1 
ATOM   138  C CD1 . TYR A 1 18  ? 9.014   10.608  -9.035  1.00 24.84 ? 23  TYR A CD1 1 
ATOM   139  C CD2 . TYR A 1 18  ? 10.202  11.450  -10.947 1.00 26.99 ? 23  TYR A CD2 1 
ATOM   140  C CE1 . TYR A 1 18  ? 9.791   9.470   -9.043  1.00 25.68 ? 23  TYR A CE1 1 
ATOM   141  C CE2 . TYR A 1 18  ? 10.986  10.316  -10.964 1.00 27.75 ? 23  TYR A CE2 1 
ATOM   142  C CZ  . TYR A 1 18  ? 10.767  9.320   -10.005 1.00 27.29 ? 23  TYR A CZ  1 
ATOM   143  O OH  . TYR A 1 18  ? 11.540  8.188   -10.016 1.00 26.05 ? 23  TYR A OH  1 
ATOM   144  N N   . TYR A 1 19  ? 8.521   13.337  -7.063  1.00 27.10 ? 24  TYR A N   1 
ATOM   145  C CA  . TYR A 1 19  ? 8.787   13.098  -5.656  1.00 27.10 ? 24  TYR A CA  1 
ATOM   146  C C   . TYR A 1 19  ? 8.484   11.646  -5.307  1.00 26.29 ? 24  TYR A C   1 
ATOM   147  O O   . TYR A 1 19  ? 7.459   11.112  -5.691  1.00 25.52 ? 24  TYR A O   1 
ATOM   148  C CB  . TYR A 1 19  ? 7.992   14.086  -4.796  1.00 28.03 ? 24  TYR A CB  1 
ATOM   149  C CG  . TYR A 1 19  ? 8.319   15.518  -5.162  1.00 30.57 ? 24  TYR A CG  1 
ATOM   150  C CD1 . TYR A 1 19  ? 7.667   16.152  -6.237  1.00 31.74 ? 24  TYR A CD1 1 
ATOM   151  C CD2 . TYR A 1 19  ? 9.318   16.222  -4.482  1.00 30.54 ? 24  TYR A CD2 1 
ATOM   152  C CE1 . TYR A 1 19  ? 7.988   17.464  -6.608  1.00 33.42 ? 24  TYR A CE1 1 
ATOM   153  C CE2 . TYR A 1 19  ? 9.646   17.526  -4.838  1.00 32.50 ? 24  TYR A CE2 1 
ATOM   154  C CZ  . TYR A 1 19  ? 8.976   18.141  -5.895  1.00 33.37 ? 24  TYR A CZ  1 
ATOM   155  O OH  . TYR A 1 19  ? 9.291   19.433  -6.240  1.00 34.15 ? 24  TYR A OH  1 
ATOM   156  N N   . PHE A 1 20  ? 9.419   11.031  -4.599  1.00 25.84 ? 25  PHE A N   1 
ATOM   157  C CA  . PHE A 1 20  ? 9.335   9.643   -4.158  1.00 25.82 ? 25  PHE A CA  1 
ATOM   158  C C   . PHE A 1 20  ? 9.497   9.608   -2.626  1.00 24.91 ? 25  PHE A C   1 
ATOM   159  O O   . PHE A 1 20  ? 10.270  10.371  -2.057  1.00 25.02 ? 25  PHE A O   1 
ATOM   160  C CB  . PHE A 1 20  ? 10.429  8.830   -4.849  1.00 25.60 ? 25  PHE A CB  1 
ATOM   161  C CG  . PHE A 1 20  ? 10.529  7.414   -4.382  1.00 28.11 ? 25  PHE A CG  1 
ATOM   162  C CD1 . PHE A 1 20  ? 9.542   6.473   -4.713  1.00 28.20 ? 25  PHE A CD1 1 
ATOM   163  C CD2 . PHE A 1 20  ? 11.623  6.999   -3.612  1.00 29.55 ? 25  PHE A CD2 1 
ATOM   164  C CE1 . PHE A 1 20  ? 9.633   5.139   -4.265  1.00 27.89 ? 25  PHE A CE1 1 
ATOM   165  C CE2 . PHE A 1 20  ? 11.714  5.655   -3.166  1.00 29.69 ? 25  PHE A CE2 1 
ATOM   166  C CZ  . PHE A 1 20  ? 10.698  4.737   -3.503  1.00 26.80 ? 25  PHE A CZ  1 
ATOM   167  N N   . ASN A 1 21  ? 8.736   8.744   -1.972  1.00 24.13 ? 26  ASN A N   1 
ATOM   168  C CA  . ASN A 1 21  ? 8.848   8.547   -0.531  1.00 22.69 ? 26  ASN A CA  1 
ATOM   169  C C   . ASN A 1 21  ? 9.382   7.153   -0.269  1.00 22.29 ? 26  ASN A C   1 
ATOM   170  O O   . ASN A 1 21  ? 8.766   6.176   -0.692  1.00 22.07 ? 26  ASN A O   1 
ATOM   171  C CB  . ASN A 1 21  ? 7.490   8.745   0.147   1.00 22.39 ? 26  ASN A CB  1 
ATOM   172  C CG  . ASN A 1 21  ? 7.601   8.828   1.658   1.00 22.26 ? 26  ASN A CG  1 
ATOM   173  O OD1 . ASN A 1 21  ? 8.081   7.898   2.315   1.00 20.30 ? 26  ASN A OD1 1 
ATOM   174  N ND2 . ASN A 1 21  ? 7.151   9.937   2.217   1.00 20.83 ? 26  ASN A ND2 1 
ATOM   175  N N   . HIS A 1 22  ? 10.527  7.063   0.414   1.00 21.51 ? 27  HIS A N   1 
ATOM   176  C CA  . HIS A 1 22  ? 11.224  5.779   0.569   1.00 21.77 ? 27  HIS A CA  1 
ATOM   177  C C   . HIS A 1 22  ? 10.667  4.926   1.714   1.00 21.47 ? 27  HIS A C   1 
ATOM   178  O O   . HIS A 1 22  ? 11.109  3.806   1.915   1.00 21.31 ? 27  HIS A O   1 
ATOM   179  C CB  . HIS A 1 22  ? 12.766  5.951   0.689   1.00 21.00 ? 27  HIS A CB  1 
ATOM   180  C CG  . HIS A 1 22  ? 13.196  6.848   1.807   1.00 22.04 ? 27  HIS A CG  1 
ATOM   181  N ND1 . HIS A 1 22  ? 13.297  6.419   3.115   1.00 24.03 ? 27  HIS A ND1 1 
ATOM   182  C CD2 . HIS A 1 22  ? 13.553  8.156   1.811   1.00 23.79 ? 27  HIS A CD2 1 
ATOM   183  C CE1 . HIS A 1 22  ? 13.694  7.426   3.875   1.00 24.73 ? 27  HIS A CE1 1 
ATOM   184  N NE2 . HIS A 1 22  ? 13.855  8.491   3.109   1.00 23.41 ? 27  HIS A NE2 1 
ATOM   185  N N   . ILE A 1 23  ? 9.700   5.466   2.445   1.00 22.01 ? 28  ILE A N   1 
ATOM   186  C CA  . ILE A 1 23  ? 9.015   4.736   3.498   1.00 23.11 ? 28  ILE A CA  1 
ATOM   187  C C   . ILE A 1 23  ? 7.724   4.138   2.925   1.00 23.36 ? 28  ILE A C   1 
ATOM   188  O O   . ILE A 1 23  ? 7.493   2.932   3.047   1.00 23.61 ? 28  ILE A O   1 
ATOM   189  C CB  . ILE A 1 23  ? 8.750   5.632   4.751   1.00 23.40 ? 28  ILE A CB  1 
ATOM   190  C CG1 . ILE A 1 23  ? 10.050  6.298   5.216   1.00 23.94 ? 28  ILE A CG1 1 
ATOM   191  C CG2 . ILE A 1 23  ? 8.190   4.797   5.899   1.00 24.75 ? 28  ILE A CG2 1 
ATOM   192  C CD1 . ILE A 1 23  ? 9.867   7.467   6.196   1.00 23.92 ? 28  ILE A CD1 1 
ATOM   193  N N   . THR A 1 24  ? 6.914   4.970   2.257   1.00 22.98 ? 29  THR A N   1 
ATOM   194  C CA  . THR A 1 24  ? 5.597   4.540   1.746   1.00 22.07 ? 29  THR A CA  1 
ATOM   195  C C   . THR A 1 24  ? 5.661   3.975   0.336   1.00 22.21 ? 29  THR A C   1 
ATOM   196  O O   . THR A 1 24  ? 4.739   3.293   -0.095  1.00 21.96 ? 29  THR A O   1 
ATOM   197  C CB  . THR A 1 24  ? 4.566   5.689   1.758   1.00 21.92 ? 29  THR A CB  1 
ATOM   198  O OG1 . THR A 1 24  ? 4.951   6.678   0.796   1.00 20.94 ? 29  THR A OG1 1 
ATOM   199  C CG2 . THR A 1 24  ? 4.469   6.337   3.138   1.00 19.77 ? 29  THR A CG2 1 
ATOM   200  N N   . ASN A 1 25  ? 6.761   4.256   -0.375  1.00 22.71 ? 30  ASN A N   1 
ATOM   201  C CA  . ASN A 1 25  ? 6.915   3.917   -1.815  1.00 21.98 ? 30  ASN A CA  1 
ATOM   202  C C   . ASN A 1 25  ? 5.922   4.694   -2.714  1.00 22.02 ? 30  ASN A C   1 
ATOM   203  O O   . ASN A 1 25  ? 5.679   4.326   -3.868  1.00 22.14 ? 30  ASN A O   1 
ATOM   204  C CB  . ASN A 1 25  ? 6.883   2.379   -2.054  1.00 21.61 ? 30  ASN A CB  1 
ATOM   205  C CG  . ASN A 1 25  ? 8.115   1.662   -1.458  1.00 21.05 ? 30  ASN A CG  1 
ATOM   206  O OD1 . ASN A 1 25  ? 8.030   0.549   -0.894  1.00 22.12 ? 30  ASN A OD1 1 
ATOM   207  N ND2 . ASN A 1 25  ? 9.247   2.318   -1.548  1.00 16.87 ? 30  ASN A ND2 1 
ATOM   208  N N   . ALA A 1 26  ? 5.358   5.775   -2.176  1.00 21.98 ? 31  ALA A N   1 
ATOM   209  C CA  . ALA A 1 26  ? 4.524   6.678   -2.970  1.00 22.47 ? 31  ALA A CA  1 
ATOM   210  C C   . ALA A 1 26  ? 5.393   7.449   -3.968  1.00 23.04 ? 31  ALA A C   1 
ATOM   211  O O   . ALA A 1 26  ? 6.571   7.747   -3.694  1.00 23.37 ? 31  ALA A O   1 
ATOM   212  C CB  . ALA A 1 26  ? 3.770   7.623   -2.095  1.00 21.84 ? 31  ALA A CB  1 
ATOM   213  N N   . SER A 1 27  ? 4.783   7.758   -5.110  1.00 23.11 ? 32  SER A N   1 
ATOM   214  C CA  . SER A 1 27  ? 5.401   8.452   -6.232  1.00 23.88 ? 32  SER A CA  1 
ATOM   215  C C   . SER A 1 27  ? 4.400   9.471   -6.753  1.00 24.21 ? 32  SER A C   1 
ATOM   216  O O   . SER A 1 27  ? 3.263   9.105   -7.023  1.00 24.09 ? 32  SER A O   1 
ATOM   217  C CB  . SER A 1 27  ? 5.655   7.458   -7.349  1.00 23.28 ? 32  SER A CB  1 
ATOM   218  O OG  . SER A 1 27  ? 7.002   7.137   -7.378  1.00 27.73 ? 32  SER A OG  1 
ATOM   219  N N   . GLN A 1 28  ? 4.818   10.725  -6.917  1.00 24.51 ? 33  GLN A N   1 
ATOM   220  C CA  . GLN A 1 28  ? 3.954   11.753  -7.505  1.00 25.40 ? 33  GLN A CA  1 
ATOM   221  C C   . GLN A 1 28  ? 4.726   12.896  -8.198  1.00 25.47 ? 33  GLN A C   1 
ATOM   222  O O   . GLN A 1 28  ? 5.874   13.183  -7.844  1.00 25.01 ? 33  GLN A O   1 
ATOM   223  C CB  . GLN A 1 28  ? 2.958   12.304  -6.464  1.00 25.17 ? 33  GLN A CB  1 
ATOM   224  C CG  . GLN A 1 28  ? 3.598   13.006  -5.254  1.00 25.14 ? 33  GLN A CG  1 
ATOM   225  C CD  . GLN A 1 28  ? 2.606   13.224  -4.120  1.00 26.33 ? 33  GLN A CD  1 
ATOM   226  O OE1 . GLN A 1 28  ? 2.608   14.274  -3.471  1.00 28.63 ? 33  GLN A OE1 1 
ATOM   227  N NE2 . GLN A 1 28  ? 1.744   12.226  -3.876  1.00 25.08 ? 33  GLN A NE2 1 
ATOM   228  N N   . TRP A 1 29  ? 4.084   13.520  -9.189  1.00 26.01 ? 34  TRP A N   1 
ATOM   229  C CA  . TRP A 1 29  ? 4.611   14.727  -9.854  1.00 26.98 ? 34  TRP A CA  1 
ATOM   230  C C   . TRP A 1 29  ? 4.593   15.930  -8.937  1.00 29.01 ? 34  TRP A C   1 
ATOM   231  O O   . TRP A 1 29  ? 5.505   16.749  -8.945  1.00 29.84 ? 34  TRP A O   1 
ATOM   232  C CB  . TRP A 1 29  ? 3.787   15.078  -11.111 1.00 25.72 ? 34  TRP A CB  1 
ATOM   233  C CG  . TRP A 1 29  ? 3.854   14.058  -12.188 1.00 23.00 ? 34  TRP A CG  1 
ATOM   234  C CD1 . TRP A 1 29  ? 2.824   13.358  -12.686 1.00 21.43 ? 34  TRP A CD1 1 
ATOM   235  C CD2 . TRP A 1 29  ? 5.029   13.613  -12.879 1.00 21.62 ? 34  TRP A CD2 1 
ATOM   236  N NE1 . TRP A 1 29  ? 3.259   12.505  -13.664 1.00 23.22 ? 34  TRP A NE1 1 
ATOM   237  C CE2 . TRP A 1 29  ? 4.617   12.639  -13.801 1.00 22.43 ? 34  TRP A CE2 1 
ATOM   238  C CE3 . TRP A 1 29  ? 6.389   13.967  -12.821 1.00 21.79 ? 34  TRP A CE3 1 
ATOM   239  C CZ2 . TRP A 1 29  ? 5.508   11.990  -14.658 1.00 22.55 ? 34  TRP A CZ2 1 
ATOM   240  C CZ3 . TRP A 1 29  ? 7.279   13.329  -13.659 1.00 22.44 ? 34  TRP A CZ3 1 
ATOM   241  C CH2 . TRP A 1 29  ? 6.834   12.345  -14.574 1.00 24.06 ? 34  TRP A CH2 1 
ATOM   242  N N   . GLU A 1 30  ? 3.529   16.034  -8.156  1.00 31.75 ? 35  GLU A N   1 
ATOM   243  C CA  . GLU A 1 30  ? 3.257   17.195  -7.313  1.00 33.92 ? 35  GLU A CA  1 
ATOM   244  C C   . GLU A 1 30  ? 4.178   17.259  -6.094  1.00 35.62 ? 35  GLU A C   1 
ATOM   245  O O   . GLU A 1 30  ? 4.533   16.223  -5.517  1.00 35.90 ? 35  GLU A O   1 
ATOM   246  C CB  . GLU A 1 30  ? 1.789   17.149  -6.870  1.00 34.20 ? 35  GLU A CB  1 
ATOM   247  C CG  . GLU A 1 30  ? 0.743   17.168  -8.026  1.00 33.95 ? 35  GLU A CG  1 
ATOM   248  C CD  . GLU A 1 30  ? 0.567   15.822  -8.743  1.00 34.76 ? 35  GLU A CD  1 
ATOM   249  O OE1 . GLU A 1 30  ? 0.052   15.816  -9.901  1.00 31.36 ? 35  GLU A OE1 1 
ATOM   250  O OE2 . GLU A 1 30  ? 0.953   14.775  -8.157  1.00 34.61 ? 35  GLU A OE2 1 
ATOM   251  N N   . ARG A 1 31  ? 4.570   18.469  -5.701  1.00 37.78 ? 36  ARG A N   1 
ATOM   252  C CA  . ARG A 1 31  ? 5.376   18.648  -4.497  1.00 40.30 ? 36  ARG A CA  1 
ATOM   253  C C   . ARG A 1 31  ? 4.541   18.338  -3.266  1.00 41.51 ? 36  ARG A C   1 
ATOM   254  O O   . ARG A 1 31  ? 3.477   18.938  -3.087  1.00 41.66 ? 36  ARG A O   1 
ATOM   255  C CB  . ARG A 1 31  ? 5.958   20.061  -4.391  1.00 40.62 ? 36  ARG A CB  1 
ATOM   256  C CG  . ARG A 1 31  ? 7.271   20.072  -3.623  1.00 42.77 ? 36  ARG A CG  1 
ATOM   257  C CD  . ARG A 1 31  ? 7.754   21.453  -3.222  1.00 47.12 ? 36  ARG A CD  1 
ATOM   258  N NE  . ARG A 1 31  ? 8.844   21.339  -2.247  1.00 50.12 ? 36  ARG A NE  1 
ATOM   259  C CZ  . ARG A 1 31  ? 10.141  21.347  -2.553  1.00 51.29 ? 36  ARG A CZ  1 
ATOM   260  N NH1 . ARG A 1 31  ? 10.531  21.486  -3.812  1.00 51.84 ? 36  ARG A NH1 1 
ATOM   261  N NH2 . ARG A 1 31  ? 11.053  21.224  -1.592  1.00 52.41 ? 36  ARG A NH2 1 
ATOM   262  N N   . PRO A 1 32  ? 5.021   17.402  -2.413  1.00 42.96 ? 37  PRO A N   1 
ATOM   263  C CA  . PRO A 1 32  ? 4.235   16.975  -1.258  1.00 44.31 ? 37  PRO A CA  1 
ATOM   264  C C   . PRO A 1 32  ? 4.119   18.079  -0.199  1.00 45.50 ? 37  PRO A C   1 
ATOM   265  O O   . PRO A 1 32  ? 5.122   18.709  0.163   1.00 45.77 ? 37  PRO A O   1 
ATOM   266  C CB  . PRO A 1 32  ? 5.035   15.783  -0.716  1.00 44.19 ? 37  PRO A CB  1 
ATOM   267  C CG  . PRO A 1 32  ? 6.431   16.058  -1.123  1.00 43.46 ? 37  PRO A CG  1 
ATOM   268  C CD  . PRO A 1 32  ? 6.320   16.705  -2.469  1.00 42.95 ? 37  PRO A CD  1 
ATOM   269  N N   . SER A 1 33  ? 2.887   18.317  0.250   1.00 46.78 ? 38  SER A N   1 
ATOM   270  C CA  . SER A 1 33  ? 2.591   19.226  1.359   1.00 47.84 ? 38  SER A CA  1 
ATOM   271  C C   . SER A 1 33  ? 1.145   19.015  1.820   1.00 48.20 ? 38  SER A C   1 
ATOM   272  O O   . SER A 1 33  ? 0.370   18.297  1.174   1.00 48.33 ? 38  SER A O   1 
ATOM   273  C CB  . SER A 1 33  ? 2.856   20.701  0.980   1.00 48.20 ? 38  SER A CB  1 
ATOM   274  O OG  . SER A 1 33  ? 2.354   21.601  1.967   1.00 49.13 ? 38  SER A OG  1 
ATOM   275  N N   . GLU A 1 46  ? 3.830   13.438  15.708  1.00 49.40 ? 51  GLU A N   1 
ATOM   276  C CA  . GLU A 1 46  ? 2.979   12.523  14.957  1.00 49.12 ? 51  GLU A CA  1 
ATOM   277  C C   . GLU A 1 46  ? 1.796   12.033  15.816  1.00 48.92 ? 51  GLU A C   1 
ATOM   278  O O   . GLU A 1 46  ? 1.879   12.070  17.049  1.00 49.06 ? 51  GLU A O   1 
ATOM   279  C CB  . GLU A 1 46  ? 3.804   11.351  14.381  1.00 49.24 ? 51  GLU A CB  1 
ATOM   280  C CG  . GLU A 1 46  ? 4.326   10.328  15.395  1.00 49.01 ? 51  GLU A CG  1 
ATOM   281  C CD  . GLU A 1 46  ? 4.850   9.056   14.736  1.00 48.97 ? 51  GLU A CD  1 
ATOM   282  O OE1 . GLU A 1 46  ? 4.771   7.983   15.371  1.00 48.76 ? 51  GLU A OE1 1 
ATOM   283  O OE2 . GLU A 1 46  ? 5.332   9.121   13.584  1.00 48.98 ? 51  GLU A OE2 1 
ATOM   284  N N   . PRO A 1 47  ? 0.685   11.586  15.167  1.00 48.28 ? 52  PRO A N   1 
ATOM   285  C CA  . PRO A 1 47  ? -0.503  11.155  15.903  1.00 47.23 ? 52  PRO A CA  1 
ATOM   286  C C   . PRO A 1 47  ? -0.237  9.924   16.758  1.00 46.08 ? 52  PRO A C   1 
ATOM   287  O O   . PRO A 1 47  ? 0.692   9.165   16.480  1.00 46.32 ? 52  PRO A O   1 
ATOM   288  C CB  . PRO A 1 47  ? -1.495  10.801  14.785  1.00 47.45 ? 52  PRO A CB  1 
ATOM   289  C CG  . PRO A 1 47  ? -0.638  10.482  13.611  1.00 47.66 ? 52  PRO A CG  1 
ATOM   290  C CD  . PRO A 1 47  ? 0.478   11.465  13.710  1.00 48.25 ? 52  PRO A CD  1 
ATOM   291  N N   . ALA A 1 48  ? -1.052  9.749   17.792  1.00 44.31 ? 53  ALA A N   1 
ATOM   292  C CA  . ALA A 1 48  ? -1.008  8.563   18.630  1.00 42.39 ? 53  ALA A CA  1 
ATOM   293  C C   . ALA A 1 48  ? -1.462  7.344   17.834  1.00 40.97 ? 53  ALA A C   1 
ATOM   294  O O   . ALA A 1 48  ? -0.847  6.274   17.902  1.00 40.50 ? 53  ALA A O   1 
ATOM   295  C CB  . ALA A 1 48  ? -1.887  8.759   19.872  1.00 42.55 ? 53  ALA A CB  1 
ATOM   296  N N   . ARG A 1 49  ? -2.549  7.523   17.084  1.00 38.96 ? 54  ARG A N   1 
ATOM   297  C CA  . ARG A 1 49  ? -3.135  6.463   16.283  1.00 36.98 ? 54  ARG A CA  1 
ATOM   298  C C   . ARG A 1 49  ? -3.413  6.930   14.849  1.00 34.74 ? 54  ARG A C   1 
ATOM   299  O O   . ARG A 1 49  ? -3.647  8.122   14.593  1.00 33.61 ? 54  ARG A O   1 
ATOM   300  C CB  . ARG A 1 49  ? -4.431  5.957   16.941  1.00 36.87 ? 54  ARG A CB  1 
ATOM   301  C CG  . ARG A 1 49  ? -4.245  4.751   17.877  1.00 38.96 ? 54  ARG A CG  1 
ATOM   302  C CD  . ARG A 1 49  ? -5.260  4.647   19.029  1.00 39.21 ? 54  ARG A CD  1 
ATOM   303  N NE  . ARG A 1 49  ? -6.617  5.110   18.705  1.00 44.46 ? 54  ARG A NE  1 
ATOM   304  C CZ  . ARG A 1 49  ? -7.694  4.326   18.601  1.00 46.75 ? 54  ARG A CZ  1 
ATOM   305  N NH1 . ARG A 1 49  ? -7.600  3.008   18.774  1.00 48.20 ? 54  ARG A NH1 1 
ATOM   306  N NH2 . ARG A 1 49  ? -8.876  4.862   18.314  1.00 47.92 ? 54  ARG A NH2 1 
ATOM   307  N N   . VAL A 1 50  ? -3.385  5.970   13.923  1.00 32.00 ? 55  VAL A N   1 
ATOM   308  C CA  . VAL A 1 50  ? -3.883  6.186   12.569  1.00 29.29 ? 55  VAL A CA  1 
ATOM   309  C C   . VAL A 1 50  ? -4.893  5.107   12.228  1.00 28.12 ? 55  VAL A C   1 
ATOM   310  O O   . VAL A 1 50  ? -4.856  4.001   12.778  1.00 27.72 ? 55  VAL A O   1 
ATOM   311  C CB  . VAL A 1 50  ? -2.744  6.209   11.485  1.00 29.17 ? 55  VAL A CB  1 
ATOM   312  C CG1 . VAL A 1 50  ? -1.773  7.323   11.773  1.00 27.66 ? 55  VAL A CG1 1 
ATOM   313  C CG2 . VAL A 1 50  ? -2.028  4.842   11.376  1.00 27.31 ? 55  VAL A CG2 1 
ATOM   314  N N   . ARG A 1 51  ? -5.787  5.443   11.310  1.00 26.12 ? 56  ARG A N   1 
ATOM   315  C CA  . ARG A 1 51  ? -6.697  4.481   10.726  1.00 25.12 ? 56  ARG A CA  1 
ATOM   316  C C   . ARG A 1 51  ? -6.324  4.286   9.256   1.00 24.11 ? 56  ARG A C   1 
ATOM   317  O O   . ARG A 1 51  ? -6.108  5.269   8.546   1.00 23.88 ? 56  ARG A O   1 
ATOM   318  C CB  . ARG A 1 51  ? -8.135  4.985   10.857  1.00 24.88 ? 56  ARG A CB  1 
ATOM   319  C CG  . ARG A 1 51  ? -9.159  3.928   10.615  1.00 25.50 ? 56  ARG A CG  1 
ATOM   320  C CD  . ARG A 1 51  ? -10.528 4.518   10.422  1.00 26.70 ? 56  ARG A CD  1 
ATOM   321  N NE  . ARG A 1 51  ? -11.511 3.477   10.143  1.00 27.46 ? 56  ARG A NE  1 
ATOM   322  C CZ  . ARG A 1 51  ? -12.825 3.632   10.278  1.00 28.45 ? 56  ARG A CZ  1 
ATOM   323  N NH1 . ARG A 1 51  ? -13.329 4.786   10.723  1.00 26.82 ? 56  ARG A NH1 1 
ATOM   324  N NH2 . ARG A 1 51  ? -13.631 2.624   9.982   1.00 26.02 ? 56  ARG A NH2 1 
ATOM   325  N N   . CYS A 1 52  ? -6.247  3.025   8.813   1.00 22.93 ? 57  CYS A N   1 
ATOM   326  C CA  . CYS A 1 52  ? -5.881  2.696   7.445   1.00 22.07 ? 57  CYS A CA  1 
ATOM   327  C C   . CYS A 1 52  ? -6.739  1.579   6.889   1.00 22.20 ? 57  CYS A C   1 
ATOM   328  O O   . CYS A 1 52  ? -7.246  0.739   7.643   1.00 21.93 ? 57  CYS A O   1 
ATOM   329  C CB  . CYS A 1 52  ? -4.401  2.255   7.364   1.00 22.20 ? 57  CYS A CB  1 
ATOM   330  S SG  . CYS A 1 52  ? -3.234  3.558   7.774   1.00 20.90 ? 57  CYS A SG  1 
ATOM   331  N N   . SER A 1 53  ? -6.890  1.577   5.564   1.00 21.11 ? 58  SER A N   1 
ATOM   332  C CA  . SER A 1 53  ? -7.319  0.395   4.835   1.00 20.33 ? 58  SER A CA  1 
ATOM   333  C C   . SER A 1 53  ? -6.120  -0.139  4.058   1.00 20.05 ? 58  SER A C   1 
ATOM   334  O O   . SER A 1 53  ? -5.124  0.569   3.867   1.00 20.77 ? 58  SER A O   1 
ATOM   335  C CB  . SER A 1 53  ? -8.469  0.719   3.884   1.00 19.96 ? 58  SER A CB  1 
ATOM   336  O OG  . SER A 1 53  ? -9.575  1.265   4.575   1.00 20.51 ? 58  SER A OG  1 
ATOM   337  N N   . HIS A 1 54  ? -6.197  -1.383  3.619   1.00 19.87 ? 59  HIS A N   1 
ATOM   338  C CA  . HIS A 1 54  ? -5.148  -1.936  2.773   1.00 20.29 ? 59  HIS A CA  1 
ATOM   339  C C   . HIS A 1 54  ? -5.684  -2.981  1.813   1.00 20.44 ? 59  HIS A C   1 
ATOM   340  O O   . HIS A 1 54  ? -6.797  -3.496  1.958   1.00 20.25 ? 59  HIS A O   1 
ATOM   341  C CB  . HIS A 1 54  ? -3.925  -2.444  3.585   1.00 20.06 ? 59  HIS A CB  1 
ATOM   342  C CG  . HIS A 1 54  ? -4.076  -3.838  4.118   1.00 21.22 ? 59  HIS A CG  1 
ATOM   343  N ND1 . HIS A 1 54  ? -5.149  -4.234  4.887   1.00 24.38 ? 59  HIS A ND1 1 
ATOM   344  C CD2 . HIS A 1 54  ? -3.277  -4.925  4.005   1.00 21.18 ? 59  HIS A CD2 1 
ATOM   345  C CE1 . HIS A 1 54  ? -5.016  -5.510  5.204   1.00 23.89 ? 59  HIS A CE1 1 
ATOM   346  N NE2 . HIS A 1 54  ? -3.887  -5.950  4.684   1.00 24.19 ? 59  HIS A NE2 1 
ATOM   347  N N   . LEU A 1 55  ? -4.880  -3.254  0.799   1.00 20.85 ? 60  LEU A N   1 
ATOM   348  C CA  . LEU A 1 55  ? -5.157  -4.300  -0.160  1.00 21.43 ? 60  LEU A CA  1 
ATOM   349  C C   . LEU A 1 55  ? -3.874  -5.125  -0.139  1.00 21.84 ? 60  LEU A C   1 
ATOM   350  O O   . LEU A 1 55  ? -2.807  -4.634  -0.526  1.00 21.62 ? 60  LEU A O   1 
ATOM   351  C CB  . LEU A 1 55  ? -5.399  -3.692  -1.546  1.00 20.50 ? 60  LEU A CB  1 
ATOM   352  C CG  . LEU A 1 55  ? -5.987  -4.580  -2.639  1.00 22.09 ? 60  LEU A CG  1 
ATOM   353  C CD1 . LEU A 1 55  ? -6.493  -3.714  -3.820  1.00 24.42 ? 60  LEU A CD1 1 
ATOM   354  C CD2 . LEU A 1 55  ? -5.033  -5.659  -3.135  1.00 19.98 ? 60  LEU A CD2 1 
ATOM   355  N N   . LEU A 1 56  ? -3.979  -6.360  0.353   1.00 22.10 ? 61  LEU A N   1 
ATOM   356  C CA  . LEU A 1 56  ? -2.850  -7.267  0.422   1.00 21.87 ? 61  LEU A CA  1 
ATOM   357  C C   . LEU A 1 56  ? -2.905  -8.262  -0.744  1.00 22.53 ? 61  LEU A C   1 
ATOM   358  O O   . LEU A 1 56  ? -3.939  -8.833  -1.024  1.00 22.13 ? 61  LEU A O   1 
ATOM   359  C CB  . LEU A 1 56  ? -2.868  -8.022  1.758   1.00 21.95 ? 61  LEU A CB  1 
ATOM   360  C CG  . LEU A 1 56  ? -1.874  -9.173  1.996   1.00 22.30 ? 61  LEU A CG  1 
ATOM   361  C CD1 . LEU A 1 56  ? -0.430  -8.654  2.114   1.00 19.92 ? 61  LEU A CD1 1 
ATOM   362  C CD2 . LEU A 1 56  ? -2.250  -9.941  3.262   1.00 21.73 ? 61  LEU A CD2 1 
ATOM   363  N N   . VAL A 1 57  ? -1.786  -8.438  -1.434  1.00 23.13 ? 62  VAL A N   1 
ATOM   364  C CA  . VAL A 1 57  ? -1.629  -9.542  -2.355  1.00 23.95 ? 62  VAL A CA  1 
ATOM   365  C C   . VAL A 1 57  ? -0.507  -10.403 -1.788  1.00 24.99 ? 62  VAL A C   1 
ATOM   366  O O   . VAL A 1 57  ? 0.638   -9.959  -1.634  1.00 24.65 ? 62  VAL A O   1 
ATOM   367  C CB  . VAL A 1 57  ? -1.315  -9.079  -3.809  1.00 24.27 ? 62  VAL A CB  1 
ATOM   368  C CG1 . VAL A 1 57  ? -1.139  -10.282 -4.741  1.00 23.09 ? 62  VAL A CG1 1 
ATOM   369  C CG2 . VAL A 1 57  ? -2.432  -8.183  -4.340  1.00 22.71 ? 62  VAL A CG2 1 
ATOM   370  N N   . LYS A 1 58  ? -0.869  -11.629 -1.437  1.00 26.29 ? 63  LYS A N   1 
ATOM   371  C CA  . LYS A 1 58  ? 0.081   -12.600 -0.938  1.00 27.58 ? 63  LYS A CA  1 
ATOM   372  C C   . LYS A 1 58  ? 0.751   -13.285 -2.109  1.00 28.16 ? 63  LYS A C   1 
ATOM   373  O O   . LYS A 1 58  ? 0.244   -13.263 -3.247  1.00 28.34 ? 63  LYS A O   1 
ATOM   374  C CB  . LYS A 1 58  ? -0.628  -13.640 -0.047  1.00 27.39 ? 63  LYS A CB  1 
ATOM   375  C CG  . LYS A 1 58  ? -1.075  -13.072 1.296   1.00 27.18 ? 63  LYS A CG  1 
ATOM   376  C CD  . LYS A 1 58  ? -1.900  -14.096 2.086   1.00 29.37 ? 63  LYS A CD  1 
ATOM   377  C CE  . LYS A 1 58  ? -2.071  -13.666 3.532   1.00 29.37 ? 63  LYS A CE  1 
ATOM   378  N NZ  . LYS A 1 58  ? -2.616  -14.786 4.320   1.00 32.50 ? 63  LYS A NZ  1 
ATOM   379  N N   . HIS A 1 59  ? 1.900   -13.880 -1.809  1.00 28.66 ? 64  HIS A N   1 
ATOM   380  C CA  . HIS A 1 59  ? 2.654   -14.692 -2.745  1.00 29.41 ? 64  HIS A CA  1 
ATOM   381  C C   . HIS A 1 59  ? 3.144   -15.967 -2.023  1.00 30.57 ? 64  HIS A C   1 
ATOM   382  O O   . HIS A 1 59  ? 2.862   -16.161 -0.827  1.00 30.22 ? 64  HIS A O   1 
ATOM   383  C CB  . HIS A 1 59  ? 3.832   -13.897 -3.297  1.00 28.41 ? 64  HIS A CB  1 
ATOM   384  C CG  . HIS A 1 59  ? 4.618   -13.176 -2.247  1.00 27.45 ? 64  HIS A CG  1 
ATOM   385  N ND1 . HIS A 1 59  ? 5.543   -13.805 -1.444  1.00 25.77 ? 64  HIS A ND1 1 
ATOM   386  C CD2 . HIS A 1 59  ? 4.621   -11.874 -1.875  1.00 26.11 ? 64  HIS A CD2 1 
ATOM   387  C CE1 . HIS A 1 59  ? 6.069   -12.929 -0.610  1.00 25.37 ? 64  HIS A CE1 1 
ATOM   388  N NE2 . HIS A 1 59  ? 5.538   -11.746 -0.860  1.00 25.58 ? 64  HIS A NE2 1 
ATOM   389  N N   . SER A 1 60  ? 3.887   -16.809 -2.745  1.00 31.53 ? 65  SER A N   1 
ATOM   390  C CA  . SER A 1 60  ? 4.418   -18.075 -2.200  1.00 32.56 ? 65  SER A CA  1 
ATOM   391  C C   . SER A 1 60  ? 5.414   -17.962 -1.020  1.00 33.22 ? 65  SER A C   1 
ATOM   392  O O   . SER A 1 60  ? 5.608   -18.932 -0.287  1.00 33.94 ? 65  SER A O   1 
ATOM   393  C CB  . SER A 1 60  ? 5.023   -18.908 -3.321  1.00 32.16 ? 65  SER A CB  1 
ATOM   394  O OG  . SER A 1 60  ? 6.184   -18.281 -3.823  1.00 33.07 ? 65  SER A OG  1 
ATOM   395  N N   . GLN A 1 61  ? 6.032   -16.795 -0.832  1.00 33.64 ? 66  GLN A N   1 
ATOM   396  C CA  . GLN A 1 61  ? 6.952   -16.573 0.296   1.00 34.36 ? 66  GLN A CA  1 
ATOM   397  C C   . GLN A 1 61  ? 6.296   -15.817 1.455   1.00 34.38 ? 66  GLN A C   1 
ATOM   398  O O   . GLN A 1 61  ? 6.974   -15.396 2.410   1.00 34.20 ? 66  GLN A O   1 
ATOM   399  C CB  . GLN A 1 61  ? 8.221   -15.849 -0.156  1.00 34.56 ? 66  GLN A CB  1 
ATOM   400  C CG  . GLN A 1 61  ? 9.134   -16.680 -1.066  1.00 35.23 ? 66  GLN A CG  1 
ATOM   401  C CD  . GLN A 1 61  ? 10.482  -16.008 -1.302  1.00 35.87 ? 66  GLN A CD  1 
ATOM   402  O OE1 . GLN A 1 61  ? 11.269  -15.790 -0.354  1.00 35.75 ? 66  GLN A OE1 1 
ATOM   403  N NE2 . GLN A 1 61  ? 10.762  -15.681 -2.572  1.00 34.35 ? 66  GLN A NE2 1 
ATOM   404  N N   . SER A 1 62  ? 4.975   -15.660 1.367   1.00 34.44 ? 67  SER A N   1 
ATOM   405  C CA  . SER A 1 62  ? 4.176   -15.098 2.454   1.00 34.72 ? 67  SER A CA  1 
ATOM   406  C C   . SER A 1 62  ? 4.224   -16.015 3.682   1.00 34.84 ? 67  SER A C   1 
ATOM   407  O O   . SER A 1 62  ? 4.225   -17.245 3.544   1.00 34.35 ? 67  SER A O   1 
ATOM   408  C CB  . SER A 1 62  ? 2.727   -14.876 1.983   1.00 34.75 ? 67  SER A CB  1 
ATOM   409  O OG  . SER A 1 62  ? 2.651   -13.864 0.982   1.00 32.84 ? 67  SER A OG  1 
ATOM   410  N N   . ARG A 1 63  ? 4.276   -15.418 4.874   1.00 35.32 ? 68  ARG A N   1 
ATOM   411  C CA  . ARG A 1 63  ? 4.283   -16.182 6.143   1.00 35.77 ? 68  ARG A CA  1 
ATOM   412  C C   . ARG A 1 63  ? 3.116   -17.171 6.276   1.00 36.26 ? 68  ARG A C   1 
ATOM   413  O O   . ARG A 1 63  ? 3.180   -18.124 7.070   1.00 36.85 ? 68  ARG A O   1 
ATOM   414  C CB  . ARG A 1 63  ? 4.343   -15.253 7.365   1.00 35.86 ? 68  ARG A CB  1 
ATOM   415  C CG  . ARG A 1 63  ? 3.075   -14.459 7.660   1.00 36.29 ? 68  ARG A CG  1 
ATOM   416  C CD  . ARG A 1 63  ? 3.305   -13.436 8.778   1.00 35.48 ? 68  ARG A CD  1 
ATOM   417  N NE  . ARG A 1 63  ? 2.059   -12.802 9.213   1.00 36.33 ? 68  ARG A NE  1 
ATOM   418  C CZ  . ARG A 1 63  ? 1.957   -11.971 10.255  1.00 37.27 ? 68  ARG A CZ  1 
ATOM   419  N NH1 . ARG A 1 63  ? 3.030   -11.664 10.973  1.00 36.89 ? 68  ARG A NH1 1 
ATOM   420  N NH2 . ARG A 1 63  ? 0.778   -11.439 10.584  1.00 36.17 ? 68  ARG A NH2 1 
ATOM   421  N N   . ARG A 1 64  ? 2.073   -16.952 5.477   1.00 36.14 ? 69  ARG A N   1 
ATOM   422  C CA  . ARG A 1 64  ? 0.893   -17.809 5.450   1.00 35.88 ? 69  ARG A CA  1 
ATOM   423  C C   . ARG A 1 64  ? 0.314   -17.870 4.013   1.00 35.00 ? 69  ARG A C   1 
ATOM   424  O O   . ARG A 1 64  ? -0.649  -17.174 3.701   1.00 35.40 ? 69  ARG A O   1 
ATOM   425  C CB  . ARG A 1 64  ? -0.127  -17.258 6.457   1.00 36.18 ? 69  ARG A CB  1 
ATOM   426  C CG  . ARG A 1 64  ? -1.211  -18.223 6.902   1.00 38.29 ? 69  ARG A CG  1 
ATOM   427  C CD  . ARG A 1 64  ? -2.425  -17.464 7.428   1.00 42.37 ? 69  ARG A CD  1 
ATOM   428  N NE  . ARG A 1 64  ? -3.663  -17.989 6.838   1.00 45.67 ? 69  ARG A NE  1 
ATOM   429  C CZ  . ARG A 1 64  ? -4.729  -17.258 6.512   1.00 46.58 ? 69  ARG A CZ  1 
ATOM   430  N NH1 . ARG A 1 64  ? -4.732  -15.941 6.703   1.00 48.23 ? 69  ARG A NH1 1 
ATOM   431  N NH2 . ARG A 1 64  ? -5.796  -17.847 5.979   1.00 47.49 ? 69  ARG A NH2 1 
ATOM   432  N N   . PRO A 1 65  ? 0.880   -18.721 3.133   1.00 34.39 ? 70  PRO A N   1 
ATOM   433  C CA  . PRO A 1 65  ? 0.465   -18.747 1.714   1.00 33.61 ? 70  PRO A CA  1 
ATOM   434  C C   . PRO A 1 65  ? -0.971  -19.272 1.478   1.00 32.69 ? 70  PRO A C   1 
ATOM   435  O O   . PRO A 1 65  ? -1.196  -20.195 0.679   1.00 31.96 ? 70  PRO A O   1 
ATOM   436  C CB  . PRO A 1 65  ? 1.507   -19.666 1.059   1.00 33.82 ? 70  PRO A CB  1 
ATOM   437  C CG  . PRO A 1 65  ? 1.936   -20.574 2.158   1.00 34.45 ? 70  PRO A CG  1 
ATOM   438  C CD  . PRO A 1 65  ? 1.919   -19.733 3.416   1.00 34.49 ? 70  PRO A CD  1 
ATOM   439  N N   . SER A 1 66  ? -1.929  -18.635 2.144   1.00 31.63 ? 71  SER A N   1 
ATOM   440  C CA  . SER A 1 66  ? -3.326  -19.021 2.081   1.00 31.11 ? 71  SER A CA  1 
ATOM   441  C C   . SER A 1 66  ? -4.216  -17.826 2.425   1.00 30.27 ? 71  SER A C   1 
ATOM   442  O O   . SER A 1 66  ? -3.832  -16.980 3.231   1.00 30.12 ? 71  SER A O   1 
ATOM   443  C CB  . SER A 1 66  ? -3.566  -20.172 3.061   1.00 31.06 ? 71  SER A CB  1 
ATOM   444  O OG  . SER A 1 66  ? -4.853  -20.093 3.639   1.00 33.39 ? 71  SER A OG  1 
ATOM   445  N N   . SER A 1 67  ? -5.394  -17.755 1.808   1.00 29.71 ? 72  SER A N   1 
ATOM   446  C CA  . SER A 1 67  ? -6.391  -16.721 2.147   1.00 30.01 ? 72  SER A CA  1 
ATOM   447  C C   . SER A 1 67  ? -7.817  -17.207 1.848   1.00 29.68 ? 72  SER A C   1 
ATOM   448  O O   . SER A 1 67  ? -7.983  -18.294 1.313   1.00 29.61 ? 72  SER A O   1 
ATOM   449  C CB  . SER A 1 67  ? -6.114  -15.407 1.377   1.00 29.51 ? 72  SER A CB  1 
ATOM   450  O OG  . SER A 1 67  ? -6.448  -15.546 -0.001  1.00 28.48 ? 72  SER A OG  1 
ATOM   451  N N   . TRP A 1 68  ? -8.817  -16.379 2.170   1.00 29.52 ? 73  TRP A N   1 
ATOM   452  C CA  . TRP A 1 68  ? -10.220 -16.588 1.764   1.00 29.44 ? 73  TRP A CA  1 
ATOM   453  C C   . TRP A 1 68  ? -10.439 -16.673 0.239   1.00 29.91 ? 73  TRP A C   1 
ATOM   454  O O   . TRP A 1 68  ? -11.441 -17.234 -0.215  1.00 30.25 ? 73  TRP A O   1 
ATOM   455  C CB  . TRP A 1 68  ? -11.141 -15.501 2.368   1.00 28.80 ? 73  TRP A CB  1 
ATOM   456  C CG  . TRP A 1 68  ? -10.991 -14.109 1.715   1.00 29.02 ? 73  TRP A CG  1 
ATOM   457  C CD1 . TRP A 1 68  ? -10.149 -13.107 2.110   1.00 27.47 ? 73  TRP A CD1 1 
ATOM   458  C CD2 . TRP A 1 68  ? -11.707 -13.598 0.563   1.00 28.11 ? 73  TRP A CD2 1 
ATOM   459  N NE1 . TRP A 1 68  ? -10.279 -12.018 1.274   1.00 28.09 ? 73  TRP A NE1 1 
ATOM   460  C CE2 . TRP A 1 68  ? -11.219 -12.295 0.312   1.00 27.95 ? 73  TRP A CE2 1 
ATOM   461  C CE3 . TRP A 1 68  ? -12.689 -14.127 -0.292  1.00 28.20 ? 73  TRP A CE3 1 
ATOM   462  C CZ2 . TRP A 1 68  ? -11.696 -11.499 -0.745  1.00 26.31 ? 73  TRP A CZ2 1 
ATOM   463  C CZ3 . TRP A 1 68  ? -13.163 -13.325 -1.362  1.00 28.26 ? 73  TRP A CZ3 1 
ATOM   464  C CH2 . TRP A 1 68  ? -12.663 -12.023 -1.562  1.00 26.93 ? 73  TRP A CH2 1 
ATOM   465  N N   . ARG A 1 69  ? -9.527  -16.106 -0.547  1.00 30.37 ? 74  ARG A N   1 
ATOM   466  C CA  . ARG A 1 69  ? -9.649  -16.138 -2.005  1.00 31.27 ? 74  ARG A CA  1 
ATOM   467  C C   . ARG A 1 69  ? -9.211  -17.471 -2.599  1.00 32.51 ? 74  ARG A C   1 
ATOM   468  O O   . ARG A 1 69  ? -9.814  -17.952 -3.569  1.00 32.91 ? 74  ARG A O   1 
ATOM   469  C CB  . ARG A 1 69  ? -8.845  -15.011 -2.674  1.00 30.89 ? 74  ARG A CB  1 
ATOM   470  C CG  . ARG A 1 69  ? -9.065  -13.633 -2.096  1.00 29.16 ? 74  ARG A CG  1 
ATOM   471  C CD  . ARG A 1 69  ? -8.675  -12.547 -3.088  1.00 28.87 ? 74  ARG A CD  1 
ATOM   472  N NE  . ARG A 1 69  ? -9.436  -12.657 -4.331  1.00 27.96 ? 74  ARG A NE  1 
ATOM   473  C CZ  . ARG A 1 69  ? -8.892  -12.731 -5.543  1.00 29.82 ? 74  ARG A CZ  1 
ATOM   474  N NH1 . ARG A 1 69  ? -7.573  -12.684 -5.693  1.00 31.34 ? 74  ARG A NH1 1 
ATOM   475  N NH2 . ARG A 1 69  ? -9.670  -12.834 -6.613  1.00 30.86 ? 74  ARG A NH2 1 
ATOM   476  N N   . GLN A 1 70  ? -8.128  -18.031 -2.059  1.00 33.70 ? 75  GLN A N   1 
ATOM   477  C CA  . GLN A 1 70  ? -7.624  -19.340 -2.500  1.00 35.13 ? 75  GLN A CA  1 
ATOM   478  C C   . GLN A 1 70  ? -6.851  -20.071 -1.400  1.00 34.95 ? 75  GLN A C   1 
ATOM   479  O O   . GLN A 1 70  ? -6.097  -19.462 -0.629  1.00 34.81 ? 75  GLN A O   1 
ATOM   480  C CB  . GLN A 1 70  ? -6.807  -19.250 -3.802  1.00 35.29 ? 75  GLN A CB  1 
ATOM   481  C CG  . GLN A 1 70  ? -5.605  -18.311 -3.767  1.00 36.21 ? 75  GLN A CG  1 
ATOM   482  C CD  . GLN A 1 70  ? -4.727  -18.408 -5.014  1.00 37.16 ? 75  GLN A CD  1 
ATOM   483  O OE1 . GLN A 1 70  ? -4.964  -19.231 -5.911  1.00 39.91 ? 75  GLN A OE1 1 
ATOM   484  N NE2 . GLN A 1 70  ? -3.698  -17.572 -5.068  1.00 38.35 ? 75  GLN A NE2 1 
ATOM   485  N N   . GLU A 1 71  ? -7.072  -21.381 -1.344  1.00 34.90 ? 76  GLU A N   1 
ATOM   486  C CA  . GLU A 1 71  ? -6.581  -22.234 -0.265  1.00 35.18 ? 76  GLU A CA  1 
ATOM   487  C C   . GLU A 1 71  ? -5.054  -22.320 -0.268  1.00 35.32 ? 76  GLU A C   1 
ATOM   488  O O   . GLU A 1 71  ? -4.400  -22.276 0.779   1.00 34.90 ? 76  GLU A O   1 
ATOM   489  C CB  . GLU A 1 71  ? -7.217  -23.629 -0.383  1.00 34.86 ? 76  GLU A CB  1 
ATOM   490  C CG  . GLU A 1 71  ? -6.899  -24.550 0.768   1.00 33.94 ? 76  GLU A CG  1 
ATOM   491  C CD  . GLU A 1 71  ? -7.894  -25.687 0.927   1.00 32.28 ? 76  GLU A CD  1 
ATOM   492  O OE1 . GLU A 1 71  ? -7.825  -26.331 1.989   1.00 33.33 ? 76  GLU A OE1 1 
ATOM   493  O OE2 . GLU A 1 71  ? -8.734  -25.936 0.026   1.00 29.31 ? 76  GLU A OE2 1 
ATOM   494  N N   . LYS A 1 72  ? -4.498  -22.424 -1.463  1.00 36.16 ? 77  LYS A N   1 
ATOM   495  C CA  . LYS A 1 72  ? -3.065  -22.440 -1.626  1.00 37.12 ? 77  LYS A CA  1 
ATOM   496  C C   . LYS A 1 72  ? -2.703  -21.268 -2.536  1.00 36.68 ? 77  LYS A C   1 
ATOM   497  O O   . LYS A 1 72  ? -3.187  -21.185 -3.670  1.00 36.80 ? 77  LYS A O   1 
ATOM   498  C CB  . LYS A 1 72  ? -2.627  -23.787 -2.229  1.00 37.60 ? 77  LYS A CB  1 
ATOM   499  C CG  . LYS A 1 72  ? -1.139  -23.896 -2.562  1.00 40.31 ? 77  LYS A CG  1 
ATOM   500  C CD  . LYS A 1 72  ? -0.363  -24.701 -1.516  1.00 44.41 ? 77  LYS A CD  1 
ATOM   501  C CE  . LYS A 1 72  ? 1.054   -25.015 -1.982  1.00 45.46 ? 77  LYS A CE  1 
ATOM   502  N NZ  . LYS A 1 72  ? 1.051   -25.815 -3.249  1.00 47.04 ? 77  LYS A NZ  1 
ATOM   503  N N   . ILE A 1 73  ? -1.873  -20.356 -2.036  1.00 36.00 ? 78  ILE A N   1 
ATOM   504  C CA  . ILE A 1 73  ? -1.387  -19.265 -2.879  1.00 35.37 ? 78  ILE A CA  1 
ATOM   505  C C   . ILE A 1 73  ? -0.004  -19.576 -3.451  1.00 35.39 ? 78  ILE A C   1 
ATOM   506  O O   . ILE A 1 73  ? 0.972   -19.713 -2.715  1.00 35.16 ? 78  ILE A O   1 
ATOM   507  C CB  . ILE A 1 73  ? -1.444  -17.885 -2.167  1.00 35.43 ? 78  ILE A CB  1 
ATOM   508  C CG1 . ILE A 1 73  ? -2.912  -17.541 -1.851  1.00 34.26 ? 78  ILE A CG1 1 
ATOM   509  C CG2 . ILE A 1 73  ? -0.772  -16.800 -3.044  1.00 35.01 ? 78  ILE A CG2 1 
ATOM   510  C CD1 . ILE A 1 73  ? -3.136  -16.421 -0.885  1.00 34.78 ? 78  ILE A CD1 1 
ATOM   511  N N   . THR A 1 74  ? 0.053   -19.681 -4.774  1.00 35.40 ? 79  THR A N   1 
ATOM   512  C CA  . THR A 1 74  ? 1.240   -20.163 -5.485  1.00 35.70 ? 79  THR A CA  1 
ATOM   513  C C   . THR A 1 74  ? 1.954   -19.131 -6.378  1.00 35.90 ? 79  THR A C   1 
ATOM   514  O O   . THR A 1 74  ? 2.984   -19.455 -7.002  1.00 36.36 ? 79  THR A O   1 
ATOM   515  C CB  . THR A 1 74  ? 0.872   -21.354 -6.375  1.00 35.61 ? 79  THR A CB  1 
ATOM   516  O OG1 . THR A 1 74  ? -0.268  -21.020 -7.170  1.00 35.30 ? 79  THR A OG1 1 
ATOM   517  C CG2 . THR A 1 74  ? 0.542   -22.571 -5.529  1.00 36.20 ? 79  THR A CG2 1 
ATOM   518  N N   . ARG A 1 75  ? 1.410   -17.911 -6.463  1.00 35.07 ? 80  ARG A N   1 
ATOM   519  C CA  . ARG A 1 75  ? 2.038   -16.864 -7.268  1.00 34.29 ? 80  ARG A CA  1 
ATOM   520  C C   . ARG A 1 75  ? 3.331   -16.415 -6.610  1.00 34.03 ? 80  ARG A C   1 
ATOM   521  O O   . ARG A 1 75  ? 3.480   -16.496 -5.393  1.00 33.82 ? 80  ARG A O   1 
ATOM   522  C CB  . ARG A 1 75  ? 1.086   -15.680 -7.509  1.00 34.36 ? 80  ARG A CB  1 
ATOM   523  C CG  . ARG A 1 75  ? 0.873   -14.761 -6.310  1.00 33.38 ? 80  ARG A CG  1 
ATOM   524  C CD  . ARG A 1 75  ? 0.036   -13.547 -6.672  1.00 33.42 ? 80  ARG A CD  1 
ATOM   525  N NE  . ARG A 1 75  ? -1.328  -13.651 -6.167  1.00 30.80 ? 80  ARG A NE  1 
ATOM   526  C CZ  . ARG A 1 75  ? -2.380  -14.026 -6.889  1.00 32.97 ? 80  ARG A CZ  1 
ATOM   527  N NH1 . ARG A 1 75  ? -2.226  -14.333 -8.189  1.00 34.93 ? 80  ARG A NH1 1 
ATOM   528  N NH2 . ARG A 1 75  ? -3.588  -14.097 -6.311  1.00 27.56 ? 80  ARG A NH2 1 
ATOM   529  N N   . THR A 1 76  ? 4.261   -15.945 -7.432  1.00 34.16 ? 81  THR A N   1 
ATOM   530  C CA  . THR A 1 76  ? 5.570   -15.490 -6.969  1.00 34.35 ? 81  THR A CA  1 
ATOM   531  C C   . THR A 1 76  ? 5.477   -14.050 -6.441  1.00 34.29 ? 81  THR A C   1 
ATOM   532  O O   . THR A 1 76  ? 4.489   -13.370 -6.705  1.00 34.40 ? 81  THR A O   1 
ATOM   533  C CB  . THR A 1 76  ? 6.624   -15.585 -8.117  1.00 34.42 ? 81  THR A CB  1 
ATOM   534  O OG1 . THR A 1 76  ? 6.306   -14.652 -9.165  1.00 35.11 ? 81  THR A OG1 1 
ATOM   535  C CG2 . THR A 1 76  ? 6.663   -17.001 -8.703  1.00 34.61 ? 81  THR A CG2 1 
ATOM   536  N N   . LYS A 1 77  ? 6.491   -13.585 -5.706  1.00 34.18 ? 82  LYS A N   1 
ATOM   537  C CA  . LYS A 1 77  ? 6.565   -12.170 -5.327  1.00 35.15 ? 82  LYS A CA  1 
ATOM   538  C C   . LYS A 1 77  ? 6.436   -11.240 -6.532  1.00 34.79 ? 82  LYS A C   1 
ATOM   539  O O   . LYS A 1 77  ? 5.730   -10.235 -6.468  1.00 34.65 ? 82  LYS A O   1 
ATOM   540  C CB  . LYS A 1 77  ? 7.865   -11.829 -4.604  1.00 34.93 ? 82  LYS A CB  1 
ATOM   541  C CG  . LYS A 1 77  ? 8.335   -12.838 -3.590  1.00 36.79 ? 82  LYS A CG  1 
ATOM   542  C CD  . LYS A 1 77  ? 9.723   -12.457 -3.056  1.00 37.40 ? 82  LYS A CD  1 
ATOM   543  C CE  . LYS A 1 77  ? 10.846  -12.637 -4.108  1.00 40.50 ? 82  LYS A CE  1 
ATOM   544  N NZ  . LYS A 1 77  ? 12.191  -12.639 -3.451  1.00 40.02 ? 82  LYS A NZ  1 
ATOM   545  N N   . GLU A 1 78  ? 7.127   -11.593 -7.615  1.00 34.83 ? 83  GLU A N   1 
ATOM   546  C CA  . GLU A 1 78  ? 7.155   -10.830 -8.860  1.00 35.09 ? 83  GLU A CA  1 
ATOM   547  C C   . GLU A 1 78  ? 5.756   -10.668 -9.469  1.00 34.28 ? 83  GLU A C   1 
ATOM   548  O O   . GLU A 1 78  ? 5.382   -9.576  -9.896  1.00 34.15 ? 83  GLU A O   1 
ATOM   549  C CB  . GLU A 1 78  ? 8.092   -11.510 -9.876  1.00 35.62 ? 83  GLU A CB  1 
ATOM   550  C CG  . GLU A 1 78  ? 9.599   -11.470 -9.534  1.00 38.44 ? 83  GLU A CG  1 
ATOM   551  C CD  . GLU A 1 78  ? 9.996   -12.292 -8.285  1.00 41.68 ? 83  GLU A CD  1 
ATOM   552  O OE1 . GLU A 1 78  ? 9.521   -13.448 -8.128  1.00 41.05 ? 83  GLU A OE1 1 
ATOM   553  O OE2 . GLU A 1 78  ? 10.800  -11.771 -7.463  1.00 42.85 ? 83  GLU A OE2 1 
ATOM   554  N N   . GLU A 1 79  ? 5.004   -11.768 -9.511  1.00 33.53 ? 84  GLU A N   1 
ATOM   555  C CA  . GLU A 1 79  ? 3.617   -11.779 -9.979  1.00 33.09 ? 84  GLU A CA  1 
ATOM   556  C C   . GLU A 1 79  ? 2.675   -10.976 -9.059  1.00 32.31 ? 84  GLU A C   1 
ATOM   557  O O   . GLU A 1 79  ? 1.786   -10.271 -9.535  1.00 32.09 ? 84  GLU A O   1 
ATOM   558  C CB  . GLU A 1 79  ? 3.112   -13.212 -10.113 1.00 32.86 ? 84  GLU A CB  1 
ATOM   559  C CG  . GLU A 1 79  ? 3.681   -13.960 -11.293 1.00 34.17 ? 84  GLU A CG  1 
ATOM   560  C CD  . GLU A 1 79  ? 3.310   -15.438 -11.311 1.00 34.61 ? 84  GLU A CD  1 
ATOM   561  O OE1 . GLU A 1 79  ? 3.227   -16.062 -10.219 1.00 33.92 ? 84  GLU A OE1 1 
ATOM   562  O OE2 . GLU A 1 79  ? 3.133   -15.977 -12.437 1.00 36.85 ? 84  GLU A OE2 1 
ATOM   563  N N   . ALA A 1 80  ? 2.889   -11.092 -7.751  1.00 31.24 ? 85  ALA A N   1 
ATOM   564  C CA  . ALA A 1 80  ? 2.142   -10.325 -6.765  1.00 30.69 ? 85  ALA A CA  1 
ATOM   565  C C   . ALA A 1 80  ? 2.393   -8.821  -6.926  1.00 29.99 ? 85  ALA A C   1 
ATOM   566  O O   . ALA A 1 80  ? 1.464   -8.028  -6.829  1.00 29.24 ? 85  ALA A O   1 
ATOM   567  C CB  . ALA A 1 80  ? 2.494   -10.790 -5.343  1.00 30.52 ? 85  ALA A CB  1 
ATOM   568  N N   . LEU A 1 81  ? 3.652   -8.449  -7.171  1.00 29.33 ? 86  LEU A N   1 
ATOM   569  C CA  . LEU A 1 81  ? 4.012   -7.057  -7.427  1.00 28.86 ? 86  LEU A CA  1 
ATOM   570  C C   . LEU A 1 81  ? 3.357   -6.523  -8.720  1.00 28.92 ? 86  LEU A C   1 
ATOM   571  O O   . LEU A 1 81  ? 2.844   -5.417  -8.728  1.00 28.71 ? 86  LEU A O   1 
ATOM   572  C CB  . LEU A 1 81  ? 5.532   -6.862  -7.404  1.00 28.35 ? 86  LEU A CB  1 
ATOM   573  C CG  . LEU A 1 81  ? 6.073   -5.424  -7.527  1.00 28.77 ? 86  LEU A CG  1 
ATOM   574  C CD1 . LEU A 1 81  ? 5.491   -4.484  -6.449  1.00 27.30 ? 86  LEU A CD1 1 
ATOM   575  C CD2 . LEU A 1 81  ? 7.606   -5.396  -7.489  1.00 28.43 ? 86  LEU A CD2 1 
ATOM   576  N N   . GLU A 1 82  ? 3.350   -7.329  -9.782  1.00 29.14 ? 87  GLU A N   1 
ATOM   577  C CA  . GLU A 1 82  ? 2.640   -7.017  -11.028 1.00 29.96 ? 87  GLU A CA  1 
ATOM   578  C C   . GLU A 1 82  ? 1.173   -6.660  -10.800 1.00 28.29 ? 87  GLU A C   1 
ATOM   579  O O   . GLU A 1 82  ? 0.664   -5.697  -11.387 1.00 28.28 ? 87  GLU A O   1 
ATOM   580  C CB  . GLU A 1 82  ? 2.679   -8.212  -11.986 1.00 30.00 ? 87  GLU A CB  1 
ATOM   581  C CG  . GLU A 1 82  ? 3.785   -8.231  -13.012 1.00 33.04 ? 87  GLU A CG  1 
ATOM   582  C CD  . GLU A 1 82  ? 3.466   -9.203  -14.169 1.00 34.52 ? 87  GLU A CD  1 
ATOM   583  O OE1 . GLU A 1 82  ? 3.427   -10.457 -13.938 1.00 38.87 ? 87  GLU A OE1 1 
ATOM   584  O OE2 . GLU A 1 82  ? 3.251   -8.706  -15.313 1.00 38.29 ? 87  GLU A OE2 1 
ATOM   585  N N   . LEU A 1 83  ? 0.503   -7.467  -9.977  1.00 26.64 ? 88  LEU A N   1 
ATOM   586  C CA  . LEU A 1 83  ? -0.890  -7.271  -9.590  1.00 24.99 ? 88  LEU A CA  1 
ATOM   587  C C   . LEU A 1 83  ? -1.106  -5.964  -8.829  1.00 24.11 ? 88  LEU A C   1 
ATOM   588  O O   . LEU A 1 83  ? -1.982  -5.161  -9.186  1.00 23.92 ? 88  LEU A O   1 
ATOM   589  C CB  . LEU A 1 83  ? -1.374  -8.464  -8.754  1.00 24.64 ? 88  LEU A CB  1 
ATOM   590  C CG  . LEU A 1 83  ? -1.633  -9.741  -9.561  1.00 24.87 ? 88  LEU A CG  1 
ATOM   591  C CD1 . LEU A 1 83  ? -1.898  -10.947 -8.632  1.00 24.04 ? 88  LEU A CD1 1 
ATOM   592  C CD2 . LEU A 1 83  ? -2.790  -9.517  -10.565 1.00 22.74 ? 88  LEU A CD2 1 
ATOM   593  N N   . ILE A 1 84  ? -0.288  -5.766  -7.801  1.00 22.83 ? 89  ILE A N   1 
ATOM   594  C CA  . ILE A 1 84  ? -0.241  -4.539  -6.992  1.00 22.43 ? 89  ILE A CA  1 
ATOM   595  C C   . ILE A 1 84  ? -0.052  -3.289  -7.856  1.00 22.39 ? 89  ILE A C   1 
ATOM   596  O O   . ILE A 1 84  ? -0.763  -2.306  -7.690  1.00 22.25 ? 89  ILE A O   1 
ATOM   597  C CB  . ILE A 1 84  ? 0.877   -4.651  -5.903  1.00 22.39 ? 89  ILE A CB  1 
ATOM   598  C CG1 . ILE A 1 84  ? 0.439   -5.615  -4.792  1.00 20.71 ? 89  ILE A CG1 1 
ATOM   599  C CG2 . ILE A 1 84  ? 1.264   -3.281  -5.327  1.00 21.59 ? 89  ILE A CG2 1 
ATOM   600  C CD1 . ILE A 1 84  ? -0.563  -5.028  -3.795  1.00 18.26 ? 89  ILE A CD1 1 
ATOM   601  N N   . ASN A 1 85  ? 0.893   -3.355  -8.794  1.00 22.04 ? 90  ASN A N   1 
ATOM   602  C CA  . ASN A 1 85  ? 1.173   -2.256  -9.713  1.00 21.40 ? 90  ASN A CA  1 
ATOM   603  C C   . ASN A 1 85  ? -0.033  -1.905  -10.584 1.00 21.12 ? 90  ASN A C   1 
ATOM   604  O O   . ASN A 1 85  ? -0.357  -0.727  -10.746 1.00 20.77 ? 90  ASN A O   1 
ATOM   605  C CB  . ASN A 1 85  ? 2.405   -2.580  -10.562 1.00 21.75 ? 90  ASN A CB  1 
ATOM   606  C CG  . ASN A 1 85  ? 3.716   -2.403  -9.792  1.00 22.55 ? 90  ASN A CG  1 
ATOM   607  O OD1 . ASN A 1 85  ? 3.786   -1.663  -8.819  1.00 22.70 ? 90  ASN A OD1 1 
ATOM   608  N ND2 . ASN A 1 85  ? 4.756   -3.059  -10.254 1.00 23.38 ? 90  ASN A ND2 1 
ATOM   609  N N   . GLY A 1 86  ? -0.703  -2.930  -11.112 1.00 21.13 ? 91  GLY A N   1 
ATOM   610  C CA  . GLY A 1 86  ? -1.955  -2.783  -11.877 1.00 20.80 ? 91  GLY A CA  1 
ATOM   611  C C   . GLY A 1 86  ? -3.119  -2.194  -11.086 1.00 21.14 ? 91  GLY A C   1 
ATOM   612  O O   . GLY A 1 86  ? -3.890  -1.383  -11.623 1.00 21.46 ? 91  GLY A O   1 
ATOM   613  N N   . TYR A 1 87  ? -3.265  -2.598  -9.818  1.00 20.83 ? 92  TYR A N   1 
ATOM   614  C CA  . TYR A 1 87  ? -4.290  -2.029  -8.943  1.00 19.99 ? 92  TYR A CA  1 
ATOM   615  C C   . TYR A 1 87  ? -4.000  -0.567  -8.673  1.00 19.17 ? 92  TYR A C   1 
ATOM   616  O O   . TYR A 1 87  ? -4.912  0.252   -8.698  1.00 18.46 ? 92  TYR A O   1 
ATOM   617  C CB  . TYR A 1 87  ? -4.434  -2.788  -7.613  1.00 20.92 ? 92  TYR A CB  1 
ATOM   618  C CG  . TYR A 1 87  ? -4.796  -4.261  -7.727  1.00 21.63 ? 92  TYR A CG  1 
ATOM   619  C CD1 . TYR A 1 87  ? -4.248  -5.202  -6.841  1.00 22.87 ? 92  TYR A CD1 1 
ATOM   620  C CD2 . TYR A 1 87  ? -5.683  -4.715  -8.705  1.00 21.78 ? 92  TYR A CD2 1 
ATOM   621  C CE1 . TYR A 1 87  ? -4.570  -6.564  -6.931  1.00 21.43 ? 92  TYR A CE1 1 
ATOM   622  C CE2 . TYR A 1 87  ? -6.013  -6.069  -8.804  1.00 23.50 ? 92  TYR A CE2 1 
ATOM   623  C CZ  . TYR A 1 87  ? -5.441  -6.982  -7.920  1.00 22.09 ? 92  TYR A CZ  1 
ATOM   624  O OH  . TYR A 1 87  ? -5.759  -8.305  -8.036  1.00 22.11 ? 92  TYR A OH  1 
ATOM   625  N N   . ILE A 1 88  ? -2.736  -0.231  -8.436  1.00 18.96 ? 93  ILE A N   1 
ATOM   626  C CA  . ILE A 1 88  ? -2.349  1.173   -8.213  1.00 19.06 ? 93  ILE A CA  1 
ATOM   627  C C   . ILE A 1 88  ? -2.693  2.044   -9.453  1.00 20.19 ? 93  ILE A C   1 
ATOM   628  O O   . ILE A 1 88  ? -3.242  3.147   -9.316  1.00 19.71 ? 93  ILE A O   1 
ATOM   629  C CB  . ILE A 1 88  ? -0.862  1.304   -7.801  1.00 18.81 ? 93  ILE A CB  1 
ATOM   630  C CG1 . ILE A 1 88  ? -0.687  0.872   -6.331  1.00 19.74 ? 93  ILE A CG1 1 
ATOM   631  C CG2 . ILE A 1 88  ? -0.362  2.738   -7.989  1.00 17.36 ? 93  ILE A CG2 1 
ATOM   632  C CD1 . ILE A 1 88  ? 0.744   0.498   -5.933  1.00 18.23 ? 93  ILE A CD1 1 
ATOM   633  N N   . GLN A 1 89  ? -2.409  1.518   -10.645 1.00 20.64 ? 94  GLN A N   1 
ATOM   634  C CA  . GLN A 1 89  ? -2.729  2.201   -11.901 1.00 23.17 ? 94  GLN A CA  1 
ATOM   635  C C   . GLN A 1 89  ? -4.208  2.495   -12.035 1.00 23.05 ? 94  GLN A C   1 
ATOM   636  O O   . GLN A 1 89  ? -4.585  3.633   -12.347 1.00 23.50 ? 94  GLN A O   1 
ATOM   637  C CB  . GLN A 1 89  ? -2.236  1.410   -13.129 1.00 22.23 ? 94  GLN A CB  1 
ATOM   638  C CG  . GLN A 1 89  ? -0.756  1.522   -13.348 1.00 23.67 ? 94  GLN A CG  1 
ATOM   639  C CD  . GLN A 1 89  ? -0.279  0.736   -14.567 1.00 26.68 ? 94  GLN A CD  1 
ATOM   640  O OE1 . GLN A 1 89  ? -0.929  -0.218  -15.020 1.00 31.71 ? 94  GLN A OE1 1 
ATOM   641  N NE2 . GLN A 1 89  ? 0.862   1.142   -15.109 1.00 30.17 ? 94  GLN A NE2 1 
ATOM   642  N N   . LYS A 1 90  ? -5.039  1.481   -11.783 1.00 23.41 ? 95  LYS A N   1 
ATOM   643  C CA  . LYS A 1 90  ? -6.492  1.628   -11.852 1.00 23.85 ? 95  LYS A CA  1 
ATOM   644  C C   . LYS A 1 90  ? -7.044  2.620   -10.830 1.00 22.78 ? 95  LYS A C   1 
ATOM   645  O O   . LYS A 1 90  ? -7.996  3.347   -11.096 1.00 21.90 ? 95  LYS A O   1 
ATOM   646  C CB  . LYS A 1 90  ? -7.172  0.260   -11.706 1.00 24.91 ? 95  LYS A CB  1 
ATOM   647  C CG  . LYS A 1 90  ? -7.019  -0.657  -12.946 1.00 26.01 ? 95  LYS A CG  1 
ATOM   648  C CD  . LYS A 1 90  ? -7.790  -1.970  -12.766 1.00 27.37 ? 95  LYS A CD  1 
ATOM   649  C CE  . LYS A 1 90  ? -7.633  -2.899  -13.996 1.00 31.52 ? 95  LYS A CE  1 
ATOM   650  N NZ  . LYS A 1 90  ? -6.223  -3.472  -14.098 1.00 34.96 ? 95  LYS A NZ  1 
ATOM   651  N N   . ILE A 1 91  ? -6.449  2.628   -9.643  1.00 22.44 ? 96  ILE A N   1 
ATOM   652  C CA  . ILE A 1 91  ? -6.859  3.526   -8.589  1.00 21.59 ? 96  ILE A CA  1 
ATOM   653  C C   . ILE A 1 91  ? -6.487  4.961   -8.970  1.00 22.03 ? 96  ILE A C   1 
ATOM   654  O O   . ILE A 1 91  ? -7.319  5.884   -8.894  1.00 21.91 ? 96  ILE A O   1 
ATOM   655  C CB  . ILE A 1 91  ? -6.244  3.111   -7.229  1.00 21.36 ? 96  ILE A CB  1 
ATOM   656  C CG1 . ILE A 1 91  ? -6.868  1.802   -6.757  1.00 20.14 ? 96  ILE A CG1 1 
ATOM   657  C CG2 . ILE A 1 91  ? -6.416  4.221   -6.186  1.00 20.91 ? 96  ILE A CG2 1 
ATOM   658  C CD1 . ILE A 1 91  ? -6.127  1.122   -5.616  1.00 20.38 ? 96  ILE A CD1 1 
ATOM   659  N N   . LYS A 1 92  ? -5.244  5.134   -9.406  1.00 22.42 ? 97  LYS A N   1 
ATOM   660  C CA  . LYS A 1 92  ? -4.736  6.443   -9.786  1.00 22.93 ? 97  LYS A CA  1 
ATOM   661  C C   . LYS A 1 92  ? -5.432  7.026   -11.007 1.00 22.84 ? 97  LYS A C   1 
ATOM   662  O O   . LYS A 1 92  ? -5.648  8.225   -11.068 1.00 23.15 ? 97  LYS A O   1 
ATOM   663  C CB  . LYS A 1 92  ? -3.218  6.398   -10.006 1.00 23.11 ? 97  LYS A CB  1 
ATOM   664  C CG  . LYS A 1 92  ? -2.444  6.517   -8.725  1.00 23.62 ? 97  LYS A CG  1 
ATOM   665  C CD  . LYS A 1 92  ? -0.977  6.662   -9.014  1.00 24.38 ? 97  LYS A CD  1 
ATOM   666  C CE  . LYS A 1 92  ? -0.249  7.113   -7.768  1.00 23.44 ? 97  LYS A CE  1 
ATOM   667  N NZ  . LYS A 1 92  ? 1.194   7.470   -8.014  1.00 24.12 ? 97  LYS A NZ  1 
ATOM   668  N N   . SER A 1 93  ? -5.785  6.185   -11.970 1.00 23.22 ? 98  SER A N   1 
ATOM   669  C CA  . SER A 1 93  ? -6.509  6.653   -13.150 1.00 23.91 ? 98  SER A CA  1 
ATOM   670  C C   . SER A 1 93  ? -7.990  6.949   -12.858 1.00 24.22 ? 98  SER A C   1 
ATOM   671  O O   . SER A 1 93  ? -8.661  7.616   -13.646 1.00 24.00 ? 98  SER A O   1 
ATOM   672  C CB  . SER A 1 93  ? -6.386  5.654   -14.294 1.00 23.82 ? 98  SER A CB  1 
ATOM   673  O OG  . SER A 1 93  ? -7.089  4.458   -14.005 1.00 25.60 ? 98  SER A OG  1 
ATOM   674  N N   . GLY A 1 94  ? -8.486  6.468   -11.721 1.00 24.12 ? 99  GLY A N   1 
ATOM   675  C CA  . GLY A 1 94  ? -9.891  6.596   -11.373 1.00 24.49 ? 99  GLY A CA  1 
ATOM   676  C C   . GLY A 1 94  ? -10.780 5.544   -12.011 1.00 25.18 ? 99  GLY A C   1 
ATOM   677  O O   . GLY A 1 94  ? -11.986 5.589   -11.841 1.00 24.82 ? 99  GLY A O   1 
ATOM   678  N N   . GLU A 1 95  ? -10.197 4.598   -12.751 1.00 26.71 ? 100 GLU A N   1 
ATOM   679  C CA  . GLU A 1 95  ? -10.970 3.494   -13.345 1.00 28.75 ? 100 GLU A CA  1 
ATOM   680  C C   . GLU A 1 95  ? -11.630 2.609   -12.278 1.00 28.68 ? 100 GLU A C   1 
ATOM   681  O O   . GLU A 1 95  ? -12.754 2.134   -12.468 1.00 28.82 ? 100 GLU A O   1 
ATOM   682  C CB  . GLU A 1 95  ? -10.108 2.610   -14.236 1.00 28.62 ? 100 GLU A CB  1 
ATOM   683  C CG  . GLU A 1 95  ? -9.317  3.322   -15.307 1.00 31.30 ? 100 GLU A CG  1 
ATOM   684  C CD  . GLU A 1 95  ? -8.532  2.357   -16.187 1.00 32.36 ? 100 GLU A CD  1 
ATOM   685  O OE1 . GLU A 1 95  ? -7.285  2.493   -16.257 1.00 34.50 ? 100 GLU A OE1 1 
ATOM   686  O OE2 . GLU A 1 95  ? -9.175  1.457   -16.801 1.00 37.55 ? 100 GLU A OE2 1 
ATOM   687  N N   . GLU A 1 96  ? -10.925 2.391   -11.164 1.00 28.71 ? 101 GLU A N   1 
ATOM   688  C CA  . GLU A 1 96  ? -11.460 1.637   -10.017 1.00 29.10 ? 101 GLU A CA  1 
ATOM   689  C C   . GLU A 1 96  ? -11.158 2.362   -8.735  1.00 28.24 ? 101 GLU A C   1 
ATOM   690  O O   . GLU A 1 96  ? -10.117 2.986   -8.609  1.00 28.40 ? 101 GLU A O   1 
ATOM   691  C CB  . GLU A 1 96  ? -10.813 0.249   -9.937  1.00 29.58 ? 101 GLU A CB  1 
ATOM   692  C CG  . GLU A 1 96  ? -11.263 -0.728  -11.002 1.00 32.37 ? 101 GLU A CG  1 
ATOM   693  C CD  . GLU A 1 96  ? -12.602 -1.343  -10.697 1.00 35.73 ? 101 GLU A CD  1 
ATOM   694  O OE1 . GLU A 1 96  ? -13.579 -0.591  -10.496 1.00 39.00 ? 101 GLU A OE1 1 
ATOM   695  O OE2 . GLU A 1 96  ? -12.686 -2.587  -10.658 1.00 37.80 ? 101 GLU A OE2 1 
ATOM   696  N N   . ASP A 1 97  ? -12.038 2.294   -7.755  1.00 28.06 ? 102 ASP A N   1 
ATOM   697  C CA  . ASP A 1 97  ? -11.608 2.846   -6.481  1.00 28.30 ? 102 ASP A CA  1 
ATOM   698  C C   . ASP A 1 97  ? -11.014 1.798   -5.533  1.00 26.97 ? 102 ASP A C   1 
ATOM   699  O O   . ASP A 1 97  ? -11.271 0.600   -5.652  1.00 26.25 ? 102 ASP A O   1 
ATOM   700  C CB  . ASP A 1 97  ? -12.625 3.815   -5.850  1.00 29.64 ? 102 ASP A CB  1 
ATOM   701  C CG  . ASP A 1 97  ? -14.007 3.245   -5.756  1.00 32.06 ? 102 ASP A CG  1 
ATOM   702  O OD1 . ASP A 1 97  ? -14.968 3.941   -6.171  1.00 33.92 ? 102 ASP A OD1 1 
ATOM   703  O OD2 . ASP A 1 97  ? -14.135 2.114   -5.251  1.00 35.43 ? 102 ASP A OD2 1 
ATOM   704  N N   . PHE A 1 98  ? -10.150 2.270   -4.655  1.00 25.85 ? 103 PHE A N   1 
ATOM   705  C CA  . PHE A 1 98  ? -9.428  1.430   -3.709  1.00 25.18 ? 103 PHE A CA  1 
ATOM   706  C C   . PHE A 1 98  ? -10.327 0.362   -3.018  1.00 24.69 ? 103 PHE A C   1 
ATOM   707  O O   . PHE A 1 98  ? -9.961  -0.821  -2.922  1.00 23.85 ? 103 PHE A O   1 
ATOM   708  C CB  . PHE A 1 98  ? -8.720  2.334   -2.677  1.00 25.00 ? 103 PHE A CB  1 
ATOM   709  C CG  . PHE A 1 98  ? -8.085  1.582   -1.555  1.00 25.61 ? 103 PHE A CG  1 
ATOM   710  C CD1 . PHE A 1 98  ? -6.718  1.305   -1.570  1.00 25.71 ? 103 PHE A CD1 1 
ATOM   711  C CD2 . PHE A 1 98  ? -8.860  1.091   -0.503  1.00 25.33 ? 103 PHE A CD2 1 
ATOM   712  C CE1 . PHE A 1 98  ? -6.140  0.569   -0.550  1.00 24.45 ? 103 PHE A CE1 1 
ATOM   713  C CE2 . PHE A 1 98  ? -8.275  0.352   0.517   1.00 24.92 ? 103 PHE A CE2 1 
ATOM   714  C CZ  . PHE A 1 98  ? -6.921  0.102   0.489   1.00 24.04 ? 103 PHE A CZ  1 
ATOM   715  N N   . GLU A 1 99  ? -11.498 0.802   -2.558  1.00 24.35 ? 104 GLU A N   1 
ATOM   716  C CA  . GLU A 1 99  ? -12.390 0.011   -1.701  1.00 24.50 ? 104 GLU A CA  1 
ATOM   717  C C   . GLU A 1 99  ? -13.003 -1.167  -2.448  1.00 24.29 ? 104 GLU A C   1 
ATOM   718  O O   . GLU A 1 99  ? -13.288 -2.221  -1.865  1.00 23.66 ? 104 GLU A O   1 
ATOM   719  C CB  . GLU A 1 99  ? -13.526 0.892   -1.151  1.00 24.66 ? 104 GLU A CB  1 
ATOM   720  C CG  . GLU A 1 99  ? -13.115 1.917   -0.096  1.00 25.14 ? 104 GLU A CG  1 
ATOM   721  C CD  . GLU A 1 99  ? -12.830 3.299   -0.667  1.00 27.25 ? 104 GLU A CD  1 
ATOM   722  O OE1 . GLU A 1 99  ? -12.550 3.433   -1.873  1.00 25.17 ? 104 GLU A OE1 1 
ATOM   723  O OE2 . GLU A 1 99  ? -12.879 4.268   0.117   1.00 31.17 ? 104 GLU A OE2 1 
ATOM   724  N N   . SER A 1 100 ? -13.233 -0.946  -3.737  1.00 23.76 ? 105 SER A N   1 
ATOM   725  C CA  . SER A 1 100 ? -13.811 -1.920  -4.636  1.00 23.84 ? 105 SER A CA  1 
ATOM   726  C C   . SER A 1 100 ? -12.824 -3.065  -4.899  1.00 23.41 ? 105 SER A C   1 
ATOM   727  O O   . SER A 1 100 ? -13.185 -4.261  -4.891  1.00 23.77 ? 105 SER A O   1 
ATOM   728  C CB  . SER A 1 100 ? -14.148 -1.212  -5.943  1.00 24.11 ? 105 SER A CB  1 
ATOM   729  O OG  . SER A 1 100 ? -14.870 -2.055  -6.812  1.00 26.32 ? 105 SER A OG  1 
ATOM   730  N N   . LEU A 1 101 ? -11.577 -2.692  -5.135  1.00 22.15 ? 106 LEU A N   1 
ATOM   731  C CA  . LEU A 1 101 ? -10.511 -3.646  -5.421  1.00 21.26 ? 106 LEU A CA  1 
ATOM   732  C C   . LEU A 1 101 ? -10.034 -4.376  -4.158  1.00 20.94 ? 106 LEU A C   1 
ATOM   733  O O   . LEU A 1 101 ? -9.579  -5.500  -4.244  1.00 21.24 ? 106 LEU A O   1 
ATOM   734  C CB  . LEU A 1 101 ? -9.320  -2.931  -6.095  1.00 20.36 ? 106 LEU A CB  1 
ATOM   735  C CG  . LEU A 1 101 ? -9.496  -2.236  -7.450  1.00 20.60 ? 106 LEU A CG  1 
ATOM   736  C CD1 . LEU A 1 101 ? -8.241  -1.414  -7.824  1.00 18.51 ? 106 LEU A CD1 1 
ATOM   737  C CD2 . LEU A 1 101 ? -9.880  -3.215  -8.586  1.00 18.91 ? 106 LEU A CD2 1 
ATOM   738  N N   . ALA A 1 102 ? -10.096 -3.722  -3.003  1.00 20.87 ? 107 ALA A N   1 
ATOM   739  C CA  . ALA A 1 102 ? -9.778  -4.381  -1.746  1.00 21.38 ? 107 ALA A CA  1 
ATOM   740  C C   . ALA A 1 102 ? -10.817 -5.476  -1.456  1.00 21.79 ? 107 ALA A C   1 
ATOM   741  O O   . ALA A 1 102 ? -10.449 -6.593  -1.051  1.00 21.07 ? 107 ALA A O   1 
ATOM   742  C CB  . ALA A 1 102 ? -9.709  -3.386  -0.604  1.00 21.06 ? 107 ALA A CB  1 
ATOM   743  N N   . SER A 1 103 ? -12.094 -5.149  -1.683  1.00 21.56 ? 108 SER A N   1 
ATOM   744  C CA  . SER A 1 103 ? -13.210 -6.078  -1.481  1.00 22.29 ? 108 SER A CA  1 
ATOM   745  C C   . SER A 1 103 ? -13.119 -7.319  -2.350  1.00 22.48 ? 108 SER A C   1 
ATOM   746  O O   . SER A 1 103 ? -13.416 -8.432  -1.893  1.00 23.32 ? 108 SER A O   1 
ATOM   747  C CB  . SER A 1 103 ? -14.538 -5.383  -1.767  1.00 22.18 ? 108 SER A CB  1 
ATOM   748  O OG  . SER A 1 103 ? -14.786 -4.402  -0.789  1.00 24.29 ? 108 SER A OG  1 
ATOM   749  N N   . GLN A 1 104 ? -12.720 -7.126  -3.602  1.00 22.44 ? 109 GLN A N   1 
ATOM   750  C CA  . GLN A 1 104 ? -12.662 -8.207  -4.566  1.00 22.61 ? 109 GLN A CA  1 
ATOM   751  C C   . GLN A 1 104 ? -11.372 -9.004  -4.529  1.00 22.30 ? 109 GLN A C   1 
ATOM   752  O O   . GLN A 1 104 ? -11.371 -10.187 -4.849  1.00 21.90 ? 109 GLN A O   1 
ATOM   753  C CB  . GLN A 1 104 ? -12.825 -7.657  -5.981  1.00 23.10 ? 109 GLN A CB  1 
ATOM   754  C CG  . GLN A 1 104 ? -14.162 -7.049  -6.295  1.00 24.01 ? 109 GLN A CG  1 
ATOM   755  C CD  . GLN A 1 104 ? -14.158 -6.389  -7.655  1.00 25.27 ? 109 GLN A CD  1 
ATOM   756  O OE1 . GLN A 1 104 ? -14.121 -5.156  -7.775  1.00 26.83 ? 109 GLN A OE1 1 
ATOM   757  N NE2 . GLN A 1 104 ? -14.190 -7.207  -8.692  1.00 25.96 ? 109 GLN A NE2 1 
ATOM   758  N N   . PHE A 1 105 ? -10.270 -8.339  -4.194  1.00 22.32 ? 110 PHE A N   1 
ATOM   759  C CA  . PHE A 1 105 ? -8.941  -8.853  -4.492  1.00 21.99 ? 110 PHE A CA  1 
ATOM   760  C C   . PHE A 1 105 ? -7.950  -8.921  -3.323  1.00 22.11 ? 110 PHE A C   1 
ATOM   761  O O   . PHE A 1 105 ? -6.889  -9.511  -3.479  1.00 22.93 ? 110 PHE A O   1 
ATOM   762  C CB  . PHE A 1 105 ? -8.303  -8.072  -5.669  1.00 22.33 ? 110 PHE A CB  1 
ATOM   763  C CG  . PHE A 1 105 ? -9.124  -8.098  -6.936  1.00 21.98 ? 110 PHE A CG  1 
ATOM   764  C CD1 . PHE A 1 105 ? -9.560  -6.907  -7.521  1.00 22.05 ? 110 PHE A CD1 1 
ATOM   765  C CD2 . PHE A 1 105 ? -9.484  -9.302  -7.523  1.00 22.42 ? 110 PHE A CD2 1 
ATOM   766  C CE1 . PHE A 1 105 ? -10.316 -6.913  -8.686  1.00 21.66 ? 110 PHE A CE1 1 
ATOM   767  C CE2 . PHE A 1 105 ? -10.253 -9.331  -8.683  1.00 22.63 ? 110 PHE A CE2 1 
ATOM   768  C CZ  . PHE A 1 105 ? -10.675 -8.119  -9.271  1.00 22.85 ? 110 PHE A CZ  1 
ATOM   769  N N   . SER A 1 106 ? -8.265  -8.336  -2.172  1.00 21.83 ? 111 SER A N   1 
ATOM   770  C CA  . SER A 1 106 ? -7.332  -8.401  -1.029  1.00 22.21 ? 111 SER A CA  1 
ATOM   771  C C   . SER A 1 106 ? -7.301  -9.798  -0.386  1.00 23.14 ? 111 SER A C   1 
ATOM   772  O O   . SER A 1 106 ? -8.354  -10.399 -0.132  1.00 22.61 ? 111 SER A O   1 
ATOM   773  C CB  . SER A 1 106 ? -7.669  -7.361  0.022   1.00 20.96 ? 111 SER A CB  1 
ATOM   774  O OG  . SER A 1 106 ? -6.788  -7.437  1.126   1.00 21.09 ? 111 SER A OG  1 
ATOM   775  N N   . ASP A 1 107 ? -6.087  -10.304 -0.150  1.00 23.61 ? 112 ASP A N   1 
ATOM   776  C CA  . ASP A 1 107 ? -5.877  -11.620 0.468   1.00 24.13 ? 112 ASP A CA  1 
ATOM   777  C C   . ASP A 1 107 ? -5.956  -11.489 1.985   1.00 24.95 ? 112 ASP A C   1 
ATOM   778  O O   . ASP A 1 107 ? -5.475  -12.335 2.728   1.00 26.05 ? 112 ASP A O   1 
ATOM   779  C CB  . ASP A 1 107 ? -4.536  -12.222 0.035   1.00 23.39 ? 112 ASP A CB  1 
ATOM   780  C CG  . ASP A 1 107 ? -4.603  -12.893 -1.340  1.00 22.88 ? 112 ASP A CG  1 
ATOM   781  O OD1 . ASP A 1 107 ? -5.549  -13.650 -1.572  1.00 20.93 ? 112 ASP A OD1 1 
ATOM   782  O OD2 . ASP A 1 107 ? -3.708  -12.680 -2.189  1.00 20.63 ? 112 ASP A OD2 1 
ATOM   783  N N   . CYS A 1 108 ? -6.556  -10.403 2.443   1.00 25.69 ? 113 CYS A N   1 
ATOM   784  C CA  . CYS A 1 108 ? -6.782  -10.207 3.862   1.00 25.55 ? 113 CYS A CA  1 
ATOM   785  C C   . CYS A 1 108 ? -8.258  -10.352 4.159   1.00 25.71 ? 113 CYS A C   1 
ATOM   786  O O   . CYS A 1 108 ? -9.112  -9.997  3.348   1.00 25.34 ? 113 CYS A O   1 
ATOM   787  C CB  . CYS A 1 108 ? -6.305  -8.834  4.305   1.00 25.33 ? 113 CYS A CB  1 
ATOM   788  S SG  . CYS A 1 108 ? -6.183  -8.580  6.103   1.00 26.80 ? 113 CYS A SG  1 
ATOM   789  N N   . SER A 1 109 ? -8.514  -10.923 5.324   1.00 25.75 ? 114 SER A N   1 
ATOM   790  C CA  . SER A 1 109 ? -9.778  -10.939 6.010   1.00 26.68 ? 114 SER A CA  1 
ATOM   791  C C   . SER A 1 109 ? -10.545 -9.602  5.947   1.00 26.10 ? 114 SER A C   1 
ATOM   792  O O   . SER A 1 109 ? -11.782 -9.589  5.859   1.00 26.07 ? 114 SER A O   1 
ATOM   793  C CB  . SER A 1 109 ? -9.478  -11.270 7.478   1.00 26.86 ? 114 SER A CB  1 
ATOM   794  O OG  . SER A 1 109 ? -10.581 -11.908 8.067   1.00 30.43 ? 114 SER A OG  1 
ATOM   795  N N   . SER A 1 110 ? -9.793  -8.495  5.972   1.00 25.59 ? 115 SER A N   1 
ATOM   796  C CA  . SER A 1 110 ? -10.351 -7.140  6.021   1.00 24.90 ? 115 SER A CA  1 
ATOM   797  C C   . SER A 1 110 ? -10.960 -6.727  4.694   1.00 23.79 ? 115 SER A C   1 
ATOM   798  O O   . SER A 1 110 ? -11.600 -5.698  4.617   1.00 23.68 ? 115 SER A O   1 
ATOM   799  C CB  . SER A 1 110 ? -9.308  -6.118  6.483   1.00 25.19 ? 115 SER A CB  1 
ATOM   800  O OG  . SER A 1 110 ? -8.305  -5.962  5.501   1.00 26.39 ? 115 SER A OG  1 
ATOM   801  N N   . ALA A 1 111 ? -10.783 -7.555  3.667   1.00 22.85 ? 116 ALA A N   1 
ATOM   802  C CA  . ALA A 1 111 ? -11.466 -7.396  2.395   1.00 22.13 ? 116 ALA A CA  1 
ATOM   803  C C   . ALA A 1 111 ? -12.978 -7.194  2.572   1.00 22.21 ? 116 ALA A C   1 
ATOM   804  O O   . ALA A 1 111 ? -13.586 -6.428  1.831   1.00 21.85 ? 116 ALA A O   1 
ATOM   805  C CB  . ALA A 1 111 ? -11.189 -8.587  1.484   1.00 21.26 ? 116 ALA A CB  1 
ATOM   806  N N   . LYS A 1 112 ? -13.562 -7.881  3.559   1.00 22.01 ? 117 LYS A N   1 
ATOM   807  C CA  . LYS A 1 112 ? -15.001 -7.852  3.844   1.00 21.96 ? 117 LYS A CA  1 
ATOM   808  C C   . LYS A 1 112 ? -15.469 -6.512  4.405   1.00 21.40 ? 117 LYS A C   1 
ATOM   809  O O   . LYS A 1 112 ? -16.675 -6.213  4.422   1.00 20.65 ? 117 LYS A O   1 
ATOM   810  C CB  . LYS A 1 112 ? -15.363 -8.969  4.843   1.00 22.77 ? 117 LYS A CB  1 
ATOM   811  C CG  . LYS A 1 112 ? -14.831 -10.326 4.460   1.00 24.94 ? 117 LYS A CG  1 
ATOM   812  C CD  . LYS A 1 112 ? -15.740 -11.048 3.497   1.00 30.24 ? 117 LYS A CD  1 
ATOM   813  C CE  . LYS A 1 112 ? -15.049 -12.300 2.934   1.00 31.75 ? 117 LYS A CE  1 
ATOM   814  N NZ  . LYS A 1 112 ? -14.364 -12.003 1.637   1.00 30.52 ? 117 LYS A NZ  1 
ATOM   815  N N   . ALA A 1 113 ? -14.505 -5.729  4.883   1.00 20.70 ? 118 ALA A N   1 
ATOM   816  C CA  . ALA A 1 113 ? -14.741 -4.377  5.342   1.00 20.84 ? 118 ALA A CA  1 
ATOM   817  C C   . ALA A 1 113 ? -14.073 -3.366  4.395   1.00 20.55 ? 118 ALA A C   1 
ATOM   818  O O   . ALA A 1 113 ? -13.564 -2.354  4.858   1.00 20.33 ? 118 ALA A O   1 
ATOM   819  C CB  . ALA A 1 113 ? -14.226 -4.199  6.770   1.00 20.17 ? 118 ALA A CB  1 
ATOM   820  N N   . ARG A 1 114 ? -14.061 -3.652  3.089   1.00 21.02 ? 119 ARG A N   1 
ATOM   821  C CA  . ARG A 1 114 ? -13.430 -2.751  2.077   1.00 21.98 ? 119 ARG A CA  1 
ATOM   822  C C   . ARG A 1 114 ? -11.971 -2.475  2.397   1.00 22.06 ? 119 ARG A C   1 
ATOM   823  O O   . ARG A 1 114 ? -11.447 -1.401  2.073   1.00 21.42 ? 119 ARG A O   1 
ATOM   824  C CB  . ARG A 1 114 ? -14.155 -1.389  1.994   1.00 22.60 ? 119 ARG A CB  1 
ATOM   825  C CG  . ARG A 1 114 ? -15.496 -1.367  1.276   1.00 25.25 ? 119 ARG A CG  1 
ATOM   826  C CD  . ARG A 1 114 ? -16.469 -0.382  1.930   1.00 28.12 ? 119 ARG A CD  1 
ATOM   827  N NE  . ARG A 1 114 ? -17.158 -1.074  3.018   1.00 35.44 ? 119 ARG A NE  1 
ATOM   828  C CZ  . ARG A 1 114 ? -16.821 -1.073  4.317   1.00 36.03 ? 119 ARG A CZ  1 
ATOM   829  N NH1 . ARG A 1 114 ? -15.786 -0.362  4.799   1.00 35.40 ? 119 ARG A NH1 1 
ATOM   830  N NH2 . ARG A 1 114 ? -17.557 -1.789  5.149   1.00 32.67 ? 119 ARG A NH2 1 
ATOM   831  N N   . GLY A 1 115 ? -11.326 -3.422  3.077   1.00 22.38 ? 120 GLY A N   1 
ATOM   832  C CA  . GLY A 1 115 ? -9.919  -3.298  3.407   1.00 22.18 ? 120 GLY A CA  1 
ATOM   833  C C   . GLY A 1 115 ? -9.631  -2.521  4.672   1.00 22.47 ? 120 GLY A C   1 
ATOM   834  O O   . GLY A 1 115 ? -8.475  -2.403  5.055   1.00 21.99 ? 120 GLY A O   1 
ATOM   835  N N   . ASP A 1 116 ? -10.673 -2.021  5.334   1.00 23.07 ? 121 ASP A N   1 
ATOM   836  C CA  . ASP A 1 116 ? -10.524 -1.282  6.603   1.00 24.01 ? 121 ASP A CA  1 
ATOM   837  C C   . ASP A 1 116 ? -10.012 -2.139  7.771   1.00 24.54 ? 121 ASP A C   1 
ATOM   838  O O   . ASP A 1 116 ? -10.573 -3.185  8.078   1.00 23.65 ? 121 ASP A O   1 
ATOM   839  C CB  . ASP A 1 116 ? -11.847 -0.605  7.008   1.00 24.13 ? 121 ASP A CB  1 
ATOM   840  C CG  . ASP A 1 116 ? -11.739 0.161   8.327   1.00 24.55 ? 121 ASP A CG  1 
ATOM   841  O OD1 . ASP A 1 116 ? -10.692 0.809   8.589   1.00 21.80 ? 121 ASP A OD1 1 
ATOM   842  O OD2 . ASP A 1 116 ? -12.708 0.099   9.116   1.00 25.95 ? 121 ASP A OD2 1 
ATOM   843  N N   . LEU A 1 117 ? -8.956  -1.659  8.425   1.00 25.51 ? 122 LEU A N   1 
ATOM   844  C CA  . LEU A 1 117 ? -8.357  -2.347  9.579   1.00 26.19 ? 122 LEU A CA  1 
ATOM   845  C C   . LEU A 1 117 ? -8.694  -1.695  10.929  1.00 26.66 ? 122 LEU A C   1 
ATOM   846  O O   . LEU A 1 117 ? -8.340  -2.223  11.971  1.00 26.48 ? 122 LEU A O   1 
ATOM   847  C CB  . LEU A 1 117 ? -6.827  -2.395  9.435   1.00 25.73 ? 122 LEU A CB  1 
ATOM   848  C CG  . LEU A 1 117 ? -6.216  -3.125  8.242   1.00 25.24 ? 122 LEU A CG  1 
ATOM   849  C CD1 . LEU A 1 117 ? -4.782  -2.677  8.070   1.00 23.81 ? 122 LEU A CD1 1 
ATOM   850  C CD2 . LEU A 1 117 ? -6.306  -4.630  8.430   1.00 25.15 ? 122 LEU A CD2 1 
ATOM   851  N N   . GLY A 1 118 ? -9.362  -0.547  10.903  1.00 27.31 ? 123 GLY A N   1 
ATOM   852  C CA  . GLY A 1 118 ? -9.555  0.248   12.108  1.00 27.65 ? 123 GLY A CA  1 
ATOM   853  C C   . GLY A 1 118 ? -8.298  1.005   12.471  1.00 28.36 ? 123 GLY A C   1 
ATOM   854  O O   . GLY A 1 118 ? -7.313  0.999   11.722  1.00 28.35 ? 123 GLY A O   1 
ATOM   855  N N   . ALA A 1 119 ? -8.348  1.672   13.619  1.00 28.71 ? 124 ALA A N   1 
ATOM   856  C CA  . ALA A 1 119 ? -7.256  2.473   14.121  1.00 29.84 ? 124 ALA A CA  1 
ATOM   857  C C   . ALA A 1 119 ? -6.213  1.607   14.828  1.00 30.52 ? 124 ALA A C   1 
ATOM   858  O O   . ALA A 1 119 ? -6.519  0.530   15.341  1.00 31.15 ? 124 ALA A O   1 
ATOM   859  C CB  . ALA A 1 119 ? -7.779  3.578   15.058  1.00 29.96 ? 124 ALA A CB  1 
ATOM   860  N N   . PHE A 1 120 ? -4.971  2.071   14.830  1.00 30.86 ? 125 PHE A N   1 
ATOM   861  C CA  . PHE A 1 120 ? -3.881  1.346   15.476  1.00 31.32 ? 125 PHE A CA  1 
ATOM   862  C C   . PHE A 1 120 ? -2.756  2.314   15.820  1.00 31.93 ? 125 PHE A C   1 
ATOM   863  O O   . PHE A 1 120 ? -2.664  3.403   15.264  1.00 32.31 ? 125 PHE A O   1 
ATOM   864  C CB  . PHE A 1 120 ? -3.388  0.133   14.638  1.00 30.99 ? 125 PHE A CB  1 
ATOM   865  C CG  . PHE A 1 120 ? -2.939  0.482   13.217  1.00 30.87 ? 125 PHE A CG  1 
ATOM   866  C CD1 . PHE A 1 120 ? -1.631  0.897   12.961  1.00 29.33 ? 125 PHE A CD1 1 
ATOM   867  C CD2 . PHE A 1 120 ? -3.831  0.386   12.144  1.00 31.21 ? 125 PHE A CD2 1 
ATOM   868  C CE1 . PHE A 1 120 ? -1.220  1.222   11.676  1.00 29.79 ? 125 PHE A CE1 1 
ATOM   869  C CE2 . PHE A 1 120 ? -3.431  0.714   10.840  1.00 31.08 ? 125 PHE A CE2 1 
ATOM   870  C CZ  . PHE A 1 120 ? -2.128  1.134   10.608  1.00 30.77 ? 125 PHE A CZ  1 
ATOM   871  N N   . SER A 1 121 ? -1.906  1.911   16.748  1.00 32.78 ? 126 SER A N   1 
ATOM   872  C CA  . SER A 1 121 ? -0.804  2.735   17.191  1.00 33.67 ? 126 SER A CA  1 
ATOM   873  C C   . SER A 1 121 ? 0.486   2.014   16.826  1.00 33.86 ? 126 SER A C   1 
ATOM   874  O O   . SER A 1 121 ? 0.455   0.917   16.248  1.00 33.84 ? 126 SER A O   1 
ATOM   875  C CB  . SER A 1 121 ? -0.904  2.942   18.706  1.00 34.16 ? 126 SER A CB  1 
ATOM   876  O OG  . SER A 1 121 ? -0.919  1.687   19.364  1.00 35.31 ? 126 SER A OG  1 
ATOM   877  N N   . ARG A 1 122 ? 1.618   2.632   17.142  1.00 34.14 ? 127 ARG A N   1 
ATOM   878  C CA  . ARG A 1 122 ? 2.900   1.983   16.926  1.00 34.89 ? 127 ARG A CA  1 
ATOM   879  C C   . ARG A 1 122 ? 3.062   0.777   17.863  1.00 35.60 ? 127 ARG A C   1 
ATOM   880  O O   . ARG A 1 122 ? 2.668   0.825   19.034  1.00 36.33 ? 127 ARG A O   1 
ATOM   881  C CB  . ARG A 1 122 ? 4.047   2.987   17.058  1.00 34.62 ? 127 ARG A CB  1 
ATOM   882  C CG  . ARG A 1 122 ? 4.138   3.984   15.879  1.00 34.11 ? 127 ARG A CG  1 
ATOM   883  C CD  . ARG A 1 122 ? 5.473   4.701   15.899  1.00 33.80 ? 127 ARG A CD  1 
ATOM   884  N NE  . ARG A 1 122 ? 5.686   5.669   14.815  1.00 33.36 ? 127 ARG A NE  1 
ATOM   885  C CZ  . ARG A 1 122 ? 6.176   5.386   13.602  1.00 30.40 ? 127 ARG A CZ  1 
ATOM   886  N NH1 . ARG A 1 122 ? 6.479   4.142   13.252  1.00 27.34 ? 127 ARG A NH1 1 
ATOM   887  N NH2 . ARG A 1 122 ? 6.355   6.369   12.729  1.00 30.17 ? 127 ARG A NH2 1 
ATOM   888  N N   . GLY A 1 123 ? 3.594   -0.319  17.330  1.00 35.94 ? 128 GLY A N   1 
ATOM   889  C CA  . GLY A 1 123 ? 3.793   -1.536  18.124  1.00 35.65 ? 128 GLY A CA  1 
ATOM   890  C C   . GLY A 1 123 ? 2.798   -2.642  17.844  1.00 35.40 ? 128 GLY A C   1 
ATOM   891  O O   . GLY A 1 123 ? 2.911   -3.731  18.405  1.00 36.14 ? 128 GLY A O   1 
ATOM   892  N N   . GLN A 1 124 ? 1.828   -2.382  16.970  1.00 34.85 ? 129 GLN A N   1 
ATOM   893  C CA  . GLN A 1 124 ? 0.795   -3.374  16.642  1.00 34.15 ? 129 GLN A CA  1 
ATOM   894  C C   . GLN A 1 124 ? 1.028   -4.064  15.307  1.00 33.34 ? 129 GLN A C   1 
ATOM   895  O O   . GLN A 1 124 ? 0.815   -5.263  15.179  1.00 32.99 ? 129 GLN A O   1 
ATOM   896  C CB  . GLN A 1 124 ? -0.588  -2.731  16.632  1.00 34.27 ? 129 GLN A CB  1 
ATOM   897  C CG  . GLN A 1 124 ? -0.947  -1.964  17.898  1.00 36.09 ? 129 GLN A CG  1 
ATOM   898  C CD  . GLN A 1 124 ? -2.361  -1.433  17.849  1.00 37.92 ? 129 GLN A CD  1 
ATOM   899  O OE1 . GLN A 1 124 ? -2.625  -0.293  18.238  1.00 38.35 ? 129 GLN A OE1 1 
ATOM   900  N NE2 . GLN A 1 124 ? -3.275  -2.247  17.344  1.00 37.84 ? 129 GLN A NE2 1 
ATOM   901  N N   . MET A 1 125 ? 1.457   -3.306  14.303  1.00 32.63 ? 130 MET A N   1 
ATOM   902  C CA  . MET A 1 125 ? 1.580   -3.874  12.963  1.00 32.28 ? 130 MET A CA  1 
ATOM   903  C C   . MET A 1 125 ? 3.017   -4.255  12.657  1.00 31.52 ? 130 MET A C   1 
ATOM   904  O O   . MET A 1 125 ? 3.949   -3.744  13.277  1.00 31.87 ? 130 MET A O   1 
ATOM   905  C CB  . MET A 1 125 ? 1.034   -2.905  11.891  1.00 32.22 ? 130 MET A CB  1 
ATOM   906  C CG  . MET A 1 125 ? -0.390  -2.437  12.134  1.00 32.46 ? 130 MET A CG  1 
ATOM   907  S SD  . MET A 1 125 ? -1.577  -3.784  12.177  1.00 35.00 ? 130 MET A SD  1 
ATOM   908  C CE  . MET A 1 125 ? -3.145  -2.918  12.216  1.00 34.76 ? 130 MET A CE  1 
ATOM   909  N N   . GLN A 1 126 ? 3.190   -5.167  11.707  1.00 30.79 ? 131 GLN A N   1 
ATOM   910  C CA  . GLN A 1 126 ? 4.493   -5.364  11.100  1.00 30.76 ? 131 GLN A CA  1 
ATOM   911  C C   . GLN A 1 126 ? 5.085   -4.013  10.711  1.00 30.52 ? 131 GLN A C   1 
ATOM   912  O O   . GLN A 1 126 ? 4.421   -3.144  10.123  1.00 30.40 ? 131 GLN A O   1 
ATOM   913  C CB  . GLN A 1 126 ? 4.412   -6.296  9.907   1.00 30.63 ? 131 GLN A CB  1 
ATOM   914  C CG  . GLN A 1 126 ? 3.887   -7.643  10.288  1.00 31.74 ? 131 GLN A CG  1 
ATOM   915  C CD  . GLN A 1 126 ? 3.799   -8.589  9.128   1.00 32.91 ? 131 GLN A CD  1 
ATOM   916  O OE1 . GLN A 1 126 ? 4.809   -8.958  8.549   1.00 35.00 ? 131 GLN A OE1 1 
ATOM   917  N NE2 . GLN A 1 126 ? 2.589   -9.008  8.795   1.00 33.84 ? 131 GLN A NE2 1 
ATOM   918  N N   . LYS A 1 127 ? 6.349   -3.858  11.081  1.00 29.87 ? 132 LYS A N   1 
ATOM   919  C CA  . LYS A 1 127 ? 7.070   -2.599  11.066  1.00 28.71 ? 132 LYS A CA  1 
ATOM   920  C C   . LYS A 1 127 ? 7.044   -1.804  9.733   1.00 28.18 ? 132 LYS A C   1 
ATOM   921  O O   . LYS A 1 127 ? 6.861   -0.580  9.763   1.00 28.21 ? 132 LYS A O   1 
ATOM   922  C CB  . LYS A 1 127 ? 8.509   -2.880  11.538  1.00 29.09 ? 132 LYS A CB  1 
ATOM   923  C CG  . LYS A 1 127 ? 9.320   -1.679  11.902  1.00 28.11 ? 132 LYS A CG  1 
ATOM   924  C CD  . LYS A 1 127 ? 8.660   -0.853  12.964  1.00 27.38 ? 132 LYS A CD  1 
ATOM   925  C CE  . LYS A 1 127 ? 9.530   0.335   13.221  1.00 28.23 ? 132 LYS A CE  1 
ATOM   926  N NZ  . LYS A 1 127 ? 8.836   1.479   13.820  1.00 29.00 ? 132 LYS A NZ  1 
ATOM   927  N N   . PRO A 1 128 ? 7.241   -2.478  8.575   1.00 27.38 ? 133 PRO A N   1 
ATOM   928  C CA  . PRO A 1 128 ? 7.156   -1.740  7.304   1.00 26.72 ? 133 PRO A CA  1 
ATOM   929  C C   . PRO A 1 128 ? 5.755   -1.153  7.060   1.00 25.92 ? 133 PRO A C   1 
ATOM   930  O O   . PRO A 1 128 ? 5.641   -0.012  6.619   1.00 25.29 ? 133 PRO A O   1 
ATOM   931  C CB  . PRO A 1 128 ? 7.465   -2.814  6.249   1.00 26.43 ? 133 PRO A CB  1 
ATOM   932  C CG  . PRO A 1 128 ? 8.166   -3.888  6.979   1.00 27.23 ? 133 PRO A CG  1 
ATOM   933  C CD  . PRO A 1 128 ? 7.556   -3.901  8.340   1.00 27.71 ? 133 PRO A CD  1 
ATOM   934  N N   . PHE A 1 129 ? 4.713   -1.937  7.363   1.00 25.02 ? 134 PHE A N   1 
ATOM   935  C CA  . PHE A 1 129 ? 3.332   -1.496  7.244   1.00 23.93 ? 134 PHE A CA  1 
ATOM   936  C C   . PHE A 1 129 ? 3.094   -0.287  8.121   1.00 24.11 ? 134 PHE A C   1 
ATOM   937  O O   . PHE A 1 129 ? 2.533   0.723   7.661   1.00 24.19 ? 134 PHE A O   1 
ATOM   938  C CB  . PHE A 1 129 ? 2.372   -2.625  7.633   1.00 23.68 ? 134 PHE A CB  1 
ATOM   939  C CG  . PHE A 1 129 ? 0.920   -2.324  7.345   1.00 23.50 ? 134 PHE A CG  1 
ATOM   940  C CD1 . PHE A 1 129 ? 0.317   -2.828  6.202   1.00 20.40 ? 134 PHE A CD1 1 
ATOM   941  C CD2 . PHE A 1 129 ? 0.153   -1.536  8.229   1.00 22.66 ? 134 PHE A CD2 1 
ATOM   942  C CE1 . PHE A 1 129 ? -1.016  -2.555  5.923   1.00 19.71 ? 134 PHE A CE1 1 
ATOM   943  C CE2 . PHE A 1 129 ? -1.177  -1.250  7.949   1.00 20.47 ? 134 PHE A CE2 1 
ATOM   944  C CZ  . PHE A 1 129 ? -1.761  -1.767  6.791   1.00 21.18 ? 134 PHE A CZ  1 
ATOM   945  N N   . GLU A 1 130 ? 3.529   -0.390  9.380   1.00 23.79 ? 135 GLU A N   1 
ATOM   946  C CA  . GLU A 1 130 ? 3.378   0.661   10.392  1.00 23.27 ? 135 GLU A CA  1 
ATOM   947  C C   . GLU A 1 130 ? 4.084   1.943   9.996   1.00 23.13 ? 135 GLU A C   1 
ATOM   948  O O   . GLU A 1 130 ? 3.518   3.039   10.075  1.00 23.15 ? 135 GLU A O   1 
ATOM   949  C CB  . GLU A 1 130 ? 3.942   0.179   11.743  1.00 22.79 ? 135 GLU A CB  1 
ATOM   950  C CG  . GLU A 1 130 ? 4.216   1.297   12.746  1.00 22.40 ? 135 GLU A CG  1 
ATOM   951  C CD  . GLU A 1 130 ? 4.983   0.827   13.985  1.00 24.15 ? 135 GLU A CD  1 
ATOM   952  O OE1 . GLU A 1 130 ? 4.601   -0.195  14.578  1.00 25.56 ? 135 GLU A OE1 1 
ATOM   953  O OE2 . GLU A 1 130 ? 5.954   1.509   14.374  1.00 23.32 ? 135 GLU A OE2 1 
ATOM   954  N N   . ASP A 1 131 ? 5.343   1.807   9.616   1.00 23.09 ? 136 ASP A N   1 
ATOM   955  C CA  . ASP A 1 131 ? 6.141   2.950   9.204   1.00 23.14 ? 136 ASP A CA  1 
ATOM   956  C C   . ASP A 1 131 ? 5.490   3.673   8.024   1.00 22.62 ? 136 ASP A C   1 
ATOM   957  O O   . ASP A 1 131 ? 5.305   4.891   8.069   1.00 22.78 ? 136 ASP A O   1 
ATOM   958  C CB  . ASP A 1 131 ? 7.584   2.515   8.892   1.00 22.88 ? 136 ASP A CB  1 
ATOM   959  C CG  . ASP A 1 131 ? 8.455   2.400   10.163  1.00 23.92 ? 136 ASP A CG  1 
ATOM   960  O OD1 . ASP A 1 131 ? 8.029   2.849   11.252  1.00 23.57 ? 136 ASP A OD1 1 
ATOM   961  O OD2 . ASP A 1 131 ? 9.582   1.879   10.066  1.00 25.47 ? 136 ASP A OD2 1 
ATOM   962  N N   . ALA A 1 132 ? 5.131   2.907   6.995   1.00 21.85 ? 137 ALA A N   1 
ATOM   963  C CA  . ALA A 1 132 ? 4.370   3.404   5.855   1.00 22.04 ? 137 ALA A CA  1 
ATOM   964  C C   . ALA A 1 132 ? 3.082   4.120   6.282   1.00 21.90 ? 137 ALA A C   1 
ATOM   965  O O   . ALA A 1 132 ? 2.825   5.245   5.859   1.00 21.77 ? 137 ALA A O   1 
ATOM   966  C CB  . ALA A 1 132 ? 4.051   2.240   4.884   1.00 21.43 ? 137 ALA A CB  1 
ATOM   967  N N   . SER A 1 133 ? 2.285   3.465   7.129   1.00 22.02 ? 138 SER A N   1 
ATOM   968  C CA  . SER A 1 133 ? 1.003   4.010   7.599   1.00 21.95 ? 138 SER A CA  1 
ATOM   969  C C   . SER A 1 133 ? 1.156   5.336   8.327   1.00 22.61 ? 138 SER A C   1 
ATOM   970  O O   . SER A 1 133 ? 0.301   6.224   8.203   1.00 22.82 ? 138 SER A O   1 
ATOM   971  C CB  . SER A 1 133 ? 0.308   3.014   8.534   1.00 21.52 ? 138 SER A CB  1 
ATOM   972  O OG  . SER A 1 133 ? 0.061   1.784   7.881   1.00 19.90 ? 138 SER A OG  1 
ATOM   973  N N   . PHE A 1 134 ? 2.231   5.456   9.103   1.00 23.04 ? 139 PHE A N   1 
ATOM   974  C CA  . PHE A 1 134 ? 2.485   6.652   9.907   1.00 23.69 ? 139 PHE A CA  1 
ATOM   975  C C   . PHE A 1 134 ? 3.167   7.791   9.119   1.00 24.09 ? 139 PHE A C   1 
ATOM   976  O O   . PHE A 1 134 ? 3.099   8.959   9.533   1.00 24.17 ? 139 PHE A O   1 
ATOM   977  C CB  . PHE A 1 134 ? 3.268   6.298   11.192  1.00 23.84 ? 139 PHE A CB  1 
ATOM   978  C CG  . PHE A 1 134 ? 2.370   5.954   12.369  1.00 24.22 ? 139 PHE A CG  1 
ATOM   979  C CD1 . PHE A 1 134 ? 2.031   4.636   12.640  1.00 24.25 ? 139 PHE A CD1 1 
ATOM   980  C CD2 . PHE A 1 134 ? 1.853   6.959   13.185  1.00 23.72 ? 139 PHE A CD2 1 
ATOM   981  C CE1 . PHE A 1 134 ? 1.193   4.315   13.709  1.00 25.31 ? 139 PHE A CE1 1 
ATOM   982  C CE2 . PHE A 1 134 ? 1.004   6.650   14.254  1.00 23.32 ? 139 PHE A CE2 1 
ATOM   983  C CZ  . PHE A 1 134 ? 0.680   5.331   14.517  1.00 22.62 ? 139 PHE A CZ  1 
ATOM   984  N N   . ALA A 1 135 ? 3.828   7.440   8.011   1.00 23.47 ? 140 ALA A N   1 
ATOM   985  C CA  . ALA A 1 135 ? 4.397   8.426   7.084   1.00 23.76 ? 140 ALA A CA  1 
ATOM   986  C C   . ALA A 1 135 ? 3.378   8.968   6.052   1.00 23.99 ? 140 ALA A C   1 
ATOM   987  O O   . ALA A 1 135 ? 3.623   10.006  5.407   1.00 23.87 ? 140 ALA A O   1 
ATOM   988  C CB  . ALA A 1 135 ? 5.622   7.837   6.369   1.00 23.49 ? 140 ALA A CB  1 
ATOM   989  N N   . LEU A 1 136 ? 2.252   8.275   5.887   1.00 23.57 ? 141 LEU A N   1 
ATOM   990  C CA  . LEU A 1 136 ? 1.175   8.794   5.041   1.00 24.43 ? 141 LEU A CA  1 
ATOM   991  C C   . LEU A 1 136 ? 0.452   9.902   5.772   1.00 25.49 ? 141 LEU A C   1 
ATOM   992  O O   . LEU A 1 136 ? 0.339   9.864   7.003   1.00 26.33 ? 141 LEU A O   1 
ATOM   993  C CB  . LEU A 1 136 ? 0.157   7.703   4.678   1.00 23.47 ? 141 LEU A CB  1 
ATOM   994  C CG  . LEU A 1 136 ? 0.580   6.550   3.769   1.00 23.04 ? 141 LEU A CG  1 
ATOM   995  C CD1 . LEU A 1 136 ? -0.453  5.390   3.862   1.00 21.04 ? 141 LEU A CD1 1 
ATOM   996  C CD2 . LEU A 1 136 ? 0.791   7.032   2.337   1.00 18.80 ? 141 LEU A CD2 1 
ATOM   997  N N   . ARG A 1 137 ? -0.037  10.892  5.030   1.00 26.51 ? 142 ARG A N   1 
ATOM   998  C CA  . ARG A 1 137 ? -0.965  11.851  5.608   1.00 27.65 ? 142 ARG A CA  1 
ATOM   999  C C   . ARG A 1 137 ? -2.381  11.358  5.387   1.00 27.76 ? 142 ARG A C   1 
ATOM   1000 O O   . ARG A 1 137 ? -2.594  10.472  4.547   1.00 28.29 ? 142 ARG A O   1 
ATOM   1001 C CB  . ARG A 1 137 ? -0.726  13.245  5.037   1.00 28.62 ? 142 ARG A CB  1 
ATOM   1002 C CG  . ARG A 1 137 ? 0.477   13.917  5.722   1.00 32.86 ? 142 ARG A CG  1 
ATOM   1003 C CD  . ARG A 1 137 ? 1.209   14.896  4.824   1.00 39.79 ? 142 ARG A CD  1 
ATOM   1004 N NE  . ARG A 1 137 ? 1.754   14.286  3.612   1.00 42.15 ? 142 ARG A NE  1 
ATOM   1005 C CZ  . ARG A 1 137 ? 2.394   14.978  2.669   1.00 45.47 ? 142 ARG A CZ  1 
ATOM   1006 N NH1 . ARG A 1 137 ? 2.587   16.283  2.823   1.00 47.60 ? 142 ARG A NH1 1 
ATOM   1007 N NH2 . ARG A 1 137 ? 2.855   14.372  1.579   1.00 46.52 ? 142 ARG A NH2 1 
ATOM   1008 N N   . THR A 1 138 ? -3.335  11.881  6.161   1.00 27.26 ? 143 THR A N   1 
ATOM   1009 C CA  . THR A 1 138 ? -4.731  11.533  5.976   1.00 27.19 ? 143 THR A CA  1 
ATOM   1010 C C   . THR A 1 138 ? -5.117  11.750  4.519   1.00 26.41 ? 143 THR A C   1 
ATOM   1011 O O   . THR A 1 138 ? -4.867  12.822  3.948   1.00 26.56 ? 143 THR A O   1 
ATOM   1012 C CB  . THR A 1 138 ? -5.674  12.361  6.885   1.00 27.73 ? 143 THR A CB  1 
ATOM   1013 O OG1 . THR A 1 138 ? -5.305  12.170  8.249   1.00 29.98 ? 143 THR A OG1 1 
ATOM   1014 C CG2 . THR A 1 138 ? -7.102  11.909  6.719   1.00 26.85 ? 143 THR A CG2 1 
ATOM   1015 N N   . GLY A 1 139 ? -5.705  10.721  3.920   1.00 25.58 ? 144 GLY A N   1 
ATOM   1016 C CA  . GLY A 1 139 ? -6.109  10.776  2.522   1.00 24.74 ? 144 GLY A CA  1 
ATOM   1017 C C   . GLY A 1 139 ? -5.153  10.127  1.545   1.00 24.16 ? 144 GLY A C   1 
ATOM   1018 O O   . GLY A 1 139 ? -5.563  9.726   0.452   1.00 24.04 ? 144 GLY A O   1 
ATOM   1019 N N   . GLU A 1 140 ? -3.881  10.025  1.928   1.00 23.49 ? 145 GLU A N   1 
ATOM   1020 C CA  . GLU A 1 140 ? -2.833  9.534   1.027   1.00 23.61 ? 145 GLU A CA  1 
ATOM   1021 C C   . GLU A 1 140 ? -2.755  8.013   0.971   1.00 22.09 ? 145 GLU A C   1 
ATOM   1022 O O   . GLU A 1 140 ? -3.137  7.322   1.911   1.00 21.76 ? 145 GLU A O   1 
ATOM   1023 C CB  . GLU A 1 140 ? -1.451  10.084  1.399   1.00 23.08 ? 145 GLU A CB  1 
ATOM   1024 C CG  . GLU A 1 140 ? -1.272  11.572  1.207   1.00 25.69 ? 145 GLU A CG  1 
ATOM   1025 C CD  . GLU A 1 140 ? 0.143   12.030  1.552   1.00 26.08 ? 145 GLU A CD  1 
ATOM   1026 O OE1 . GLU A 1 140 ? 0.768   11.427  2.473   1.00 27.72 ? 145 GLU A OE1 1 
ATOM   1027 O OE2 . GLU A 1 140 ? 0.631   12.991  0.900   1.00 28.93 ? 145 GLU A OE2 1 
ATOM   1028 N N   . MET A 1 141 ? -2.241  7.527   -0.157  1.00 21.14 ? 146 MET A N   1 
ATOM   1029 C CA  . MET A 1 141 ? -2.095  6.123   -0.443  1.00 20.22 ? 146 MET A CA  1 
ATOM   1030 C C   . MET A 1 141 ? -0.607  5.829   -0.646  1.00 19.74 ? 146 MET A C   1 
ATOM   1031 O O   . MET A 1 141 ? 0.142   6.679   -1.122  1.00 19.33 ? 146 MET A O   1 
ATOM   1032 C CB  . MET A 1 141 ? -2.890  5.769   -1.701  1.00 20.15 ? 146 MET A CB  1 
ATOM   1033 C CG  . MET A 1 141 ? -3.014  4.270   -1.991  1.00 19.57 ? 146 MET A CG  1 
ATOM   1034 S SD  . MET A 1 141 ? -3.864  3.906   -3.531  1.00 20.23 ? 146 MET A SD  1 
ATOM   1035 C CE  . MET A 1 141 ? -2.671  4.393   -4.802  1.00 15.69 ? 146 MET A CE  1 
ATOM   1036 N N   . SER A 1 142 ? -0.196  4.627   -0.260  1.00 19.09 ? 147 SER A N   1 
ATOM   1037 C CA  . SER A 1 142 ? 1.161   4.164   -0.443  1.00 19.32 ? 147 SER A CA  1 
ATOM   1038 C C   . SER A 1 142 ? 1.356   3.573   -1.846  1.00 19.02 ? 147 SER A C   1 
ATOM   1039 O O   . SER A 1 142 ? 0.401   3.319   -2.568  1.00 18.75 ? 147 SER A O   1 
ATOM   1040 C CB  . SER A 1 142 ? 1.485   3.079   0.600   1.00 18.79 ? 147 SER A CB  1 
ATOM   1041 O OG  . SER A 1 142 ? 0.884   1.835   0.218   1.00 18.16 ? 147 SER A OG  1 
ATOM   1042 N N   . GLY A 1 143 ? 2.610   3.327   -2.197  1.00 19.54 ? 148 GLY A N   1 
ATOM   1043 C CA  . GLY A 1 143 ? 2.944   2.433   -3.295  1.00 20.25 ? 148 GLY A CA  1 
ATOM   1044 C C   . GLY A 1 143 ? 3.041   1.031   -2.709  1.00 20.92 ? 148 GLY A C   1 
ATOM   1045 O O   . GLY A 1 143 ? 2.520   0.778   -1.614  1.00 21.13 ? 148 GLY A O   1 
ATOM   1046 N N   . PRO A 1 144 ? 3.705   0.110   -3.417  1.00 21.36 ? 149 PRO A N   1 
ATOM   1047 C CA  . PRO A 1 144 ? 3.855   -1.235  -2.842  1.00 21.80 ? 149 PRO A CA  1 
ATOM   1048 C C   . PRO A 1 144 ? 4.681   -1.250  -1.551  1.00 21.75 ? 149 PRO A C   1 
ATOM   1049 O O   . PRO A 1 144 ? 5.807   -0.729  -1.518  1.00 21.91 ? 149 PRO A O   1 
ATOM   1050 C CB  . PRO A 1 144 ? 4.540   -2.035  -3.960  1.00 21.35 ? 149 PRO A CB  1 
ATOM   1051 C CG  . PRO A 1 144 ? 4.332   -1.197  -5.235  1.00 21.80 ? 149 PRO A CG  1 
ATOM   1052 C CD  . PRO A 1 144 ? 4.337   0.221   -4.747  1.00 21.49 ? 149 PRO A CD  1 
ATOM   1053 N N   . VAL A 1 145 ? 4.100   -1.822  -0.491  1.00 21.61 ? 150 VAL A N   1 
ATOM   1054 C CA  . VAL A 1 145 ? 4.763   -1.948  0.830   1.00 21.06 ? 150 VAL A CA  1 
ATOM   1055 C C   . VAL A 1 145 ? 4.938   -3.438  1.122   1.00 21.55 ? 150 VAL A C   1 
ATOM   1056 O O   . VAL A 1 145 ? 3.977   -4.205  1.057   1.00 21.35 ? 150 VAL A O   1 
ATOM   1057 C CB  . VAL A 1 145 ? 3.972   -1.219  1.935   1.00 20.98 ? 150 VAL A CB  1 
ATOM   1058 C CG1 . VAL A 1 145 ? 4.527   -1.519  3.355   1.00 20.49 ? 150 VAL A CG1 1 
ATOM   1059 C CG2 . VAL A 1 145 ? 3.982   0.282   1.679   1.00 20.41 ? 150 VAL A CG2 1 
ATOM   1060 N N   . PHE A 1 146 ? 6.180   -3.851  1.384   1.00 22.56 ? 151 PHE A N   1 
ATOM   1061 C CA  . PHE A 1 146 ? 6.513   -5.269  1.505   1.00 23.29 ? 151 PHE A CA  1 
ATOM   1062 C C   . PHE A 1 146 ? 6.594   -5.667  2.984   1.00 23.94 ? 151 PHE A C   1 
ATOM   1063 O O   . PHE A 1 146 ? 7.302   -5.022  3.768   1.00 24.21 ? 151 PHE A O   1 
ATOM   1064 C CB  . PHE A 1 146 ? 7.856   -5.557  0.815   1.00 23.18 ? 151 PHE A CB  1 
ATOM   1065 C CG  . PHE A 1 146 ? 7.826   -5.422  -0.688  1.00 23.13 ? 151 PHE A CG  1 
ATOM   1066 C CD1 . PHE A 1 146 ? 7.948   -4.169  -1.296  1.00 22.85 ? 151 PHE A CD1 1 
ATOM   1067 C CD2 . PHE A 1 146 ? 7.696   -6.547  -1.497  1.00 23.86 ? 151 PHE A CD2 1 
ATOM   1068 C CE1 . PHE A 1 146 ? 7.924   -4.038  -2.685  1.00 23.25 ? 151 PHE A CE1 1 
ATOM   1069 C CE2 . PHE A 1 146 ? 7.670   -6.420  -2.898  1.00 23.73 ? 151 PHE A CE2 1 
ATOM   1070 C CZ  . PHE A 1 146 ? 7.785   -5.165  -3.487  1.00 22.22 ? 151 PHE A CZ  1 
ATOM   1071 N N   . THR A 1 147 ? 5.836   -6.689  3.375   1.00 24.23 ? 152 THR A N   1 
ATOM   1072 C CA  . THR A 1 147 ? 5.916   -7.240  4.738   1.00 24.48 ? 152 THR A CA  1 
ATOM   1073 C C   . THR A 1 147 ? 6.023   -8.754  4.630   1.00 25.79 ? 152 THR A C   1 
ATOM   1074 O O   . THR A 1 147 ? 6.030   -9.284  3.532   1.00 25.67 ? 152 THR A O   1 
ATOM   1075 C CB  . THR A 1 147 ? 4.647   -6.953  5.580   1.00 24.59 ? 152 THR A CB  1 
ATOM   1076 O OG1 . THR A 1 147 ? 3.536   -7.673  5.021   1.00 21.10 ? 152 THR A OG1 1 
ATOM   1077 C CG2 . THR A 1 147 ? 4.348   -5.452  5.721   1.00 22.68 ? 152 THR A CG2 1 
ATOM   1078 N N   . ASP A 1 148 ? 6.048   -9.461  5.761   1.00 27.64 ? 153 ASP A N   1 
ATOM   1079 C CA  . ASP A 1 148 ? 6.036   -10.935 5.728   1.00 28.83 ? 153 ASP A CA  1 
ATOM   1080 C C   . ASP A 1 148 ? 4.688   -11.538 5.337   1.00 28.62 ? 153 ASP A C   1 
ATOM   1081 O O   . ASP A 1 148 ? 4.603   -12.732 5.004   1.00 29.33 ? 153 ASP A O   1 
ATOM   1082 C CB  . ASP A 1 148 ? 6.553   -11.513 7.051   1.00 30.05 ? 153 ASP A CB  1 
ATOM   1083 C CG  . ASP A 1 148 ? 8.045   -11.278 7.238   1.00 32.41 ? 153 ASP A CG  1 
ATOM   1084 O OD1 . ASP A 1 148 ? 8.792   -11.474 6.257   1.00 33.80 ? 153 ASP A OD1 1 
ATOM   1085 O OD2 . ASP A 1 148 ? 8.471   -10.871 8.349   1.00 36.55 ? 153 ASP A OD2 1 
ATOM   1086 N N   . SER A 1 149 ? 3.634   -10.722 5.355   1.00 27.73 ? 154 SER A N   1 
ATOM   1087 C CA  . SER A 1 149 ? 2.323   -11.175 4.880   1.00 26.45 ? 154 SER A CA  1 
ATOM   1088 C C   . SER A 1 149 ? 2.228   -11.233 3.367   1.00 25.42 ? 154 SER A C   1 
ATOM   1089 O O   . SER A 1 149 ? 1.594   -12.136 2.818   1.00 24.81 ? 154 SER A O   1 
ATOM   1090 C CB  . SER A 1 149 ? 1.212   -10.293 5.428   1.00 26.49 ? 154 SER A CB  1 
ATOM   1091 O OG  . SER A 1 149 ? 1.331   -10.233 6.828   1.00 27.93 ? 154 SER A OG  1 
ATOM   1092 N N   . GLY A 1 150 ? 2.860   -10.267 2.706   1.00 24.18 ? 155 GLY A N   1 
ATOM   1093 C CA  . GLY A 1 150 ? 2.811   -10.135 1.242   1.00 23.33 ? 155 GLY A CA  1 
ATOM   1094 C C   . GLY A 1 150 ? 3.116   -8.698  0.839   1.00 22.78 ? 155 GLY A C   1 
ATOM   1095 O O   . GLY A 1 150 ? 3.987   -8.059  1.424   1.00 21.92 ? 155 GLY A O   1 
ATOM   1096 N N   . ILE A 1 151 ? 2.403   -8.191  -0.167  1.00 22.41 ? 156 ILE A N   1 
ATOM   1097 C CA  . ILE A 1 151 ? 2.624   -6.800  -0.651  1.00 21.39 ? 156 ILE A CA  1 
ATOM   1098 C C   . ILE A 1 151 ? 1.308   -6.014  -0.467  1.00 20.78 ? 156 ILE A C   1 
ATOM   1099 O O   . ILE A 1 151 ? 0.236   -6.481  -0.840  1.00 19.61 ? 156 ILE A O   1 
ATOM   1100 C CB  . ILE A 1 151 ? 3.151   -6.745  -2.141  1.00 21.37 ? 156 ILE A CB  1 
ATOM   1101 C CG1 . ILE A 1 151 ? 4.253   -7.778  -2.398  1.00 21.76 ? 156 ILE A CG1 1 
ATOM   1102 C CG2 . ILE A 1 151 ? 3.699   -5.353  -2.515  1.00 21.28 ? 156 ILE A CG2 1 
ATOM   1103 C CD1 . ILE A 1 151 ? 4.661   -7.940  -3.871  1.00 20.89 ? 156 ILE A CD1 1 
ATOM   1104 N N   . HIS A 1 152 ? 1.417   -4.833  0.121   1.00 20.55 ? 157 HIS A N   1 
ATOM   1105 C CA  . HIS A 1 152 ? 0.259   -4.013  0.489   1.00 20.93 ? 157 HIS A CA  1 
ATOM   1106 C C   . HIS A 1 152 ? 0.168   -2.736  -0.364  1.00 20.65 ? 157 HIS A C   1 
ATOM   1107 O O   . HIS A 1 152 ? 1.196   -2.174  -0.774  1.00 20.41 ? 157 HIS A O   1 
ATOM   1108 C CB  . HIS A 1 152 ? 0.380   -3.565  1.959   1.00 21.22 ? 157 HIS A CB  1 
ATOM   1109 C CG  . HIS A 1 152 ? 0.642   -4.679  2.928   1.00 22.85 ? 157 HIS A CG  1 
ATOM   1110 N ND1 . HIS A 1 152 ? -0.324  -5.155  3.787   1.00 23.43 ? 157 HIS A ND1 1 
ATOM   1111 C CD2 . HIS A 1 152 ? 1.762   -5.397  3.189   1.00 23.56 ? 157 HIS A CD2 1 
ATOM   1112 C CE1 . HIS A 1 152 ? 0.190   -6.112  4.540   1.00 23.89 ? 157 HIS A CE1 1 
ATOM   1113 N NE2 . HIS A 1 152 ? 1.450   -6.287  4.187   1.00 23.54 ? 157 HIS A NE2 1 
ATOM   1114 N N   . ILE A 1 153 ? -1.065  -2.300  -0.635  1.00 20.07 ? 158 ILE A N   1 
ATOM   1115 C CA  . ILE A 1 153 ? -1.336  -0.909  -0.964  1.00 19.26 ? 158 ILE A CA  1 
ATOM   1116 C C   . ILE A 1 153 ? -2.038  -0.390  0.277   1.00 18.74 ? 158 ILE A C   1 
ATOM   1117 O O   . ILE A 1 153 ? -3.001  -0.987  0.733   1.00 18.38 ? 158 ILE A O   1 
ATOM   1118 C CB  . ILE A 1 153 ? -2.247  -0.737  -2.210  1.00 19.30 ? 158 ILE A CB  1 
ATOM   1119 C CG1 . ILE A 1 153 ? -1.626  -1.358  -3.448  1.00 18.49 ? 158 ILE A CG1 1 
ATOM   1120 C CG2 . ILE A 1 153 ? -2.535  0.720   -2.476  1.00 18.88 ? 158 ILE A CG2 1 
ATOM   1121 C CD1 . ILE A 1 153 ? -2.656  -1.817  -4.450  1.00 17.59 ? 158 ILE A CD1 1 
ATOM   1122 N N   . ILE A 1 154 ? -1.561  0.718   0.827   1.00 18.57 ? 159 ILE A N   1 
ATOM   1123 C CA  . ILE A 1 154 ? -2.105  1.214   2.088   1.00 18.64 ? 159 ILE A CA  1 
ATOM   1124 C C   . ILE A 1 154 ? -2.811  2.554   1.858   1.00 18.89 ? 159 ILE A C   1 
ATOM   1125 O O   . ILE A 1 154 ? -2.260  3.439   1.217   1.00 18.91 ? 159 ILE A O   1 
ATOM   1126 C CB  . ILE A 1 154 ? -0.996  1.338   3.175   1.00 18.52 ? 159 ILE A CB  1 
ATOM   1127 C CG1 . ILE A 1 154 ? -0.256  0.001   3.374   1.00 18.14 ? 159 ILE A CG1 1 
ATOM   1128 C CG2 . ILE A 1 154 ? -1.577  1.819   4.507   1.00 18.86 ? 159 ILE A CG2 1 
ATOM   1129 C CD1 . ILE A 1 154 ? 1.010   0.120   4.242   1.00 18.07 ? 159 ILE A CD1 1 
ATOM   1130 N N   . LEU A 1 155 ? -4.037  2.693   2.357   1.00 19.66 ? 160 LEU A N   1 
ATOM   1131 C CA  . LEU A 1 155 ? -4.712  3.995   2.321   1.00 20.13 ? 160 LEU A CA  1 
ATOM   1132 C C   . LEU A 1 155 ? -4.993  4.507   3.732   1.00 20.76 ? 160 LEU A C   1 
ATOM   1133 O O   . LEU A 1 155 ? -5.647  3.843   4.518   1.00 21.68 ? 160 LEU A O   1 
ATOM   1134 C CB  . LEU A 1 155 ? -5.990  3.931   1.489   1.00 18.99 ? 160 LEU A CB  1 
ATOM   1135 C CG  . LEU A 1 155 ? -6.908  5.149   1.534   1.00 18.72 ? 160 LEU A CG  1 
ATOM   1136 C CD1 . LEU A 1 155 ? -6.373  6.215   0.622   1.00 17.69 ? 160 LEU A CD1 1 
ATOM   1137 C CD2 . LEU A 1 155 ? -8.336  4.798   1.152   1.00 19.84 ? 160 LEU A CD2 1 
ATOM   1138 N N   . ARG A 1 156 ? -4.476  5.686   4.047   1.00 22.24 ? 161 ARG A N   1 
ATOM   1139 C CA  . ARG A 1 156 ? -4.707  6.282   5.348   1.00 22.63 ? 161 ARG A CA  1 
ATOM   1140 C C   . ARG A 1 156 ? -5.982  7.124   5.321   1.00 22.80 ? 161 ARG A C   1 
ATOM   1141 O O   . ARG A 1 156 ? -6.088  8.107   4.579   1.00 22.46 ? 161 ARG A O   1 
ATOM   1142 C CB  . ARG A 1 156 ? -3.483  7.074   5.877   1.00 22.45 ? 161 ARG A CB  1 
ATOM   1143 C CG  . ARG A 1 156 ? -3.823  7.770   7.202   1.00 22.33 ? 161 ARG A CG  1 
ATOM   1144 C CD  . ARG A 1 156 ? -2.679  8.474   7.904   1.00 23.36 ? 161 ARG A CD  1 
ATOM   1145 N NE  . ARG A 1 156 ? -3.216  9.263   9.014   1.00 23.53 ? 161 ARG A NE  1 
ATOM   1146 C CZ  . ARG A 1 156 ? -2.581  10.254  9.634   1.00 26.01 ? 161 ARG A CZ  1 
ATOM   1147 N NH1 . ARG A 1 156 ? -1.354  10.611  9.270   1.00 24.84 ? 161 ARG A NH1 1 
ATOM   1148 N NH2 . ARG A 1 156 ? -3.186  10.901  10.623  1.00 24.92 ? 161 ARG A NH2 1 
ATOM   1149 N N   . THR A 1 157 ? -6.944  6.719   6.143   1.00 23.05 ? 162 THR A N   1 
ATOM   1150 C CA  . THR A 1 157 ? -8.249  7.352   6.167   1.00 23.94 ? 162 THR A CA  1 
ATOM   1151 C C   . THR A 1 157 ? -8.455  8.325   7.343   1.00 25.04 ? 162 THR A C   1 
ATOM   1152 O O   . THR A 1 157 ? -9.311  9.209   7.277   1.00 25.36 ? 162 THR A O   1 
ATOM   1153 C CB  . THR A 1 157 ? -9.404  6.299   6.095   1.00 23.96 ? 162 THR A CB  1 
ATOM   1154 O OG1 . THR A 1 157 ? -9.300  5.381   7.193   1.00 23.14 ? 162 THR A OG1 1 
ATOM   1155 C CG2 . THR A 1 157 ? -9.338  5.516   4.774   1.00 22.22 ? 162 THR A CG2 1 
ATOM   1156 N N   . GLU A 1 158 ? -7.677  8.139   8.407   1.00 26.04 ? 163 GLU A N   1 
ATOM   1157 C CA  . GLU A 1 158 ? -7.704  8.984   9.604   1.00 27.10 ? 163 GLU A CA  1 
ATOM   1158 C C   . GLU A 1 158 ? -6.294  9.063   10.193  1.00 27.08 ? 163 GLU A C   1 
ATOM   1159 O O   . GLU A 1 158 ? -5.976  10.037  10.895  1.00 28.14 ? 163 GLU A O   1 
ATOM   1160 C CB  . GLU A 1 158 ? -8.653  8.412   10.675  1.00 26.95 ? 163 GLU A CB  1 
ATOM   1161 C CG  . GLU A 1 158 ? -10.147 8.574   10.397  1.00 27.84 ? 163 GLU A CG  1 
ATOM   1162 C CD  . GLU A 1 158 ? -11.035 7.792   11.373  1.00 28.72 ? 163 GLU A CD  1 
ATOM   1163 O OE1 . GLU A 1 158 ? -10.580 7.431   12.487  1.00 31.26 ? 163 GLU A OE1 1 
ATOM   1164 O OE2 . GLU A 1 158 ? -12.200 7.527   11.012  1.00 32.48 ? 163 GLU A OE2 1 
HETATM 1165 N N   . 3TB B 2 .   ? -6.514  -11.596 10.303  1.00 60.79 ? 1   3TB A N   1 
HETATM 1166 P P   . 3TB B 2 .   ? -1.487  -12.878 7.485   1.00 46.01 ? 1   3TB A P   1 
HETATM 1167 N N0  . 3TB B 2 .   ? -4.340  -9.339  8.760   1.00 56.16 ? 1   3TB A N0  1 
HETATM 1168 O O0  . 3TB B 2 .   ? -6.245  -8.820  9.781   1.00 58.57 ? 1   3TB A O0  1 
HETATM 1169 C C1  . 3TB B 2 .   ? -1.854  -9.196  8.514   1.00 52.25 ? 1   3TB A C1  1 
HETATM 1170 N N1  . 3TB B 2 .   ? -0.323  -8.280  10.743  1.00 52.69 ? 1   3TB A N1  1 
HETATM 1171 C C2  . 3TB B 2 .   ? -1.700  -7.844  8.416   1.00 50.77 ? 1   3TB A C2  1 
HETATM 1172 N N2  . 3TB B 2 .   ? -1.001  -8.120  14.384  1.00 58.43 ? 1   3TB A N2  1 
HETATM 1173 O O2  . 3TB B 2 .   ? 0.722   -6.265  10.518  1.00 48.75 ? 1   3TB A O2  1 
HETATM 1174 C C3  . 3TB B 2 .   ? -0.350  -7.192  8.592   1.00 51.56 ? 1   3TB A C3  1 
HETATM 1175 N N3  . 3TB B 2 .   ? 3.478   -7.859  15.445  1.00 56.98 ? 1   3TB A N3  1 
HETATM 1176 O O3  . 3TB B 2 .   ? -1.565  -6.852  12.624  1.00 58.87 ? 1   3TB A O3  1 
HETATM 1177 C C4  . 3TB B 2 .   ? -0.556  -5.762  8.105   1.00 49.32 ? 1   3TB A C4  1 
HETATM 1178 N N4  . 3TB B 2 .   ? 4.818   -6.417  16.647  1.00 56.00 ? 1   3TB A N4  1 
HETATM 1179 C C5  . 3TB B 2 .   ? -2.057  -5.456  8.350   1.00 49.85 ? 1   3TB A C5  1 
HETATM 1180 N N5  . 3TB B 2 .   ? 5.528   -7.204  14.592  1.00 56.02 ? 1   3TB A N5  1 
HETATM 1181 C C6  . 3TB B 2 .   ? -2.786  -6.831  8.150   1.00 50.20 ? 1   3TB A C6  1 
HETATM 1182 C C7  . 3TB B 2 .   ? 0.072   -7.196  10.049  1.00 51.09 ? 1   3TB A C7  1 
HETATM 1183 C C9  . 3TB B 2 .   ? -0.118  -8.654  12.161  1.00 55.91 ? 1   3TB A C9  1 
HETATM 1184 C C10 . 3TB B 2 .   ? -0.941  -7.789  13.090  1.00 57.38 ? 1   3TB A C10 1 
HETATM 1185 C C11 . 3TB B 2 .   ? 1.392   -8.780  12.466  1.00 54.44 ? 1   3TB A C11 1 
HETATM 1186 C C12 . 3TB B 2 .   ? 1.904   -8.055  13.707  1.00 55.32 ? 1   3TB A C12 1 
HETATM 1187 C C13 . 3TB B 2 .   ? 3.188   -8.677  14.266  1.00 56.60 ? 1   3TB A C13 1 
HETATM 1188 C C14 . 3TB B 2 .   ? 4.609   -7.160  15.559  1.00 56.72 ? 1   3TB A C14 1 
HETATM 1189 O O1P . 3TB B 2 .   ? -1.370  -12.665 8.978   1.00 45.59 ? 1   3TB A O1P 1 
HETATM 1190 C C20 . 3TB B 2 .   ? -3.105  -10.071 8.435   1.00 52.60 ? 1   3TB A C20 1 
HETATM 1191 C C21 . 3TB B 2 .   ? -3.190  -10.890 7.132   1.00 49.93 ? 1   3TB A C21 1 
HETATM 1192 C C22 . 3TB B 2 .   ? -5.300  -9.594  9.677   1.00 59.41 ? 1   3TB A C22 1 
HETATM 1193 C C23 . 3TB B 2 .   ? -5.324  -10.805 10.600  1.00 61.09 ? 1   3TB A C23 1 
HETATM 1194 O O2P . 3TB B 2 .   ? -2.466  -13.967 7.124   1.00 44.58 ? 1   3TB A O2P 1 
HETATM 1195 C C31 . 3TB B 2 .   ? -4.084  -11.714 10.561  1.00 63.03 ? 1   3TB A C31 1 
HETATM 1196 C C32 . 3TB B 2 .   ? -3.576  -12.029 11.957  1.00 65.41 ? 1   3TB A C32 1 
HETATM 1197 C C33 . 3TB B 2 .   ? -4.097  -13.119 12.669  1.00 66.22 ? 1   3TB A C33 1 
HETATM 1198 C C34 . 3TB B 2 .   ? -3.626  -13.411 13.954  1.00 66.79 ? 1   3TB A C34 1 
HETATM 1199 C C35 . 3TB B 2 .   ? -2.634  -12.609 14.528  1.00 65.89 ? 1   3TB A C35 1 
HETATM 1200 C C36 . 3TB B 2 .   ? -2.114  -11.521 13.820  1.00 66.35 ? 1   3TB A C36 1 
HETATM 1201 C C37 . 3TB B 2 .   ? -2.582  -11.232 12.535  1.00 65.77 ? 1   3TB A C37 1 
HETATM 1202 O O3P . 3TB B 2 .   ? -0.131  -13.264 6.944   1.00 46.09 ? 1   3TB A O3P 1 
HETATM 1203 O O4P . 3TB B 2 .   ? -1.919  -11.466 6.786   1.00 47.79 ? 1   3TB A O4P 1 
HETATM 1204 O O1  . PE4 C 3 .   ? 6.019   2.544   -10.951 1.00 43.42 ? 300 PE4 A O1  1 
HETATM 1205 C C1  . PE4 C 3 .   ? 6.241   3.959   -11.102 1.00 44.25 ? 300 PE4 A C1  1 
HETATM 1206 C C2  . PE4 C 3 .   ? 7.741   4.283   -10.993 1.00 43.59 ? 300 PE4 A C2  1 
HETATM 1207 O O2  . PE4 C 3 .   ? 7.928   5.676   -10.714 1.00 41.45 ? 300 PE4 A O2  1 
HETATM 1208 C C3  . PE4 C 3 .   ? 8.929   6.317   -11.514 1.00 37.90 ? 300 PE4 A C3  1 
HETATM 1209 C C4  . PE4 C 3 .   ? 8.328   7.354   -12.465 1.00 32.94 ? 300 PE4 A C4  1 
HETATM 1210 O O3  . PE4 C 3 .   ? 7.355   8.170   -11.805 1.00 29.60 ? 300 PE4 A O3  1 
HETATM 1211 C C5  . PE4 C 3 .   ? 7.321   9.490   -12.339 1.00 24.70 ? 300 PE4 A C5  1 
HETATM 1212 C C6  . PE4 C 3 .   ? 6.344   10.331  -11.544 1.00 23.82 ? 300 PE4 A C6  1 
HETATM 1213 O O4  . PE4 C 3 .   ? 5.060   9.742   -11.690 1.00 26.20 ? 300 PE4 A O4  1 
HETATM 1214 C C7  . PE4 C 3 .   ? 4.042   10.420  -10.968 1.00 23.37 ? 300 PE4 A C7  1 
HETATM 1215 C C8  . PE4 C 3 .   ? 2.709   9.802   -11.361 1.00 25.05 ? 300 PE4 A C8  1 
HETATM 1216 O O5  . PE4 C 3 .   ? 2.836   8.381   -11.270 1.00 26.39 ? 300 PE4 A O5  1 
HETATM 1217 C C9  . PE4 C 3 .   ? 1.677   7.689   -11.731 1.00 25.63 ? 300 PE4 A C9  1 
HETATM 1218 C C10 . PE4 C 3 .   ? 1.867   6.195   -11.494 1.00 27.40 ? 300 PE4 A C10 1 
HETATM 1219 O O6  . PE4 C 3 .   ? 2.162   5.912   -10.118 1.00 27.56 ? 300 PE4 A O6  1 
HETATM 1220 C C11 . PE4 C 3 .   ? 2.560   4.551   -9.989  1.00 28.37 ? 300 PE4 A C11 1 
HETATM 1221 C C12 . PE4 C 3 .   ? 3.324   4.379   -8.688  1.00 25.74 ? 300 PE4 A C12 1 
HETATM 1222 O O7  . PE4 C 3 .   ? 2.390   4.645   -7.650  1.00 27.89 ? 300 PE4 A O7  1 
HETATM 1223 C C13 . PE4 C 3 .   ? 2.976   4.816   -6.360  1.00 26.09 ? 300 PE4 A C13 1 
HETATM 1224 C C14 . PE4 C 3 .   ? 1.878   5.190   -5.378  1.00 26.42 ? 300 PE4 A C14 1 
HETATM 1225 O O8  . PE4 C 3 .   ? 1.904   6.602   -5.248  1.00 28.18 ? 300 PE4 A O8  1 
HETATM 1226 C C15 . PE4 C 3 .   ? 0.843   7.143   -4.442  1.00 29.06 ? 300 PE4 A C15 1 
HETATM 1227 C C16 . PE4 C 3 .   ? 0.725   8.631   -4.691  1.00 30.59 ? 300 PE4 A C16 1 
HETATM 1228 O O   . HOH D 4 .   ? 11.394  2.178   0.051   1.00 21.78 ? 2   HOH A O   1 
HETATM 1229 O O   . HOH D 4 .   ? 1.710   -0.532  14.510  1.00 35.14 ? 3   HOH A O   1 
HETATM 1230 O O   . HOH D 4 .   ? 5.109   7.130   -10.455 1.00 21.11 ? 4   HOH A O   1 
HETATM 1231 O O   . HOH D 4 .   ? -9.282  6.119   -7.319  1.00 18.42 ? 5   HOH A O   1 
HETATM 1232 O O   . HOH D 4 .   ? 3.921   8.950   1.071   1.00 21.86 ? 164 HOH A O   1 
HETATM 1233 O O   . HOH D 4 .   ? 0.379   10.373  -8.646  1.00 22.60 ? 165 HOH A O   1 
HETATM 1234 O O   . HOH D 4 .   ? 6.282   -9.477  0.363   1.00 30.96 ? 166 HOH A O   1 
HETATM 1235 O O   . HOH D 4 .   ? 8.198   -1.890  1.466   1.00 17.71 ? 167 HOH A O   1 
HETATM 1236 O O   . HOH D 4 .   ? -7.893  -5.832  2.763   1.00 18.27 ? 168 HOH A O   1 
HETATM 1237 O O   . HOH D 4 .   ? -9.900  2.816   6.769   1.00 24.54 ? 169 HOH A O   1 
HETATM 1238 O O   . HOH D 4 .   ? 1.271   12.673  -9.716  1.00 22.78 ? 170 HOH A O   1 
HETATM 1239 O O   . HOH D 4 .   ? -5.372  -14.826 -4.073  1.00 33.19 ? 171 HOH A O   1 
HETATM 1240 O O   . HOH D 4 .   ? -14.818 -9.400  0.077   1.00 20.00 ? 172 HOH A O   1 
HETATM 1241 O O   . HOH D 4 .   ? 0.844   -14.163 4.801   1.00 22.18 ? 173 HOH A O   1 
HETATM 1242 O O   . HOH D 4 .   ? -18.714 -3.311  2.479   1.00 34.01 ? 174 HOH A O   1 
HETATM 1243 O O   . HOH D 4 .   ? 6.878   6.338   9.905   1.00 27.43 ? 175 HOH A O   1 
HETATM 1244 O O   . HOH D 4 .   ? 3.350   10.912  2.861   1.00 22.24 ? 176 HOH A O   1 
HETATM 1245 O O   . HOH D 4 .   ? -1.446  -17.558 -6.231  1.00 24.96 ? 177 HOH A O   1 
HETATM 1246 O O   . HOH D 4 .   ? -3.496  -5.874  -11.323 1.00 23.14 ? 178 HOH A O   1 
HETATM 1247 O O   . HOH D 4 .   ? 10.326  3.565   12.881  1.00 41.55 ? 179 HOH A O   1 
HETATM 1248 O O   . HOH D 4 .   ? -16.341 -4.946  1.482   1.00 17.81 ? 180 HOH A O   1 
HETATM 1249 O O   . HOH D 4 .   ? 3.070   12.835  -17.006 1.00 25.06 ? 181 HOH A O   1 
HETATM 1250 O O   . HOH D 4 .   ? 18.068  7.992   -4.196  1.00 35.52 ? 182 HOH A O   1 
HETATM 1251 O O   . HOH D 4 .   ? -5.967  -12.334 -8.628  1.00 37.12 ? 183 HOH A O   1 
HETATM 1252 O O   . HOH D 4 .   ? 1.109   -4.566  -14.096 1.00 36.88 ? 184 HOH A O   1 
HETATM 1253 O O   . HOH D 4 .   ? -4.202  9.829   -9.536  1.00 20.59 ? 185 HOH A O   1 
HETATM 1254 O O   . HOH D 4 .   ? 1.034   16.692  -12.355 1.00 19.80 ? 186 HOH A O   1 
HETATM 1255 O O   . HOH D 4 .   ? 10.525  1.431   7.099   1.00 27.85 ? 187 HOH A O   1 
HETATM 1256 O O   . HOH D 4 .   ? 3.400   0.729   -8.185  1.00 25.88 ? 188 HOH A O   1 
HETATM 1257 O O   . HOH D 4 .   ? 4.982   8.071   -14.593 1.00 33.51 ? 189 HOH A O   1 
HETATM 1258 O O   . HOH D 4 .   ? 0.709   15.264  -14.518 1.00 15.83 ? 190 HOH A O   1 
HETATM 1259 O O   . HOH D 4 .   ? 4.965   17.918  -12.996 1.00 26.45 ? 191 HOH A O   1 
HETATM 1260 O O   . HOH D 4 .   ? 6.912   17.637  -10.941 1.00 20.97 ? 192 HOH A O   1 
HETATM 1261 O O   . HOH D 4 .   ? 7.619   -14.615 -11.609 1.00 36.07 ? 193 HOH A O   1 
HETATM 1262 O O   . HOH D 4 .   ? -5.195  -11.199 -4.546  1.00 31.33 ? 194 HOH A O   1 
HETATM 1263 O O   . HOH D 4 .   ? -4.832  1.551   -15.489 1.00 39.50 ? 195 HOH A O   1 
HETATM 1264 O O   . HOH D 4 .   ? 1.843   1.192   -10.528 1.00 34.77 ? 196 HOH A O   1 
HETATM 1265 O O   . HOH D 4 .   ? -14.658 0.852   -8.439  1.00 32.86 ? 197 HOH A O   1 
HETATM 1266 O O   . HOH D 4 .   ? 0.795   11.174  -1.594  1.00 40.54 ? 198 HOH A O   1 
HETATM 1267 O O   . HOH D 4 .   ? -11.749 0.928   3.210   1.00 28.74 ? 199 HOH A O   1 
HETATM 1268 O O   . HOH D 4 .   ? -2.189  -25.792 1.414   1.00 44.24 ? 200 HOH A O   1 
HETATM 1269 O O   . HOH D 4 .   ? -7.215  -9.165  -10.426 1.00 31.04 ? 201 HOH A O   1 
HETATM 1270 O O   . HOH D 4 .   ? -14.962 -1.320  9.481   1.00 31.59 ? 202 HOH A O   1 
HETATM 1271 O O   . HOH D 4 .   ? 7.156   -7.421  7.834   1.00 36.26 ? 203 HOH A O   1 
HETATM 1272 O O   . HOH D 4 .   ? -5.034  -10.419 -6.915  1.00 23.66 ? 204 HOH A O   1 
HETATM 1273 O O   . HOH D 4 .   ? 6.373   4.198   -6.266  1.00 30.09 ? 205 HOH A O   1 
HETATM 1274 O O   . HOH D 4 .   ? 1.560   5.263   18.197  1.00 36.14 ? 206 HOH A O   1 
HETATM 1275 O O   . HOH D 4 .   ? -1.690  17.823  -10.274 1.00 41.61 ? 207 HOH A O   1 
HETATM 1276 O O   . HOH D 4 .   ? -14.330 -9.952  -8.750  1.00 33.58 ? 208 HOH A O   1 
HETATM 1277 O O   . HOH D 4 .   ? 5.581   11.833  5.820   1.00 30.02 ? 209 HOH A O   1 
HETATM 1278 O O   . HOH D 4 .   ? 10.649  -10.951 -0.865  1.00 50.17 ? 210 HOH A O   1 
HETATM 1279 O O   . HOH D 4 .   ? -0.084  -22.776 0.989   1.00 52.46 ? 211 HOH A O   1 
HETATM 1280 O O   . HOH D 4 .   ? 3.845   18.543  3.454   1.00 50.85 ? 212 HOH A O   1 
HETATM 1281 O O   . HOH D 4 .   ? 2.417   14.938  -15.874 1.00 31.02 ? 213 HOH A O   1 
HETATM 1282 O O   . HOH D 4 .   ? 1.295   9.007   -0.456  1.00 30.46 ? 214 HOH A O   1 
HETATM 1283 O O   . HOH D 4 .   ? -8.025  7.115   14.348  1.00 37.80 ? 215 HOH A O   1 
HETATM 1284 O O   . HOH D 4 .   ? 1.040   -11.072 -12.075 1.00 46.74 ? 216 HOH A O   1 
HETATM 1285 O O   . HOH D 4 .   ? 1.989   10.613  11.503  1.00 52.76 ? 217 HOH A O   1 
HETATM 1286 O O   . HOH D 4 .   ? -2.347  -13.620 -4.275  1.00 31.21 ? 218 HOH A O   1 
HETATM 1287 O O   . HOH D 4 .   ? -13.433 -10.903 -6.472  1.00 42.04 ? 219 HOH A O   1 
HETATM 1288 O O   . HOH D 4 .   ? 10.912  19.230  -14.014 1.00 42.36 ? 220 HOH A O   1 
HETATM 1289 O O   . HOH D 4 .   ? 13.440  19.714  -1.661  1.00 47.17 ? 221 HOH A O   1 
HETATM 1290 O O   . HOH D 4 .   ? 11.026  22.531  0.999   1.00 52.79 ? 222 HOH A O   1 
HETATM 1291 O O   . HOH D 4 .   ? -1.439  -26.024 -4.904  1.00 83.23 ? 223 HOH A O   1 
# 
